data_2DHA
#
_entry.id   2DHA
#
_entity_poly.entity_id   1
_entity_poly.type   'polypeptide(L)'
_entity_poly.pdbx_seq_one_letter_code
;GSSGSSGGGTSNEVAQFLSKENQVIVRMRGLPFTATAEEVVAFFGQHCPITGGKEGILFVTYPDGRPTGDAFVLFACEEY
AQNALRKHKDLLGKRYIELFRSTAAEVQQVLNRFSSASGPSSG
;
_entity_poly.pdbx_strand_id   A
#
# COMPACT_ATOMS: atom_id res chain seq x y z
N GLY A 1 14.81 -13.27 24.86
CA GLY A 1 13.42 -13.32 24.46
C GLY A 1 12.90 -11.99 23.97
N SER A 2 12.71 -11.88 22.66
CA SER A 2 12.22 -10.65 22.06
C SER A 2 10.80 -10.83 21.52
N SER A 3 9.91 -9.91 21.89
CA SER A 3 8.53 -9.97 21.45
C SER A 3 8.38 -9.42 20.03
N GLY A 4 7.34 -9.86 19.34
CA GLY A 4 7.10 -9.40 17.98
C GLY A 4 5.69 -9.67 17.51
N SER A 5 5.23 -10.90 17.70
CA SER A 5 3.89 -11.29 17.28
C SER A 5 2.83 -10.48 18.03
N SER A 6 2.96 -10.43 19.36
CA SER A 6 2.02 -9.70 20.18
C SER A 6 2.70 -8.50 20.84
N GLY A 7 2.35 -7.30 20.38
CA GLY A 7 2.93 -6.09 20.94
C GLY A 7 3.22 -5.05 19.88
N GLY A 8 2.18 -4.59 19.19
CA GLY A 8 2.35 -3.59 18.16
C GLY A 8 2.51 -4.21 16.78
N GLY A 9 1.45 -4.14 15.98
CA GLY A 9 1.49 -4.70 14.64
C GLY A 9 2.22 -3.80 13.67
N THR A 10 3.55 -3.85 13.69
CA THR A 10 4.36 -3.03 12.79
C THR A 10 5.70 -3.71 12.49
N SER A 11 5.91 -4.04 11.22
CA SER A 11 7.15 -4.70 10.81
C SER A 11 8.26 -3.67 10.60
N ASN A 12 9.48 -4.16 10.41
CA ASN A 12 10.63 -3.29 10.20
C ASN A 12 10.45 -2.43 8.96
N GLU A 13 9.95 -3.04 7.89
CA GLU A 13 9.73 -2.33 6.64
C GLU A 13 8.68 -1.23 6.82
N VAL A 14 7.58 -1.58 7.49
CA VAL A 14 6.50 -0.64 7.73
C VAL A 14 7.00 0.59 8.51
N ALA A 15 7.74 0.34 9.58
CA ALA A 15 8.29 1.41 10.39
C ALA A 15 8.71 2.60 9.53
N GLN A 16 9.60 2.34 8.57
CA GLN A 16 10.09 3.39 7.69
C GLN A 16 8.95 4.00 6.87
N PHE A 17 8.04 3.13 6.42
CA PHE A 17 6.90 3.57 5.62
C PHE A 17 6.06 4.57 6.40
N LEU A 18 5.85 4.29 7.69
CA LEU A 18 5.05 5.16 8.55
C LEU A 18 5.92 6.25 9.16
N SER A 19 7.23 6.03 9.17
CA SER A 19 8.16 6.99 9.75
C SER A 19 8.09 8.32 9.00
N LYS A 20 7.62 8.26 7.76
CA LYS A 20 7.50 9.46 6.93
C LYS A 20 6.37 10.36 7.42
N GLU A 21 6.71 11.58 7.83
CA GLU A 21 5.71 12.52 8.32
C GLU A 21 5.29 13.49 7.22
N ASN A 22 4.09 14.05 7.35
CA ASN A 22 3.57 14.99 6.37
C ASN A 22 3.39 14.31 5.01
N GLN A 23 2.81 13.12 5.02
CA GLN A 23 2.59 12.36 3.79
C GLN A 23 1.16 11.85 3.72
N VAL A 24 0.63 11.73 2.51
CA VAL A 24 -0.73 11.24 2.32
C VAL A 24 -0.72 9.79 1.83
N ILE A 25 -1.13 8.88 2.71
CA ILE A 25 -1.17 7.47 2.38
C ILE A 25 -2.41 7.13 1.54
N VAL A 26 -2.23 6.24 0.57
CA VAL A 26 -3.33 5.84 -0.29
C VAL A 26 -3.56 4.33 -0.23
N ARG A 27 -4.81 3.94 0.00
CA ARG A 27 -5.16 2.53 0.09
C ARG A 27 -5.50 1.97 -1.29
N MET A 28 -4.59 1.16 -1.84
CA MET A 28 -4.79 0.55 -3.15
C MET A 28 -5.40 -0.85 -3.02
N ARG A 29 -6.51 -1.08 -3.70
CA ARG A 29 -7.18 -2.36 -3.66
C ARG A 29 -7.43 -2.89 -5.07
N GLY A 30 -7.30 -4.21 -5.24
CA GLY A 30 -7.51 -4.81 -6.54
C GLY A 30 -6.32 -4.65 -7.46
N LEU A 31 -5.13 -4.89 -6.93
CA LEU A 31 -3.90 -4.77 -7.71
C LEU A 31 -3.51 -6.11 -8.32
N PRO A 32 -3.16 -6.09 -9.62
CA PRO A 32 -2.75 -7.29 -10.35
C PRO A 32 -1.72 -8.12 -9.58
N PHE A 33 -1.93 -9.41 -9.52
CA PHE A 33 -1.02 -10.31 -8.82
C PHE A 33 0.41 -10.13 -9.33
N THR A 34 0.54 -9.56 -10.52
CA THR A 34 1.85 -9.34 -11.13
C THR A 34 2.34 -7.92 -10.86
N ALA A 35 1.41 -7.02 -10.57
CA ALA A 35 1.76 -5.63 -10.29
C ALA A 35 2.66 -5.53 -9.07
N THR A 36 3.81 -4.86 -9.25
CA THR A 36 4.77 -4.69 -8.18
C THR A 36 5.11 -3.23 -7.96
N ALA A 37 5.95 -2.95 -6.98
CA ALA A 37 6.36 -1.58 -6.68
C ALA A 37 6.73 -0.83 -7.96
N GLU A 38 7.46 -1.50 -8.84
CA GLU A 38 7.89 -0.90 -10.10
C GLU A 38 6.69 -0.43 -10.91
N GLU A 39 5.64 -1.26 -10.93
CA GLU A 39 4.44 -0.93 -11.68
C GLU A 39 3.79 0.34 -11.13
N VAL A 40 3.75 0.45 -9.81
CA VAL A 40 3.16 1.62 -9.16
C VAL A 40 3.95 2.88 -9.47
N VAL A 41 5.25 2.84 -9.19
CA VAL A 41 6.12 3.98 -9.45
C VAL A 41 5.68 4.75 -10.68
N ALA A 42 5.51 4.03 -11.79
CA ALA A 42 5.08 4.65 -13.04
C ALA A 42 3.61 5.04 -12.98
N PHE A 43 2.77 4.13 -12.49
CA PHE A 43 1.35 4.38 -12.38
C PHE A 43 1.07 5.84 -12.01
N PHE A 44 1.54 6.23 -10.83
CA PHE A 44 1.35 7.60 -10.36
C PHE A 44 2.52 8.49 -10.77
N GLY A 45 3.65 7.86 -11.07
CA GLY A 45 4.82 8.61 -11.47
C GLY A 45 4.52 9.63 -12.55
N GLN A 46 3.44 9.40 -13.30
CA GLN A 46 3.05 10.30 -14.37
C GLN A 46 2.99 11.75 -13.87
N HIS A 47 1.96 12.06 -13.09
CA HIS A 47 1.79 13.41 -12.55
C HIS A 47 1.83 13.38 -11.03
N CYS A 48 1.63 12.20 -10.45
CA CYS A 48 1.63 12.05 -9.00
C CYS A 48 2.79 11.16 -8.55
N PRO A 49 3.97 11.78 -8.39
CA PRO A 49 5.18 11.08 -7.97
C PRO A 49 5.12 10.62 -6.52
N ILE A 50 5.66 9.44 -6.24
CA ILE A 50 5.66 8.90 -4.89
C ILE A 50 6.95 9.25 -4.16
N THR A 51 6.85 9.48 -2.85
CA THR A 51 8.00 9.83 -2.04
C THR A 51 8.93 8.63 -1.86
N GLY A 52 9.96 8.56 -2.69
CA GLY A 52 10.90 7.46 -2.62
C GLY A 52 10.57 6.34 -3.60
N GLY A 53 9.47 6.50 -4.32
CA GLY A 53 9.07 5.49 -5.28
C GLY A 53 8.99 4.11 -4.68
N LYS A 54 9.78 3.18 -5.20
CA LYS A 54 9.80 1.81 -4.71
C LYS A 54 9.92 1.78 -3.19
N GLU A 55 10.53 2.82 -2.63
CA GLU A 55 10.71 2.92 -1.18
C GLU A 55 9.41 3.40 -0.52
N GLY A 56 8.64 4.20 -1.23
CA GLY A 56 7.40 4.72 -0.70
C GLY A 56 6.20 3.88 -1.09
N ILE A 57 6.36 2.56 -1.06
CA ILE A 57 5.29 1.65 -1.42
C ILE A 57 5.29 0.42 -0.52
N LEU A 58 4.10 -0.03 -0.14
CA LEU A 58 3.96 -1.20 0.72
C LEU A 58 2.86 -2.12 0.21
N PHE A 59 3.23 -3.34 -0.16
CA PHE A 59 2.28 -4.32 -0.66
C PHE A 59 1.83 -5.27 0.45
N VAL A 60 0.55 -5.22 0.79
CA VAL A 60 0.00 -6.07 1.83
C VAL A 60 -0.05 -7.52 1.38
N THR A 61 0.62 -8.40 2.14
CA THR A 61 0.65 -9.81 1.82
C THR A 61 0.32 -10.67 3.04
N TYR A 62 -0.47 -11.70 2.84
CA TYR A 62 -0.86 -12.59 3.93
C TYR A 62 0.36 -12.99 4.76
N PRO A 63 0.10 -13.41 6.01
CA PRO A 63 1.15 -13.82 6.94
C PRO A 63 1.81 -15.14 6.51
N ASP A 64 1.38 -15.67 5.38
CA ASP A 64 1.92 -16.92 4.87
C ASP A 64 2.78 -16.68 3.63
N GLY A 65 2.56 -15.55 2.97
CA GLY A 65 3.32 -15.21 1.79
C GLY A 65 2.47 -15.23 0.53
N ARG A 66 1.32 -14.55 0.59
CA ARG A 66 0.42 -14.49 -0.55
C ARG A 66 -0.07 -13.06 -0.79
N PRO A 67 -0.23 -12.71 -2.07
CA PRO A 67 -0.68 -11.37 -2.47
C PRO A 67 -2.15 -11.12 -2.10
N THR A 68 -2.37 -10.38 -1.02
CA THR A 68 -3.71 -10.07 -0.56
C THR A 68 -4.45 -9.18 -1.56
N GLY A 69 -3.67 -8.42 -2.33
CA GLY A 69 -4.25 -7.53 -3.31
C GLY A 69 -4.21 -6.07 -2.88
N ASP A 70 -4.41 -5.84 -1.59
CA ASP A 70 -4.39 -4.49 -1.05
C ASP A 70 -2.97 -3.99 -0.87
N ALA A 71 -2.80 -2.67 -0.88
CA ALA A 71 -1.48 -2.07 -0.72
C ALA A 71 -1.58 -0.64 -0.21
N PHE A 72 -0.44 0.01 -0.04
CA PHE A 72 -0.40 1.39 0.44
C PHE A 72 0.73 2.17 -0.23
N VAL A 73 0.45 3.42 -0.58
CA VAL A 73 1.44 4.29 -1.21
C VAL A 73 1.65 5.57 -0.43
N LEU A 74 2.79 6.21 -0.65
CA LEU A 74 3.12 7.45 0.04
C LEU A 74 3.12 8.63 -0.93
N PHE A 75 2.64 9.77 -0.45
CA PHE A 75 2.59 10.98 -1.27
C PHE A 75 3.08 12.20 -0.50
N ALA A 76 4.00 12.94 -1.10
CA ALA A 76 4.55 14.13 -0.46
C ALA A 76 3.46 14.91 0.27
N CYS A 77 2.50 15.43 -0.47
CA CYS A 77 1.40 16.20 0.11
C CYS A 77 0.07 15.85 -0.55
N GLU A 78 -0.98 16.55 -0.17
CA GLU A 78 -2.30 16.32 -0.72
C GLU A 78 -2.38 16.78 -2.17
N GLU A 79 -1.34 17.48 -2.62
CA GLU A 79 -1.30 17.98 -3.98
C GLU A 79 -1.17 16.85 -4.99
N TYR A 80 -0.46 15.80 -4.59
CA TYR A 80 -0.26 14.64 -5.46
C TYR A 80 -1.33 13.58 -5.20
N ALA A 81 -1.54 13.25 -3.94
CA ALA A 81 -2.53 12.25 -3.55
C ALA A 81 -3.87 12.54 -4.21
N GLN A 82 -4.36 13.76 -4.03
CA GLN A 82 -5.64 14.16 -4.61
C GLN A 82 -5.68 13.87 -6.10
N ASN A 83 -4.76 14.49 -6.84
CA ASN A 83 -4.68 14.31 -8.29
C ASN A 83 -4.68 12.83 -8.65
N ALA A 84 -4.18 12.00 -7.73
CA ALA A 84 -4.14 10.55 -7.96
C ALA A 84 -5.51 9.93 -7.77
N LEU A 85 -6.27 10.45 -6.81
CA LEU A 85 -7.61 9.94 -6.53
C LEU A 85 -8.47 9.95 -7.79
N ARG A 86 -8.29 10.97 -8.62
CA ARG A 86 -9.05 11.10 -9.85
C ARG A 86 -8.84 9.88 -10.75
N LYS A 87 -7.77 9.14 -10.49
CA LYS A 87 -7.46 7.94 -11.26
C LYS A 87 -8.33 6.77 -10.82
N HIS A 88 -9.15 7.00 -9.81
CA HIS A 88 -10.03 5.95 -9.29
C HIS A 88 -10.50 5.03 -10.41
N LYS A 89 -10.50 3.74 -10.15
CA LYS A 89 -10.93 2.74 -11.14
C LYS A 89 -10.03 2.78 -12.37
N ASP A 90 -8.76 3.13 -12.16
CA ASP A 90 -7.80 3.20 -13.26
C ASP A 90 -7.66 1.85 -13.95
N LEU A 91 -6.76 1.78 -14.92
CA LEU A 91 -6.53 0.55 -15.66
C LEU A 91 -5.04 0.33 -15.91
N LEU A 92 -4.47 -0.67 -15.25
CA LEU A 92 -3.05 -0.98 -15.41
C LEU A 92 -2.86 -2.40 -15.94
N GLY A 93 -2.33 -2.51 -17.15
CA GLY A 93 -2.10 -3.81 -17.75
C GLY A 93 -3.38 -4.62 -17.86
N LYS A 94 -4.49 -3.95 -18.15
CA LYS A 94 -5.78 -4.62 -18.28
C LYS A 94 -6.29 -5.10 -16.92
N ARG A 95 -6.32 -4.19 -15.96
CA ARG A 95 -6.79 -4.52 -14.62
C ARG A 95 -7.30 -3.27 -13.89
N TYR A 96 -8.58 -3.26 -13.58
CA TYR A 96 -9.19 -2.13 -12.90
C TYR A 96 -8.71 -2.05 -11.45
N ILE A 97 -8.33 -0.85 -11.02
CA ILE A 97 -7.86 -0.64 -9.66
C ILE A 97 -8.54 0.56 -9.02
N GLU A 98 -8.86 0.44 -7.74
CA GLU A 98 -9.51 1.52 -7.02
C GLU A 98 -8.48 2.40 -6.31
N LEU A 99 -8.96 3.45 -5.64
CA LEU A 99 -8.09 4.37 -4.93
C LEU A 99 -8.85 5.11 -3.83
N PHE A 100 -8.21 5.25 -2.67
CA PHE A 100 -8.83 5.93 -1.54
C PHE A 100 -7.77 6.44 -0.57
N ARG A 101 -7.78 7.74 -0.31
CA ARG A 101 -6.82 8.34 0.60
C ARG A 101 -6.94 7.74 2.00
N SER A 102 -5.91 7.01 2.41
CA SER A 102 -5.90 6.37 3.72
C SER A 102 -4.95 7.09 4.68
N THR A 103 -5.09 6.81 5.96
CA THR A 103 -4.24 7.43 6.98
C THR A 103 -3.30 6.42 7.59
N ALA A 104 -2.29 6.91 8.32
CA ALA A 104 -1.32 6.05 8.96
C ALA A 104 -1.99 5.02 9.84
N ALA A 105 -2.71 5.48 10.85
CA ALA A 105 -3.41 4.60 11.77
C ALA A 105 -4.15 3.50 11.02
N GLU A 106 -5.02 3.90 10.10
CA GLU A 106 -5.79 2.95 9.30
C GLU A 106 -4.90 1.83 8.78
N VAL A 107 -3.85 2.21 8.06
CA VAL A 107 -2.92 1.23 7.50
C VAL A 107 -2.63 0.12 8.50
N GLN A 108 -2.08 0.50 9.65
CA GLN A 108 -1.75 -0.47 10.70
C GLN A 108 -2.91 -1.43 10.94
N GLN A 109 -4.12 -0.88 10.97
CA GLN A 109 -5.32 -1.68 11.21
C GLN A 109 -5.59 -2.59 10.01
N VAL A 110 -5.07 -2.22 8.86
CA VAL A 110 -5.27 -3.01 7.65
C VAL A 110 -4.23 -4.12 7.54
N LEU A 111 -3.12 -3.96 8.26
CA LEU A 111 -2.05 -4.96 8.25
C LEU A 111 -2.30 -6.03 9.31
N ASN A 112 -2.73 -5.60 10.49
CA ASN A 112 -3.01 -6.51 11.58
C ASN A 112 -4.16 -7.45 11.23
N ARG A 113 -5.21 -6.89 10.64
CA ARG A 113 -6.38 -7.66 10.26
C ARG A 113 -5.98 -8.86 9.39
N PHE A 114 -5.06 -8.61 8.45
CA PHE A 114 -4.60 -9.66 7.55
C PHE A 114 -3.54 -10.53 8.23
N SER A 115 -2.73 -9.91 9.08
CA SER A 115 -1.68 -10.61 9.79
C SER A 115 -2.26 -11.50 10.89
N SER A 116 -1.71 -12.70 11.02
CA SER A 116 -2.18 -13.65 12.02
C SER A 116 -3.70 -13.58 12.17
N ALA A 117 -4.40 -13.42 11.05
CA ALA A 117 -5.84 -13.34 11.06
C ALA A 117 -6.44 -14.24 12.14
N SER A 118 -7.34 -13.68 12.94
CA SER A 118 -7.99 -14.44 14.00
C SER A 118 -9.41 -14.82 13.62
N GLY A 119 -9.60 -15.18 12.35
CA GLY A 119 -10.92 -15.56 11.88
C GLY A 119 -10.86 -16.51 10.71
N PRO A 120 -10.44 -15.99 9.55
CA PRO A 120 -10.05 -14.59 9.40
C PRO A 120 -11.24 -13.65 9.49
N SER A 121 -12.43 -14.22 9.44
CA SER A 121 -13.66 -13.41 9.52
C SER A 121 -13.67 -12.56 10.78
N SER A 122 -14.28 -11.38 10.69
CA SER A 122 -14.35 -10.46 11.82
C SER A 122 -15.66 -10.65 12.58
N GLY A 123 -16.04 -11.91 12.78
CA GLY A 123 -17.27 -12.21 13.50
C GLY A 123 -18.49 -12.16 12.60
N GLY A 1 27.86 -16.24 -2.30
CA GLY A 1 26.78 -15.32 -1.97
C GLY A 1 26.99 -14.60 -0.66
N SER A 2 25.93 -13.99 -0.14
CA SER A 2 26.01 -13.27 1.12
C SER A 2 24.62 -12.89 1.63
N SER A 3 24.46 -12.83 2.94
CA SER A 3 23.19 -12.49 3.55
C SER A 3 22.71 -11.13 3.07
N GLY A 4 21.39 -11.00 2.89
CA GLY A 4 20.83 -9.74 2.44
C GLY A 4 19.33 -9.66 2.67
N SER A 5 18.58 -10.59 2.10
CA SER A 5 17.13 -10.62 2.24
C SER A 5 16.73 -11.41 3.48
N SER A 6 15.95 -10.78 4.35
CA SER A 6 15.49 -11.42 5.58
C SER A 6 13.96 -11.47 5.63
N GLY A 7 13.43 -12.61 6.07
CA GLY A 7 11.99 -12.76 6.17
C GLY A 7 11.54 -13.12 7.57
N GLY A 8 10.24 -12.98 7.82
CA GLY A 8 9.70 -13.28 9.14
C GLY A 8 8.67 -12.26 9.59
N GLY A 9 9.14 -11.06 9.89
CA GLY A 9 8.25 -10.01 10.35
C GLY A 9 8.19 -8.83 9.38
N THR A 10 7.14 -8.02 9.50
CA THR A 10 6.97 -6.86 8.63
C THR A 10 7.00 -5.57 9.44
N SER A 11 6.64 -5.66 10.71
CA SER A 11 6.63 -4.49 11.58
C SER A 11 7.77 -3.54 11.25
N ASN A 12 8.95 -4.11 11.00
CA ASN A 12 10.13 -3.32 10.66
C ASN A 12 9.96 -2.64 9.31
N GLU A 13 9.73 -3.44 8.28
CA GLU A 13 9.56 -2.92 6.93
C GLU A 13 8.51 -1.81 6.91
N VAL A 14 7.37 -2.07 7.53
CA VAL A 14 6.29 -1.08 7.59
C VAL A 14 6.70 0.13 8.40
N ALA A 15 7.46 -0.10 9.47
CA ALA A 15 7.93 0.99 10.33
C ALA A 15 8.43 2.16 9.51
N GLN A 16 9.32 1.89 8.57
CA GLN A 16 9.88 2.93 7.71
C GLN A 16 8.78 3.61 6.90
N PHE A 17 7.97 2.80 6.22
CA PHE A 17 6.88 3.33 5.39
C PHE A 17 6.10 4.39 6.15
N LEU A 18 5.77 4.11 7.40
CA LEU A 18 5.02 5.05 8.24
C LEU A 18 5.96 6.06 8.89
N SER A 19 7.24 5.72 8.94
CA SER A 19 8.24 6.61 9.54
C SER A 19 8.23 7.98 8.87
N LYS A 20 7.78 8.02 7.62
CA LYS A 20 7.72 9.26 6.87
C LYS A 20 6.61 10.16 7.41
N GLU A 21 6.95 11.44 7.63
CA GLU A 21 5.99 12.40 8.14
C GLU A 21 5.62 13.43 7.07
N ASN A 22 4.46 14.04 7.23
CA ASN A 22 3.98 15.04 6.27
C ASN A 22 3.73 14.41 4.91
N GLN A 23 3.24 13.17 4.91
CA GLN A 23 2.95 12.47 3.68
C GLN A 23 1.50 11.98 3.65
N VAL A 24 1.00 11.70 2.45
CA VAL A 24 -0.37 11.23 2.29
C VAL A 24 -0.40 9.77 1.84
N ILE A 25 -0.95 8.91 2.69
CA ILE A 25 -1.04 7.49 2.37
C ILE A 25 -2.32 7.18 1.59
N VAL A 26 -2.21 6.29 0.61
CA VAL A 26 -3.35 5.91 -0.21
C VAL A 26 -3.59 4.41 -0.14
N ARG A 27 -4.86 4.02 -0.02
CA ARG A 27 -5.22 2.62 0.05
C ARG A 27 -5.54 2.06 -1.34
N MET A 28 -4.69 1.16 -1.82
CA MET A 28 -4.87 0.55 -3.12
C MET A 28 -5.33 -0.90 -3.00
N ARG A 29 -6.57 -1.16 -3.39
CA ARG A 29 -7.13 -2.51 -3.32
C ARG A 29 -7.52 -3.01 -4.70
N GLY A 30 -7.14 -4.25 -5.00
CA GLY A 30 -7.46 -4.83 -6.29
C GLY A 30 -6.28 -4.79 -7.24
N LEU A 31 -5.08 -4.61 -6.71
CA LEU A 31 -3.86 -4.56 -7.51
C LEU A 31 -3.49 -5.95 -8.02
N PRO A 32 -3.18 -6.04 -9.32
CA PRO A 32 -2.79 -7.30 -9.95
C PRO A 32 -1.73 -8.05 -9.15
N PHE A 33 -1.93 -9.36 -8.99
CA PHE A 33 -1.00 -10.19 -8.24
C PHE A 33 0.44 -9.96 -8.72
N THR A 34 0.60 -9.71 -10.01
CA THR A 34 1.91 -9.48 -10.59
C THR A 34 2.39 -8.06 -10.30
N ALA A 35 1.49 -7.09 -10.46
CA ALA A 35 1.82 -5.69 -10.20
C ALA A 35 2.80 -5.56 -9.04
N THR A 36 3.89 -4.83 -9.27
CA THR A 36 4.90 -4.63 -8.24
C THR A 36 5.14 -3.14 -7.98
N ALA A 37 6.07 -2.84 -7.09
CA ALA A 37 6.39 -1.46 -6.75
C ALA A 37 6.82 -0.68 -8.00
N GLU A 38 7.62 -1.33 -8.85
CA GLU A 38 8.11 -0.71 -10.07
C GLU A 38 6.94 -0.28 -10.96
N GLU A 39 5.87 -1.08 -10.94
CA GLU A 39 4.69 -0.78 -11.75
C GLU A 39 3.96 0.44 -11.22
N VAL A 40 3.93 0.57 -9.90
CA VAL A 40 3.26 1.71 -9.26
C VAL A 40 4.01 3.01 -9.52
N VAL A 41 5.32 2.97 -9.34
CA VAL A 41 6.15 4.15 -9.55
C VAL A 41 5.68 4.95 -10.76
N ALA A 42 5.46 4.26 -11.87
CA ALA A 42 5.00 4.90 -13.10
C ALA A 42 3.52 5.27 -12.99
N PHE A 43 2.72 4.34 -12.49
CA PHE A 43 1.28 4.56 -12.34
C PHE A 43 1.00 6.01 -11.94
N PHE A 44 1.47 6.38 -10.75
CA PHE A 44 1.27 7.74 -10.25
C PHE A 44 2.40 8.66 -10.69
N GLY A 45 3.54 8.07 -11.03
CA GLY A 45 4.68 8.85 -11.45
C GLY A 45 4.33 9.85 -12.53
N GLN A 46 3.28 9.56 -13.29
CA GLN A 46 2.83 10.45 -14.36
C GLN A 46 2.72 11.88 -13.87
N HIS A 47 1.72 12.14 -13.03
CA HIS A 47 1.51 13.47 -12.48
C HIS A 47 1.62 13.46 -10.96
N CYS A 48 1.56 12.27 -10.38
CA CYS A 48 1.67 12.13 -8.93
C CYS A 48 2.85 11.25 -8.55
N PRO A 49 4.04 11.87 -8.45
CA PRO A 49 5.27 11.16 -8.10
C PRO A 49 5.29 10.70 -6.65
N ILE A 50 5.61 9.43 -6.44
CA ILE A 50 5.65 8.86 -5.11
C ILE A 50 6.95 9.24 -4.39
N THR A 51 6.85 9.50 -3.09
CA THR A 51 8.02 9.87 -2.30
C THR A 51 9.00 8.71 -2.19
N GLY A 52 10.03 8.75 -3.03
CA GLY A 52 11.05 7.71 -3.01
C GLY A 52 10.69 6.56 -3.94
N GLY A 53 9.52 6.63 -4.56
CA GLY A 53 9.08 5.58 -5.46
C GLY A 53 9.03 4.22 -4.80
N LYS A 54 9.85 3.29 -5.28
CA LYS A 54 9.90 1.94 -4.73
C LYS A 54 9.98 1.98 -3.21
N GLU A 55 10.57 3.05 -2.68
CA GLU A 55 10.72 3.21 -1.24
C GLU A 55 9.40 3.68 -0.61
N GLY A 56 8.62 4.42 -1.38
CA GLY A 56 7.35 4.92 -0.88
C GLY A 56 6.18 4.03 -1.27
N ILE A 57 6.39 2.73 -1.19
CA ILE A 57 5.35 1.76 -1.54
C ILE A 57 5.34 0.59 -0.58
N LEU A 58 4.15 0.15 -0.17
CA LEU A 58 4.01 -0.97 0.74
C LEU A 58 2.96 -1.96 0.23
N PHE A 59 3.40 -3.16 -0.13
CA PHE A 59 2.51 -4.19 -0.63
C PHE A 59 2.11 -5.15 0.48
N VAL A 60 0.84 -5.09 0.88
CA VAL A 60 0.34 -5.96 1.94
C VAL A 60 0.32 -7.42 1.50
N THR A 61 0.93 -8.29 2.29
CA THR A 61 0.98 -9.72 1.98
C THR A 61 0.61 -10.56 3.20
N TYR A 62 -0.12 -11.64 2.95
CA TYR A 62 -0.55 -12.53 4.02
C TYR A 62 0.60 -12.84 4.97
N PRO A 63 0.26 -13.25 6.20
CA PRO A 63 1.25 -13.58 7.23
C PRO A 63 2.01 -14.86 6.91
N ASP A 64 1.72 -15.44 5.75
CA ASP A 64 2.37 -16.67 5.32
C ASP A 64 3.27 -16.42 4.12
N GLY A 65 3.07 -15.28 3.46
CA GLY A 65 3.86 -14.93 2.29
C GLY A 65 3.07 -15.07 1.00
N ARG A 66 2.03 -14.26 0.86
CA ARG A 66 1.20 -14.29 -0.34
C ARG A 66 0.56 -12.92 -0.59
N PRO A 67 0.30 -12.63 -1.87
CA PRO A 67 -0.32 -11.36 -2.27
C PRO A 67 -1.78 -11.25 -1.83
N THR A 68 -2.09 -10.22 -1.07
CA THR A 68 -3.44 -10.00 -0.59
C THR A 68 -4.24 -9.12 -1.55
N GLY A 69 -3.53 -8.36 -2.38
CA GLY A 69 -4.18 -7.49 -3.33
C GLY A 69 -4.15 -6.04 -2.91
N ASP A 70 -4.24 -5.79 -1.62
CA ASP A 70 -4.22 -4.43 -1.08
C ASP A 70 -2.80 -3.91 -0.97
N ALA A 71 -2.65 -2.59 -0.99
CA ALA A 71 -1.34 -1.96 -0.89
C ALA A 71 -1.45 -0.51 -0.44
N PHE A 72 -0.30 0.11 -0.18
CA PHE A 72 -0.28 1.50 0.25
C PHE A 72 0.87 2.26 -0.40
N VAL A 73 0.67 3.55 -0.63
CA VAL A 73 1.71 4.38 -1.24
C VAL A 73 1.91 5.67 -0.46
N LEU A 74 3.08 6.30 -0.65
CA LEU A 74 3.40 7.54 0.04
C LEU A 74 3.38 8.72 -0.92
N PHE A 75 2.90 9.86 -0.43
CA PHE A 75 2.83 11.07 -1.25
C PHE A 75 3.32 12.29 -0.48
N ALA A 76 3.96 13.21 -1.17
CA ALA A 76 4.48 14.42 -0.55
C ALA A 76 3.36 15.22 0.11
N CYS A 77 2.42 15.68 -0.71
CA CYS A 77 1.28 16.46 -0.21
C CYS A 77 0.00 16.07 -0.93
N GLU A 78 -1.11 16.71 -0.54
CA GLU A 78 -2.40 16.44 -1.16
C GLU A 78 -2.35 16.68 -2.66
N GLU A 79 -1.60 17.69 -3.07
CA GLU A 79 -1.48 18.02 -4.49
C GLU A 79 -1.37 16.76 -5.34
N TYR A 80 -0.53 15.82 -4.89
CA TYR A 80 -0.34 14.58 -5.62
C TYR A 80 -1.41 13.56 -5.23
N ALA A 81 -1.60 13.37 -3.94
CA ALA A 81 -2.60 12.43 -3.44
C ALA A 81 -3.97 12.70 -4.05
N GLN A 82 -4.51 13.89 -3.76
CA GLN A 82 -5.82 14.27 -4.28
C GLN A 82 -5.90 14.03 -5.79
N ASN A 83 -4.93 14.58 -6.51
CA ASN A 83 -4.89 14.43 -7.97
C ASN A 83 -4.83 12.95 -8.36
N ALA A 84 -4.29 12.13 -7.46
CA ALA A 84 -4.17 10.70 -7.72
C ALA A 84 -5.53 10.01 -7.57
N LEU A 85 -6.39 10.57 -6.73
CA LEU A 85 -7.71 10.00 -6.50
C LEU A 85 -8.53 10.01 -7.78
N ARG A 86 -8.26 10.97 -8.65
CA ARG A 86 -8.97 11.08 -9.92
C ARG A 86 -8.76 9.83 -10.77
N LYS A 87 -7.71 9.07 -10.46
CA LYS A 87 -7.41 7.86 -11.20
C LYS A 87 -8.24 6.68 -10.68
N HIS A 88 -9.08 6.96 -9.69
CA HIS A 88 -9.93 5.92 -9.11
C HIS A 88 -10.35 4.90 -10.16
N LYS A 89 -10.27 3.63 -9.81
CA LYS A 89 -10.64 2.55 -10.73
C LYS A 89 -9.76 2.57 -11.97
N ASP A 90 -8.51 3.00 -11.81
CA ASP A 90 -7.58 3.07 -12.92
C ASP A 90 -7.45 1.72 -13.61
N LEU A 91 -6.69 1.68 -14.70
CA LEU A 91 -6.48 0.44 -15.44
C LEU A 91 -5.00 0.22 -15.72
N LEU A 92 -4.41 -0.75 -15.02
CA LEU A 92 -3.01 -1.07 -15.18
C LEU A 92 -2.83 -2.47 -15.75
N GLY A 93 -2.30 -2.56 -16.96
CA GLY A 93 -2.09 -3.84 -17.60
C GLY A 93 -3.37 -4.66 -17.70
N LYS A 94 -4.46 -4.00 -18.06
CA LYS A 94 -5.76 -4.67 -18.19
C LYS A 94 -6.24 -5.17 -16.84
N ARG A 95 -6.28 -4.27 -15.85
CA ARG A 95 -6.73 -4.62 -14.52
C ARG A 95 -7.23 -3.38 -13.77
N TYR A 96 -8.52 -3.36 -13.45
CA TYR A 96 -9.11 -2.24 -12.74
C TYR A 96 -8.61 -2.17 -11.31
N ILE A 97 -8.18 -0.98 -10.90
CA ILE A 97 -7.68 -0.76 -9.56
C ILE A 97 -8.36 0.42 -8.88
N GLU A 98 -8.87 0.19 -7.67
CA GLU A 98 -9.56 1.24 -6.93
C GLU A 98 -8.57 2.03 -6.09
N LEU A 99 -8.97 3.24 -5.69
CA LEU A 99 -8.12 4.10 -4.89
C LEU A 99 -8.94 4.86 -3.84
N PHE A 100 -8.35 5.10 -2.68
CA PHE A 100 -9.02 5.81 -1.60
C PHE A 100 -8.02 6.41 -0.63
N ARG A 101 -8.43 7.47 0.07
CA ARG A 101 -7.57 8.14 1.03
C ARG A 101 -7.32 7.25 2.24
N SER A 102 -6.06 7.19 2.68
CA SER A 102 -5.69 6.37 3.83
C SER A 102 -4.76 7.15 4.76
N THR A 103 -4.63 6.65 5.99
CA THR A 103 -3.77 7.30 6.99
C THR A 103 -3.00 6.27 7.80
N ALA A 104 -1.88 6.70 8.37
CA ALA A 104 -1.05 5.81 9.17
C ALA A 104 -1.91 4.84 9.97
N ALA A 105 -2.88 5.37 10.71
CA ALA A 105 -3.76 4.54 11.53
C ALA A 105 -4.47 3.50 10.67
N GLU A 106 -5.11 3.96 9.59
CA GLU A 106 -5.83 3.05 8.69
C GLU A 106 -4.96 1.87 8.30
N VAL A 107 -3.74 2.16 7.85
CA VAL A 107 -2.80 1.13 7.43
C VAL A 107 -2.70 0.03 8.48
N GLN A 108 -2.16 0.38 9.64
CA GLN A 108 -2.00 -0.57 10.74
C GLN A 108 -3.22 -1.48 10.86
N GLN A 109 -4.41 -0.87 10.75
CA GLN A 109 -5.65 -1.62 10.84
C GLN A 109 -5.78 -2.62 9.70
N VAL A 110 -5.53 -2.16 8.48
CA VAL A 110 -5.61 -3.01 7.30
C VAL A 110 -4.67 -4.22 7.43
N LEU A 111 -3.44 -3.95 7.85
CA LEU A 111 -2.45 -5.01 8.02
C LEU A 111 -2.96 -6.08 8.98
N ASN A 112 -3.44 -5.64 10.14
CA ASN A 112 -3.94 -6.56 11.15
C ASN A 112 -5.11 -7.37 10.60
N ARG A 113 -6.09 -6.68 10.03
CA ARG A 113 -7.27 -7.34 9.47
C ARG A 113 -6.88 -8.63 8.76
N PHE A 114 -5.91 -8.55 7.86
CA PHE A 114 -5.44 -9.72 7.12
C PHE A 114 -4.69 -10.68 8.03
N SER A 115 -3.74 -10.15 8.78
CA SER A 115 -2.94 -10.96 9.70
C SER A 115 -3.84 -11.82 10.59
N SER A 116 -3.26 -12.86 11.18
CA SER A 116 -4.01 -13.75 12.05
C SER A 116 -5.40 -14.02 11.49
N ALA A 117 -5.46 -14.37 10.22
CA ALA A 117 -6.73 -14.65 9.56
C ALA A 117 -6.99 -16.16 9.47
N SER A 118 -7.68 -16.69 10.47
CA SER A 118 -7.98 -18.12 10.51
C SER A 118 -8.80 -18.54 9.30
N GLY A 119 -8.24 -19.43 8.48
CA GLY A 119 -8.93 -19.89 7.30
C GLY A 119 -8.17 -20.99 6.58
N PRO A 120 -8.57 -21.27 5.33
CA PRO A 120 -9.67 -20.56 4.67
C PRO A 120 -11.03 -20.90 5.28
N SER A 121 -11.66 -19.89 5.88
CA SER A 121 -12.97 -20.09 6.51
C SER A 121 -13.77 -18.79 6.51
N SER A 122 -15.08 -18.90 6.37
CA SER A 122 -15.96 -17.74 6.35
C SER A 122 -16.66 -17.57 7.69
N GLY A 123 -17.41 -16.49 7.83
CA GLY A 123 -18.13 -16.22 9.07
C GLY A 123 -17.85 -14.84 9.61
N GLY A 1 21.50 -2.92 5.30
CA GLY A 1 20.90 -4.06 5.96
C GLY A 1 21.67 -5.34 5.70
N SER A 2 21.26 -6.42 6.37
CA SER A 2 21.92 -7.71 6.22
C SER A 2 20.90 -8.82 5.97
N SER A 3 19.83 -8.81 6.76
CA SER A 3 18.78 -9.83 6.63
C SER A 3 17.68 -9.35 5.69
N GLY A 4 17.45 -10.10 4.63
CA GLY A 4 16.43 -9.74 3.66
C GLY A 4 15.16 -10.56 3.82
N SER A 5 15.32 -11.89 3.81
CA SER A 5 14.18 -12.78 3.94
C SER A 5 13.25 -12.32 5.05
N SER A 6 11.96 -12.24 4.73
CA SER A 6 10.97 -11.81 5.70
C SER A 6 9.91 -12.89 5.91
N GLY A 7 9.67 -13.22 7.18
CA GLY A 7 8.68 -14.24 7.49
C GLY A 7 7.37 -13.64 7.98
N GLY A 8 6.39 -14.51 8.23
CA GLY A 8 5.10 -14.04 8.69
C GLY A 8 5.20 -13.02 9.80
N GLY A 9 4.95 -11.76 9.47
CA GLY A 9 5.03 -10.70 10.45
C GLY A 9 5.86 -9.52 9.98
N THR A 10 5.21 -8.56 9.33
CA THR A 10 5.90 -7.38 8.81
C THR A 10 5.79 -6.22 9.79
N SER A 11 6.92 -5.85 10.39
CA SER A 11 6.94 -4.76 11.35
C SER A 11 8.05 -3.76 11.00
N ASN A 12 9.22 -4.27 10.68
CA ASN A 12 10.35 -3.43 10.33
C ASN A 12 10.12 -2.74 8.99
N GLU A 13 9.78 -3.53 7.98
CA GLU A 13 9.53 -3.00 6.64
C GLU A 13 8.49 -1.88 6.69
N VAL A 14 7.40 -2.13 7.40
CA VAL A 14 6.33 -1.14 7.53
C VAL A 14 6.79 0.06 8.35
N ALA A 15 7.47 -0.20 9.46
CA ALA A 15 7.97 0.86 10.32
C ALA A 15 8.43 2.07 9.51
N GLN A 16 9.40 1.84 8.63
CA GLN A 16 9.92 2.92 7.79
C GLN A 16 8.81 3.55 6.97
N PHE A 17 8.02 2.72 6.29
CA PHE A 17 6.93 3.21 5.47
C PHE A 17 6.11 4.25 6.21
N LEU A 18 5.90 4.03 7.50
CA LEU A 18 5.13 4.95 8.32
C LEU A 18 6.03 5.98 8.98
N SER A 19 7.33 5.66 9.03
CA SER A 19 8.30 6.57 9.64
C SER A 19 8.30 7.92 8.95
N LYS A 20 7.82 7.96 7.71
CA LYS A 20 7.75 9.19 6.94
C LYS A 20 6.64 10.09 7.46
N GLU A 21 7.01 11.30 7.89
CA GLU A 21 6.04 12.25 8.40
C GLU A 21 5.60 13.23 7.32
N ASN A 22 4.44 13.84 7.52
CA ASN A 22 3.91 14.80 6.55
C ASN A 22 3.70 14.14 5.18
N GLN A 23 3.08 12.97 5.19
CA GLN A 23 2.82 12.24 3.95
C GLN A 23 1.37 11.77 3.88
N VAL A 24 0.89 11.55 2.67
CA VAL A 24 -0.48 11.10 2.46
C VAL A 24 -0.53 9.66 1.95
N ILE A 25 -0.89 8.74 2.83
CA ILE A 25 -0.98 7.33 2.47
C ILE A 25 -2.25 7.04 1.68
N VAL A 26 -2.10 6.27 0.60
CA VAL A 26 -3.22 5.92 -0.25
C VAL A 26 -3.51 4.42 -0.19
N ARG A 27 -4.76 4.07 0.08
CA ARG A 27 -5.17 2.67 0.16
C ARG A 27 -5.56 2.13 -1.20
N MET A 28 -4.70 1.31 -1.79
CA MET A 28 -4.96 0.72 -3.10
C MET A 28 -5.58 -0.67 -2.96
N ARG A 29 -6.58 -0.95 -3.80
CA ARG A 29 -7.24 -2.24 -3.76
C ARG A 29 -7.42 -2.80 -5.18
N GLY A 30 -7.22 -4.11 -5.33
CA GLY A 30 -7.36 -4.73 -6.62
C GLY A 30 -6.11 -4.62 -7.47
N LEU A 31 -4.96 -4.76 -6.82
CA LEU A 31 -3.67 -4.66 -7.52
C LEU A 31 -3.24 -6.03 -8.06
N PRO A 32 -2.95 -6.08 -9.36
CA PRO A 32 -2.51 -7.33 -10.02
C PRO A 32 -1.41 -8.03 -9.24
N PHE A 33 -1.56 -9.34 -9.05
CA PHE A 33 -0.58 -10.13 -8.33
C PHE A 33 0.83 -9.79 -8.79
N THR A 34 0.98 -9.48 -10.08
CA THR A 34 2.28 -9.13 -10.63
C THR A 34 2.61 -7.67 -10.39
N ALA A 35 1.58 -6.83 -10.32
CA ALA A 35 1.77 -5.40 -10.08
C ALA A 35 2.62 -5.16 -8.83
N THR A 36 3.86 -4.74 -9.04
CA THR A 36 4.78 -4.47 -7.94
C THR A 36 5.10 -2.98 -7.85
N ALA A 37 5.90 -2.62 -6.85
CA ALA A 37 6.29 -1.23 -6.65
C ALA A 37 6.72 -0.59 -7.96
N GLU A 38 7.45 -1.35 -8.78
CA GLU A 38 7.93 -0.86 -10.05
C GLU A 38 6.76 -0.45 -10.95
N GLU A 39 5.66 -1.18 -10.85
CA GLU A 39 4.48 -0.89 -11.65
C GLU A 39 3.75 0.34 -11.12
N VAL A 40 3.94 0.63 -9.84
CA VAL A 40 3.31 1.78 -9.21
C VAL A 40 4.08 3.06 -9.48
N VAL A 41 5.40 3.00 -9.29
CA VAL A 41 6.26 4.15 -9.52
C VAL A 41 5.85 4.91 -10.78
N ALA A 42 5.58 4.16 -11.84
CA ALA A 42 5.18 4.75 -13.12
C ALA A 42 3.69 5.09 -13.11
N PHE A 43 2.88 4.24 -12.48
CA PHE A 43 1.44 4.45 -12.40
C PHE A 43 1.13 5.90 -12.04
N PHE A 44 1.55 6.30 -10.84
CA PHE A 44 1.30 7.65 -10.37
C PHE A 44 2.44 8.59 -10.79
N GLY A 45 3.60 8.01 -11.09
CA GLY A 45 4.74 8.80 -11.50
C GLY A 45 4.41 9.79 -12.59
N GLN A 46 3.26 9.58 -13.25
CA GLN A 46 2.83 10.46 -14.33
C GLN A 46 2.67 11.89 -13.83
N HIS A 47 1.61 12.12 -13.05
CA HIS A 47 1.34 13.44 -12.50
C HIS A 47 1.39 13.42 -10.98
N CYS A 48 1.45 12.22 -10.41
CA CYS A 48 1.49 12.07 -8.96
C CYS A 48 2.70 11.24 -8.54
N PRO A 49 3.84 11.92 -8.34
CA PRO A 49 5.09 11.27 -7.94
C PRO A 49 5.03 10.76 -6.49
N ILE A 50 5.62 9.59 -6.27
CA ILE A 50 5.64 8.99 -4.94
C ILE A 50 6.94 9.32 -4.21
N THR A 51 6.82 9.56 -2.90
CA THR A 51 7.99 9.89 -2.09
C THR A 51 8.96 8.71 -2.01
N GLY A 52 10.04 8.79 -2.77
CA GLY A 52 11.03 7.73 -2.77
C GLY A 52 10.74 6.66 -3.81
N GLY A 53 9.50 6.65 -4.30
CA GLY A 53 9.11 5.67 -5.29
C GLY A 53 8.95 4.28 -4.71
N LYS A 54 9.71 3.32 -5.25
CA LYS A 54 9.66 1.95 -4.78
C LYS A 54 9.71 1.89 -3.26
N GLU A 55 10.49 2.79 -2.66
CA GLU A 55 10.62 2.85 -1.22
C GLU A 55 9.34 3.33 -0.56
N GLY A 56 8.60 4.18 -1.27
CA GLY A 56 7.35 4.70 -0.75
C GLY A 56 6.15 3.86 -1.15
N ILE A 57 6.33 2.54 -1.14
CA ILE A 57 5.26 1.62 -1.50
C ILE A 57 5.24 0.40 -0.60
N LEU A 58 4.05 -0.10 -0.32
CA LEU A 58 3.89 -1.28 0.54
C LEU A 58 2.76 -2.16 0.04
N PHE A 59 3.07 -3.43 -0.20
CA PHE A 59 2.07 -4.38 -0.67
C PHE A 59 1.63 -5.31 0.45
N VAL A 60 0.33 -5.34 0.70
CA VAL A 60 -0.22 -6.18 1.75
C VAL A 60 -0.34 -7.64 1.29
N THR A 61 -0.02 -8.57 2.19
CA THR A 61 -0.09 -9.99 1.87
C THR A 61 -0.53 -10.80 3.08
N TYR A 62 -1.39 -11.79 2.84
CA TYR A 62 -1.89 -12.64 3.91
C TYR A 62 -0.75 -13.17 4.77
N PRO A 63 -1.08 -13.57 6.00
CA PRO A 63 -0.10 -14.12 6.95
C PRO A 63 0.43 -15.48 6.52
N ASP A 64 -0.01 -15.95 5.36
CA ASP A 64 0.42 -17.24 4.84
C ASP A 64 1.32 -17.06 3.62
N GLY A 65 1.22 -15.90 2.99
CA GLY A 65 2.03 -15.62 1.81
C GLY A 65 1.19 -15.47 0.56
N ARG A 66 0.00 -14.92 0.70
CA ARG A 66 -0.90 -14.73 -0.43
C ARG A 66 -1.17 -13.25 -0.68
N PRO A 67 -1.28 -12.88 -1.96
CA PRO A 67 -1.52 -11.48 -2.36
C PRO A 67 -2.93 -11.02 -1.99
N THR A 68 -3.02 -10.16 -0.98
CA THR A 68 -4.31 -9.64 -0.54
C THR A 68 -4.87 -8.63 -1.53
N GLY A 69 -4.08 -8.31 -2.55
CA GLY A 69 -4.52 -7.36 -3.56
C GLY A 69 -4.38 -5.92 -3.10
N ASP A 70 -4.72 -5.68 -1.84
CA ASP A 70 -4.63 -4.33 -1.28
C ASP A 70 -3.19 -3.89 -1.12
N ALA A 71 -2.97 -2.59 -0.98
CA ALA A 71 -1.63 -2.04 -0.83
C ALA A 71 -1.67 -0.61 -0.32
N PHE A 72 -0.50 -0.01 -0.15
CA PHE A 72 -0.41 1.36 0.33
C PHE A 72 0.75 2.09 -0.33
N VAL A 73 0.57 3.39 -0.57
CA VAL A 73 1.60 4.21 -1.20
C VAL A 73 1.81 5.51 -0.43
N LEU A 74 2.97 6.13 -0.65
CA LEU A 74 3.30 7.39 0.02
C LEU A 74 3.27 8.54 -0.96
N PHE A 75 2.75 9.68 -0.51
CA PHE A 75 2.67 10.87 -1.35
C PHE A 75 3.12 12.11 -0.58
N ALA A 76 4.09 12.84 -1.14
CA ALA A 76 4.60 14.05 -0.50
C ALA A 76 3.48 14.84 0.16
N CYS A 77 2.66 15.49 -0.66
CA CYS A 77 1.55 16.28 -0.15
C CYS A 77 0.23 15.81 -0.75
N GLU A 78 -0.88 16.39 -0.26
CA GLU A 78 -2.21 16.03 -0.75
C GLU A 78 -2.36 16.40 -2.22
N GLU A 79 -1.72 17.49 -2.62
CA GLU A 79 -1.79 17.97 -4.00
C GLU A 79 -1.72 16.79 -4.97
N TYR A 80 -0.79 15.88 -4.72
CA TYR A 80 -0.62 14.72 -5.58
C TYR A 80 -1.69 13.66 -5.30
N ALA A 81 -1.96 13.43 -4.02
CA ALA A 81 -2.98 12.45 -3.63
C ALA A 81 -4.28 12.69 -4.36
N GLN A 82 -4.80 13.91 -4.25
CA GLN A 82 -6.06 14.28 -4.90
C GLN A 82 -6.04 13.89 -6.37
N ASN A 83 -5.03 14.36 -7.09
CA ASN A 83 -4.89 14.06 -8.51
C ASN A 83 -4.89 12.56 -8.76
N ALA A 84 -4.46 11.80 -7.76
CA ALA A 84 -4.42 10.35 -7.86
C ALA A 84 -5.82 9.75 -7.70
N LEU A 85 -6.58 10.31 -6.78
CA LEU A 85 -7.93 9.82 -6.52
C LEU A 85 -8.78 9.82 -7.79
N ARG A 86 -8.57 10.85 -8.62
CA ARG A 86 -9.31 10.97 -9.87
C ARG A 86 -9.07 9.74 -10.76
N LYS A 87 -7.95 9.07 -10.54
CA LYS A 87 -7.61 7.88 -11.32
C LYS A 87 -8.41 6.68 -10.84
N HIS A 88 -9.24 6.88 -9.82
CA HIS A 88 -10.06 5.81 -9.28
C HIS A 88 -10.48 4.84 -10.38
N LYS A 89 -10.45 3.55 -10.08
CA LYS A 89 -10.83 2.52 -11.04
C LYS A 89 -9.92 2.55 -12.26
N ASP A 90 -8.69 3.05 -12.07
CA ASP A 90 -7.73 3.13 -13.16
C ASP A 90 -7.57 1.78 -13.85
N LEU A 91 -6.70 1.73 -14.84
CA LEU A 91 -6.46 0.50 -15.59
C LEU A 91 -4.97 0.32 -15.89
N LEU A 92 -4.34 -0.62 -15.19
CA LEU A 92 -2.92 -0.89 -15.38
C LEU A 92 -2.70 -2.32 -15.87
N GLY A 93 -2.19 -2.44 -17.10
CA GLY A 93 -1.93 -3.74 -17.68
C GLY A 93 -3.19 -4.58 -17.78
N LYS A 94 -4.31 -3.93 -18.09
CA LYS A 94 -5.58 -4.63 -18.22
C LYS A 94 -6.07 -5.13 -16.87
N ARG A 95 -6.12 -4.24 -15.88
CA ARG A 95 -6.56 -4.60 -14.55
C ARG A 95 -7.08 -3.37 -13.81
N TYR A 96 -8.37 -3.38 -13.48
CA TYR A 96 -8.99 -2.26 -12.78
C TYR A 96 -8.47 -2.17 -11.35
N ILE A 97 -8.14 -0.96 -10.92
CA ILE A 97 -7.63 -0.72 -9.58
C ILE A 97 -8.34 0.45 -8.91
N GLU A 98 -8.69 0.28 -7.65
CA GLU A 98 -9.38 1.32 -6.90
C GLU A 98 -8.37 2.23 -6.20
N LEU A 99 -8.87 3.32 -5.61
CA LEU A 99 -8.02 4.27 -4.92
C LEU A 99 -8.80 5.01 -3.84
N PHE A 100 -8.16 5.22 -2.68
CA PHE A 100 -8.80 5.92 -1.58
C PHE A 100 -7.76 6.47 -0.60
N ARG A 101 -7.80 7.77 -0.38
CA ARG A 101 -6.85 8.42 0.52
C ARG A 101 -6.98 7.87 1.93
N SER A 102 -5.91 7.27 2.43
CA SER A 102 -5.91 6.69 3.77
C SER A 102 -4.94 7.44 4.68
N THR A 103 -4.84 6.99 5.93
CA THR A 103 -3.95 7.62 6.90
C THR A 103 -3.04 6.59 7.55
N ALA A 104 -1.96 7.07 8.16
CA ALA A 104 -1.01 6.19 8.83
C ALA A 104 -1.72 5.23 9.79
N ALA A 105 -2.49 5.79 10.72
CA ALA A 105 -3.22 4.98 11.68
C ALA A 105 -4.02 3.88 10.99
N GLU A 106 -4.82 4.27 10.00
CA GLU A 106 -5.63 3.32 9.26
C GLU A 106 -4.79 2.14 8.80
N VAL A 107 -3.76 2.43 8.02
CA VAL A 107 -2.87 1.38 7.50
C VAL A 107 -2.63 0.30 8.55
N GLN A 108 -1.95 0.66 9.62
CA GLN A 108 -1.65 -0.28 10.70
C GLN A 108 -2.84 -1.22 10.94
N GLN A 109 -4.03 -0.63 11.07
CA GLN A 109 -5.23 -1.41 11.30
C GLN A 109 -5.48 -2.39 10.16
N VAL A 110 -5.33 -1.91 8.93
CA VAL A 110 -5.54 -2.75 7.76
C VAL A 110 -4.58 -3.93 7.75
N LEU A 111 -3.31 -3.66 8.04
CA LEU A 111 -2.29 -4.70 8.07
C LEU A 111 -2.66 -5.80 9.06
N ASN A 112 -3.01 -5.39 10.28
CA ASN A 112 -3.39 -6.35 11.32
C ASN A 112 -4.61 -7.15 10.90
N ARG A 113 -5.62 -6.46 10.40
CA ARG A 113 -6.85 -7.11 9.96
C ARG A 113 -6.55 -8.41 9.21
N PHE A 114 -5.56 -8.34 8.32
CA PHE A 114 -5.17 -9.50 7.53
C PHE A 114 -4.41 -10.51 8.38
N SER A 115 -3.55 -10.00 9.26
CA SER A 115 -2.76 -10.86 10.14
C SER A 115 -3.66 -11.71 11.03
N SER A 116 -4.56 -11.04 11.76
CA SER A 116 -5.47 -11.72 12.66
C SER A 116 -6.55 -12.46 11.87
N ALA A 117 -7.19 -11.75 10.94
CA ALA A 117 -8.24 -12.35 10.12
C ALA A 117 -9.19 -13.19 10.97
N SER A 118 -9.53 -12.70 12.15
CA SER A 118 -10.42 -13.40 13.06
C SER A 118 -11.65 -12.56 13.38
N GLY A 119 -12.65 -12.62 12.51
CA GLY A 119 -13.87 -11.87 12.72
C GLY A 119 -13.59 -10.43 13.12
N PRO A 120 -14.65 -9.70 13.52
CA PRO A 120 -16.01 -10.26 13.56
C PRO A 120 -16.58 -10.52 12.17
N SER A 121 -17.80 -11.02 12.13
CA SER A 121 -18.46 -11.32 10.85
C SER A 121 -19.00 -10.05 10.21
N SER A 122 -19.69 -9.24 11.01
CA SER A 122 -20.27 -7.99 10.52
C SER A 122 -21.07 -8.22 9.23
N GLY A 123 -21.84 -9.31 9.22
CA GLY A 123 -22.64 -9.64 8.05
C GLY A 123 -22.73 -11.12 7.80
N GLY A 1 -11.39 -10.55 23.62
CA GLY A 1 -11.90 -10.76 22.28
C GLY A 1 -10.85 -11.31 21.35
N SER A 2 -10.81 -10.78 20.13
CA SER A 2 -9.84 -11.21 19.12
C SER A 2 -8.45 -11.37 19.74
N SER A 3 -7.99 -12.61 19.86
CA SER A 3 -6.68 -12.89 20.43
C SER A 3 -5.81 -13.64 19.44
N GLY A 4 -4.50 -13.36 19.47
CA GLY A 4 -3.57 -14.02 18.56
C GLY A 4 -2.14 -13.90 19.02
N SER A 5 -1.27 -14.75 18.49
CA SER A 5 0.13 -14.75 18.85
C SER A 5 0.95 -13.90 17.87
N SER A 6 1.28 -12.68 18.28
CA SER A 6 2.05 -11.78 17.44
C SER A 6 3.55 -11.93 17.69
N GLY A 7 4.36 -11.49 16.73
CA GLY A 7 5.79 -11.60 16.87
C GLY A 7 6.54 -10.52 16.10
N GLY A 8 6.86 -10.81 14.84
CA GLY A 8 7.57 -9.86 14.02
C GLY A 8 7.75 -10.33 12.59
N GLY A 9 7.11 -9.63 11.66
CA GLY A 9 7.21 -10.01 10.26
C GLY A 9 7.47 -8.82 9.36
N THR A 10 6.41 -8.13 8.95
CA THR A 10 6.53 -6.97 8.08
C THR A 10 6.49 -5.68 8.88
N SER A 11 6.87 -5.76 10.15
CA SER A 11 6.88 -4.59 11.03
C SER A 11 8.14 -3.77 10.82
N ASN A 12 9.05 -4.28 9.99
CA ASN A 12 10.30 -3.60 9.72
C ASN A 12 10.19 -2.76 8.43
N GLU A 13 9.61 -3.36 7.40
CA GLU A 13 9.45 -2.68 6.12
C GLU A 13 8.35 -1.62 6.20
N VAL A 14 7.37 -1.86 7.08
CA VAL A 14 6.26 -0.94 7.26
C VAL A 14 6.67 0.26 8.12
N ALA A 15 7.39 -0.03 9.20
CA ALA A 15 7.84 1.01 10.11
C ALA A 15 8.32 2.24 9.35
N GLN A 16 9.31 2.04 8.47
CA GLN A 16 9.85 3.14 7.68
C GLN A 16 8.76 3.78 6.82
N PHE A 17 7.95 2.94 6.19
CA PHE A 17 6.88 3.41 5.31
C PHE A 17 5.99 4.41 6.06
N LEU A 18 5.67 4.09 7.31
CA LEU A 18 4.83 4.94 8.14
C LEU A 18 5.66 5.97 8.89
N SER A 19 6.96 5.72 8.97
CA SER A 19 7.87 6.63 9.66
C SER A 19 7.87 8.00 9.02
N LYS A 20 7.67 8.03 7.70
CA LYS A 20 7.63 9.29 6.96
C LYS A 20 6.51 10.19 7.46
N GLU A 21 6.85 11.42 7.82
CA GLU A 21 5.88 12.38 8.31
C GLU A 21 5.51 13.39 7.22
N ASN A 22 4.29 13.92 7.31
CA ASN A 22 3.81 14.90 6.33
C ASN A 22 3.59 14.24 4.98
N GLN A 23 3.08 13.02 5.00
CA GLN A 23 2.81 12.29 3.76
C GLN A 23 1.38 11.75 3.74
N VAL A 24 0.79 11.71 2.55
CA VAL A 24 -0.58 11.23 2.40
C VAL A 24 -0.59 9.79 1.89
N ILE A 25 -0.93 8.86 2.78
CA ILE A 25 -0.98 7.44 2.43
C ILE A 25 -2.25 7.13 1.65
N VAL A 26 -2.11 6.29 0.62
CA VAL A 26 -3.24 5.90 -0.21
C VAL A 26 -3.41 4.38 -0.23
N ARG A 27 -4.64 3.92 0.00
CA ARG A 27 -4.93 2.50 0.01
C ARG A 27 -5.29 2.01 -1.39
N MET A 28 -4.43 1.17 -1.96
CA MET A 28 -4.66 0.64 -3.29
C MET A 28 -5.27 -0.76 -3.22
N ARG A 29 -6.39 -0.95 -3.90
CA ARG A 29 -7.07 -2.24 -3.92
C ARG A 29 -7.25 -2.75 -5.34
N GLY A 30 -7.42 -4.06 -5.48
CA GLY A 30 -7.60 -4.65 -6.79
C GLY A 30 -6.31 -4.69 -7.59
N LEU A 31 -5.18 -4.63 -6.89
CA LEU A 31 -3.88 -4.66 -7.54
C LEU A 31 -3.54 -6.06 -8.04
N PRO A 32 -3.18 -6.17 -9.33
CA PRO A 32 -2.83 -7.44 -9.96
C PRO A 32 -1.84 -8.24 -9.11
N PHE A 33 -1.94 -9.57 -9.20
CA PHE A 33 -1.05 -10.45 -8.45
C PHE A 33 0.40 -10.25 -8.88
N THR A 34 0.60 -9.78 -10.11
CA THR A 34 1.94 -9.55 -10.63
C THR A 34 2.39 -8.12 -10.34
N ALA A 35 1.43 -7.21 -10.20
CA ALA A 35 1.73 -5.82 -9.92
C ALA A 35 2.81 -5.68 -8.85
N THR A 36 3.86 -4.95 -9.15
CA THR A 36 4.96 -4.74 -8.22
C THR A 36 5.22 -3.26 -7.99
N ALA A 37 6.16 -2.96 -7.10
CA ALA A 37 6.50 -1.58 -6.79
C ALA A 37 6.93 -0.82 -8.04
N GLU A 38 7.64 -1.52 -8.93
CA GLU A 38 8.11 -0.91 -10.17
C GLU A 38 6.94 -0.60 -11.10
N GLU A 39 5.78 -1.18 -10.81
CA GLU A 39 4.59 -0.96 -11.63
C GLU A 39 3.81 0.26 -11.12
N VAL A 40 4.02 0.60 -9.86
CA VAL A 40 3.34 1.74 -9.25
C VAL A 40 4.07 3.05 -9.56
N VAL A 41 5.36 3.08 -9.27
CA VAL A 41 6.18 4.26 -9.52
C VAL A 41 5.74 4.97 -10.80
N ALA A 42 5.56 4.20 -11.87
CA ALA A 42 5.14 4.75 -13.15
C ALA A 42 3.66 5.10 -13.13
N PHE A 43 2.87 4.29 -12.45
CA PHE A 43 1.42 4.52 -12.36
C PHE A 43 1.13 5.97 -11.97
N PHE A 44 1.64 6.39 -10.81
CA PHE A 44 1.43 7.75 -10.34
C PHE A 44 2.56 8.67 -10.80
N GLY A 45 3.71 8.06 -11.12
CA GLY A 45 4.85 8.84 -11.55
C GLY A 45 4.50 9.84 -12.64
N GLN A 46 3.37 9.61 -13.30
CA GLN A 46 2.91 10.51 -14.36
C GLN A 46 2.79 11.95 -13.87
N HIS A 47 1.74 12.21 -13.09
CA HIS A 47 1.52 13.54 -12.55
C HIS A 47 1.55 13.52 -11.02
N CYS A 48 1.66 12.32 -10.46
CA CYS A 48 1.71 12.17 -9.01
C CYS A 48 2.92 11.35 -8.59
N PRO A 49 4.06 12.02 -8.41
CA PRO A 49 5.32 11.37 -8.02
C PRO A 49 5.28 10.88 -6.58
N ILE A 50 5.73 9.64 -6.37
CA ILE A 50 5.74 9.04 -5.04
C ILE A 50 7.01 9.43 -4.29
N THR A 51 6.89 9.59 -2.97
CA THR A 51 8.02 9.96 -2.13
C THR A 51 8.97 8.78 -1.94
N GLY A 52 10.12 8.85 -2.60
CA GLY A 52 11.09 7.78 -2.49
C GLY A 52 10.95 6.75 -3.58
N GLY A 53 9.77 6.68 -4.18
CA GLY A 53 9.53 5.73 -5.25
C GLY A 53 9.26 4.33 -4.73
N LYS A 54 10.07 3.37 -5.18
CA LYS A 54 9.93 1.99 -4.75
C LYS A 54 9.96 1.88 -3.23
N GLU A 55 10.52 2.89 -2.58
CA GLU A 55 10.62 2.91 -1.12
C GLU A 55 9.34 3.46 -0.50
N GLY A 56 8.62 4.28 -1.27
CA GLY A 56 7.38 4.86 -0.78
C GLY A 56 6.16 4.03 -1.14
N ILE A 57 6.30 2.71 -1.05
CA ILE A 57 5.21 1.80 -1.38
C ILE A 57 5.19 0.60 -0.44
N LEU A 58 4.00 0.03 -0.25
CA LEU A 58 3.85 -1.12 0.63
C LEU A 58 2.76 -2.06 0.11
N PHE A 59 3.17 -3.23 -0.36
CA PHE A 59 2.23 -4.21 -0.89
C PHE A 59 1.80 -5.20 0.21
N VAL A 60 0.55 -5.09 0.62
CA VAL A 60 0.01 -5.96 1.66
C VAL A 60 -0.17 -7.39 1.14
N THR A 61 0.38 -8.36 1.87
CA THR A 61 0.28 -9.76 1.48
C THR A 61 -0.13 -10.62 2.67
N TYR A 62 -0.96 -11.63 2.40
CA TYR A 62 -1.42 -12.54 3.44
C TYR A 62 -0.25 -13.09 4.25
N PRO A 63 -0.55 -13.57 5.48
CA PRO A 63 0.47 -14.13 6.37
C PRO A 63 1.00 -15.46 5.87
N ASP A 64 0.54 -15.88 4.70
CA ASP A 64 0.97 -17.14 4.10
C ASP A 64 1.80 -16.89 2.85
N GLY A 65 1.63 -15.72 2.25
CA GLY A 65 2.36 -15.38 1.05
C GLY A 65 1.46 -15.14 -0.14
N ARG A 66 0.15 -15.06 0.12
CA ARG A 66 -0.82 -14.84 -0.93
C ARG A 66 -1.12 -13.35 -1.08
N PRO A 67 -1.29 -12.91 -2.35
CA PRO A 67 -1.57 -11.50 -2.66
C PRO A 67 -2.97 -11.08 -2.22
N THR A 68 -3.04 -10.29 -1.15
CA THR A 68 -4.31 -9.82 -0.63
C THR A 68 -5.00 -8.88 -1.62
N GLY A 69 -4.20 -8.27 -2.48
CA GLY A 69 -4.74 -7.36 -3.47
C GLY A 69 -4.68 -5.91 -3.02
N ASP A 70 -4.60 -5.70 -1.70
CA ASP A 70 -4.53 -4.36 -1.15
C ASP A 70 -3.08 -3.91 -1.02
N ALA A 71 -2.88 -2.59 -0.98
CA ALA A 71 -1.54 -2.02 -0.86
C ALA A 71 -1.60 -0.59 -0.33
N PHE A 72 -0.43 0.01 -0.15
CA PHE A 72 -0.35 1.38 0.34
C PHE A 72 0.79 2.14 -0.33
N VAL A 73 0.59 3.44 -0.55
CA VAL A 73 1.61 4.27 -1.19
C VAL A 73 1.83 5.56 -0.41
N LEU A 74 2.96 6.21 -0.66
CA LEU A 74 3.28 7.47 0.03
C LEU A 74 3.25 8.63 -0.95
N PHE A 75 2.67 9.75 -0.51
CA PHE A 75 2.58 10.95 -1.35
C PHE A 75 3.07 12.18 -0.59
N ALA A 76 3.75 13.06 -1.30
CA ALA A 76 4.27 14.29 -0.70
C ALA A 76 3.20 15.02 0.08
N CYS A 77 2.14 15.44 -0.61
CA CYS A 77 1.04 16.15 0.02
C CYS A 77 -0.26 15.94 -0.75
N GLU A 78 -1.35 16.47 -0.21
CA GLU A 78 -2.66 16.34 -0.85
C GLU A 78 -2.58 16.72 -2.32
N GLU A 79 -1.69 17.65 -2.64
CA GLU A 79 -1.52 18.10 -4.01
C GLU A 79 -1.32 16.92 -4.96
N TYR A 80 -0.63 15.90 -4.48
CA TYR A 80 -0.37 14.71 -5.28
C TYR A 80 -1.44 13.65 -5.05
N ALA A 81 -1.84 13.49 -3.80
CA ALA A 81 -2.88 12.51 -3.45
C ALA A 81 -4.16 12.77 -4.23
N GLN A 82 -4.67 14.00 -4.14
CA GLN A 82 -5.90 14.36 -4.84
C GLN A 82 -5.82 13.97 -6.30
N ASN A 83 -4.76 14.39 -6.97
CA ASN A 83 -4.57 14.08 -8.38
C ASN A 83 -4.56 12.58 -8.62
N ALA A 84 -4.23 11.83 -7.58
CA ALA A 84 -4.17 10.37 -7.67
C ALA A 84 -5.57 9.77 -7.56
N LEU A 85 -6.35 10.25 -6.60
CA LEU A 85 -7.71 9.75 -6.40
C LEU A 85 -8.50 9.81 -7.69
N ARG A 86 -8.25 10.83 -8.50
CA ARG A 86 -8.94 10.99 -9.77
C ARG A 86 -8.77 9.77 -10.65
N LYS A 87 -7.64 9.08 -10.48
CA LYS A 87 -7.33 7.89 -11.27
C LYS A 87 -8.16 6.70 -10.78
N HIS A 88 -8.97 6.93 -9.75
CA HIS A 88 -9.81 5.89 -9.19
C HIS A 88 -10.27 4.92 -10.27
N LYS A 89 -10.31 3.63 -9.94
CA LYS A 89 -10.73 2.60 -10.89
C LYS A 89 -9.82 2.59 -12.11
N ASP A 90 -8.58 3.03 -11.92
CA ASP A 90 -7.61 3.07 -13.02
C ASP A 90 -7.50 1.70 -13.69
N LEU A 91 -6.67 1.62 -14.73
CA LEU A 91 -6.47 0.37 -15.45
C LEU A 91 -5.00 0.14 -15.75
N LEU A 92 -4.37 -0.77 -15.01
CA LEU A 92 -2.96 -1.09 -15.20
C LEU A 92 -2.79 -2.51 -15.71
N GLY A 93 -2.27 -2.63 -16.93
CA GLY A 93 -2.05 -3.94 -17.52
C GLY A 93 -3.34 -4.74 -17.64
N LYS A 94 -4.43 -4.06 -17.95
CA LYS A 94 -5.73 -4.71 -18.10
C LYS A 94 -6.24 -5.19 -16.75
N ARG A 95 -6.28 -4.29 -15.77
CA ARG A 95 -6.76 -4.63 -14.44
C ARG A 95 -7.26 -3.39 -13.71
N TYR A 96 -8.54 -3.38 -13.38
CA TYR A 96 -9.15 -2.24 -12.69
C TYR A 96 -8.63 -2.15 -11.25
N ILE A 97 -8.26 -0.94 -10.84
CA ILE A 97 -7.75 -0.71 -9.50
C ILE A 97 -8.43 0.50 -8.85
N GLU A 98 -8.81 0.34 -7.58
CA GLU A 98 -9.47 1.41 -6.84
C GLU A 98 -8.44 2.32 -6.19
N LEU A 99 -8.93 3.35 -5.50
CA LEU A 99 -8.05 4.30 -4.82
C LEU A 99 -8.81 5.03 -3.70
N PHE A 100 -8.18 5.10 -2.53
CA PHE A 100 -8.78 5.77 -1.38
C PHE A 100 -7.72 6.27 -0.42
N ARG A 101 -7.74 7.57 -0.15
CA ARG A 101 -6.77 8.18 0.76
C ARG A 101 -6.86 7.55 2.15
N SER A 102 -5.77 6.90 2.56
CA SER A 102 -5.73 6.26 3.87
C SER A 102 -4.90 7.08 4.85
N THR A 103 -4.88 6.64 6.10
CA THR A 103 -4.13 7.34 7.15
C THR A 103 -3.19 6.38 7.88
N ALA A 104 -2.07 6.91 8.37
CA ALA A 104 -1.10 6.11 9.10
C ALA A 104 -1.79 5.12 10.02
N ALA A 105 -2.58 5.64 10.95
CA ALA A 105 -3.30 4.80 11.91
C ALA A 105 -4.10 3.71 11.18
N GLU A 106 -4.89 4.12 10.20
CA GLU A 106 -5.71 3.18 9.43
C GLU A 106 -4.85 2.04 8.89
N VAL A 107 -3.83 2.39 8.12
CA VAL A 107 -2.94 1.40 7.53
C VAL A 107 -2.70 0.24 8.50
N GLN A 108 -2.15 0.55 9.67
CA GLN A 108 -1.86 -0.46 10.68
C GLN A 108 -3.10 -1.34 10.92
N GLN A 109 -4.26 -0.71 10.96
CA GLN A 109 -5.51 -1.43 11.19
C GLN A 109 -5.86 -2.31 9.99
N VAL A 110 -5.27 -2.00 8.84
CA VAL A 110 -5.52 -2.76 7.62
C VAL A 110 -4.55 -3.93 7.49
N LEU A 111 -3.37 -3.77 8.11
CA LEU A 111 -2.36 -4.82 8.06
C LEU A 111 -2.64 -5.89 9.10
N ASN A 112 -3.09 -5.48 10.27
CA ASN A 112 -3.40 -6.41 11.36
C ASN A 112 -4.59 -7.29 10.98
N ARG A 113 -5.63 -6.67 10.45
CA ARG A 113 -6.83 -7.41 10.05
C ARG A 113 -6.47 -8.64 9.23
N PHE A 114 -5.61 -8.45 8.23
CA PHE A 114 -5.18 -9.55 7.38
C PHE A 114 -4.40 -10.59 8.17
N SER A 115 -3.52 -10.11 9.05
CA SER A 115 -2.70 -11.00 9.87
C SER A 115 -3.55 -11.68 10.94
N SER A 116 -3.12 -12.88 11.34
CA SER A 116 -3.83 -13.64 12.36
C SER A 116 -5.34 -13.52 12.17
N ALA A 117 -5.77 -13.39 10.92
CA ALA A 117 -7.18 -13.25 10.60
C ALA A 117 -7.95 -14.52 10.96
N SER A 118 -9.13 -14.35 11.54
CA SER A 118 -9.96 -15.48 11.94
C SER A 118 -11.23 -15.53 11.10
N GLY A 119 -11.97 -14.43 11.06
CA GLY A 119 -13.20 -14.38 10.30
C GLY A 119 -14.32 -15.16 10.95
N PRO A 120 -15.41 -15.37 10.20
CA PRO A 120 -15.54 -14.88 8.83
C PRO A 120 -15.67 -13.36 8.77
N SER A 121 -16.44 -12.80 9.70
CA SER A 121 -16.64 -11.35 9.74
C SER A 121 -15.71 -10.70 10.77
N SER A 122 -15.77 -11.18 12.00
CA SER A 122 -14.93 -10.65 13.07
C SER A 122 -13.60 -11.39 13.14
N GLY A 123 -12.51 -10.63 13.10
CA GLY A 123 -11.18 -11.23 13.16
C GLY A 123 -10.96 -12.01 14.45
N GLY A 1 15.94 -3.84 15.74
CA GLY A 1 15.31 -5.10 16.11
C GLY A 1 15.97 -6.29 15.43
N SER A 2 16.17 -7.36 16.20
CA SER A 2 16.79 -8.57 15.67
C SER A 2 16.05 -9.07 14.43
N SER A 3 16.80 -9.33 13.37
CA SER A 3 16.21 -9.82 12.12
C SER A 3 16.34 -11.33 12.02
N GLY A 4 15.20 -12.03 12.09
CA GLY A 4 15.20 -13.47 12.01
C GLY A 4 15.16 -13.96 10.57
N SER A 5 14.29 -13.37 9.76
CA SER A 5 14.15 -13.75 8.36
C SER A 5 13.72 -12.56 7.51
N SER A 6 14.19 -12.52 6.27
CA SER A 6 13.85 -11.44 5.36
C SER A 6 12.36 -11.14 5.40
N GLY A 7 11.55 -12.19 5.41
CA GLY A 7 10.11 -12.02 5.45
C GLY A 7 9.59 -11.82 6.86
N GLY A 8 9.52 -12.91 7.62
CA GLY A 8 9.04 -12.82 8.99
C GLY A 8 7.83 -11.91 9.12
N GLY A 9 8.05 -10.73 9.69
CA GLY A 9 6.96 -9.78 9.86
C GLY A 9 7.11 -8.56 8.98
N THR A 10 6.01 -7.83 8.81
CA THR A 10 6.02 -6.63 7.98
C THR A 10 6.33 -5.39 8.81
N SER A 11 5.80 -5.34 10.02
CA SER A 11 6.03 -4.21 10.92
C SER A 11 7.43 -3.65 10.74
N ASN A 12 8.38 -4.53 10.47
CA ASN A 12 9.77 -4.12 10.27
C ASN A 12 9.90 -3.17 9.09
N GLU A 13 9.45 -3.62 7.93
CA GLU A 13 9.52 -2.81 6.71
C GLU A 13 8.54 -1.64 6.79
N VAL A 14 7.39 -1.87 7.41
CA VAL A 14 6.37 -0.84 7.56
C VAL A 14 6.88 0.32 8.40
N ALA A 15 7.68 0.00 9.42
CA ALA A 15 8.23 1.02 10.30
C ALA A 15 8.64 2.26 9.52
N GLN A 16 9.61 2.11 8.63
CA GLN A 16 10.08 3.22 7.82
C GLN A 16 8.95 3.84 7.02
N PHE A 17 8.17 2.98 6.34
CA PHE A 17 7.05 3.45 5.54
C PHE A 17 6.20 4.45 6.32
N LEU A 18 5.98 4.16 7.59
CA LEU A 18 5.18 5.04 8.44
C LEU A 18 6.02 6.17 9.01
N SER A 19 7.30 5.88 9.24
CA SER A 19 8.22 6.87 9.79
C SER A 19 8.10 8.20 9.05
N LYS A 20 7.97 8.11 7.73
CA LYS A 20 7.84 9.31 6.90
C LYS A 20 6.97 10.37 7.59
N GLU A 21 7.48 11.59 7.66
CA GLU A 21 6.76 12.69 8.29
C GLU A 21 6.30 13.70 7.25
N ASN A 22 5.04 14.12 7.35
CA ASN A 22 4.48 15.09 6.42
C ASN A 22 4.22 14.45 5.06
N GLN A 23 3.65 13.24 5.08
CA GLN A 23 3.35 12.52 3.85
C GLN A 23 1.90 12.04 3.85
N VAL A 24 1.44 11.60 2.68
CA VAL A 24 0.06 11.11 2.54
C VAL A 24 0.04 9.65 2.12
N ILE A 25 -0.90 8.90 2.68
CA ILE A 25 -1.03 7.48 2.36
C ILE A 25 -2.31 7.21 1.58
N VAL A 26 -2.24 6.27 0.65
CA VAL A 26 -3.40 5.91 -0.17
C VAL A 26 -3.65 4.41 -0.13
N ARG A 27 -4.92 4.04 0.06
CA ARG A 27 -5.30 2.63 0.11
C ARG A 27 -5.68 2.11 -1.26
N MET A 28 -4.88 1.21 -1.80
CA MET A 28 -5.14 0.64 -3.12
C MET A 28 -5.77 -0.75 -2.99
N ARG A 29 -6.59 -1.10 -3.97
CA ARG A 29 -7.26 -2.40 -3.97
C ARG A 29 -7.44 -2.91 -5.39
N GLY A 30 -7.12 -4.19 -5.59
CA GLY A 30 -7.26 -4.79 -6.91
C GLY A 30 -5.96 -4.79 -7.68
N LEU A 31 -4.85 -4.63 -6.97
CA LEU A 31 -3.53 -4.61 -7.59
C LEU A 31 -3.14 -6.00 -8.10
N PRO A 32 -2.89 -6.11 -9.41
CA PRO A 32 -2.51 -7.37 -10.05
C PRO A 32 -1.40 -8.09 -9.28
N PHE A 33 -1.60 -9.38 -9.04
CA PHE A 33 -0.62 -10.18 -8.32
C PHE A 33 0.81 -9.77 -8.70
N THR A 34 1.06 -9.69 -10.01
CA THR A 34 2.37 -9.32 -10.51
C THR A 34 2.69 -7.86 -10.19
N ALA A 35 1.71 -6.99 -10.43
CA ALA A 35 1.88 -5.56 -10.16
C ALA A 35 2.74 -5.33 -8.92
N THR A 36 3.95 -4.80 -9.13
CA THR A 36 4.86 -4.53 -8.03
C THR A 36 5.12 -3.04 -7.89
N ALA A 37 6.00 -2.69 -6.95
CA ALA A 37 6.34 -1.28 -6.72
C ALA A 37 6.71 -0.58 -8.03
N GLU A 38 7.57 -1.23 -8.80
CA GLU A 38 8.01 -0.66 -10.08
C GLU A 38 6.80 -0.26 -10.94
N GLU A 39 5.77 -1.09 -10.92
CA GLU A 39 4.57 -0.82 -11.69
C GLU A 39 3.85 0.43 -11.18
N VAL A 40 3.87 0.61 -9.85
CA VAL A 40 3.23 1.75 -9.23
C VAL A 40 3.97 3.04 -9.54
N VAL A 41 5.28 3.04 -9.33
CA VAL A 41 6.11 4.20 -9.60
C VAL A 41 5.61 4.96 -10.82
N ALA A 42 5.41 4.25 -11.92
CA ALA A 42 4.93 4.86 -13.15
C ALA A 42 3.44 5.16 -13.07
N PHE A 43 2.67 4.24 -12.50
CA PHE A 43 1.23 4.41 -12.36
C PHE A 43 0.89 5.84 -11.96
N PHE A 44 1.38 6.25 -10.79
CA PHE A 44 1.13 7.60 -10.29
C PHE A 44 2.26 8.55 -10.69
N GLY A 45 3.42 7.98 -11.01
CA GLY A 45 4.55 8.79 -11.41
C GLY A 45 4.19 9.80 -12.48
N GLN A 46 3.06 9.59 -13.14
CA GLN A 46 2.61 10.49 -14.19
C GLN A 46 2.47 11.91 -13.67
N HIS A 47 1.42 12.13 -12.86
CA HIS A 47 1.16 13.45 -12.29
C HIS A 47 1.24 13.40 -10.77
N CYS A 48 1.29 12.19 -10.22
CA CYS A 48 1.36 12.01 -8.77
C CYS A 48 2.56 11.15 -8.39
N PRO A 49 3.73 11.79 -8.25
CA PRO A 49 4.97 11.11 -7.88
C PRO A 49 4.95 10.60 -6.44
N ILE A 50 5.61 9.47 -6.20
CA ILE A 50 5.66 8.89 -4.87
C ILE A 50 6.97 9.24 -4.18
N THR A 51 6.90 9.46 -2.86
CA THR A 51 8.08 9.81 -2.08
C THR A 51 9.04 8.63 -2.00
N GLY A 52 10.10 8.68 -2.81
CA GLY A 52 11.08 7.62 -2.81
C GLY A 52 10.77 6.54 -3.84
N GLY A 53 9.57 6.58 -4.39
CA GLY A 53 9.17 5.60 -5.38
C GLY A 53 9.02 4.21 -4.79
N LYS A 54 9.75 3.25 -5.36
CA LYS A 54 9.69 1.87 -4.88
C LYS A 54 9.84 1.82 -3.36
N GLU A 55 10.57 2.77 -2.80
CA GLU A 55 10.79 2.83 -1.36
C GLU A 55 9.55 3.33 -0.64
N GLY A 56 8.79 4.19 -1.31
CA GLY A 56 7.58 4.73 -0.71
C GLY A 56 6.35 3.94 -1.09
N ILE A 57 6.47 2.61 -1.10
CA ILE A 57 5.35 1.75 -1.45
C ILE A 57 5.31 0.51 -0.55
N LEU A 58 4.10 0.02 -0.28
CA LEU A 58 3.93 -1.15 0.56
C LEU A 58 2.81 -2.05 0.03
N PHE A 59 3.12 -3.32 -0.16
CA PHE A 59 2.15 -4.28 -0.67
C PHE A 59 1.66 -5.20 0.45
N VAL A 60 0.35 -5.18 0.69
CA VAL A 60 -0.24 -6.01 1.73
C VAL A 60 -0.40 -7.45 1.26
N THR A 61 -0.01 -8.40 2.11
CA THR A 61 -0.12 -9.81 1.78
C THR A 61 -0.61 -10.63 2.98
N TYR A 62 -1.53 -11.54 2.71
CA TYR A 62 -2.08 -12.39 3.78
C TYR A 62 -0.98 -12.95 4.66
N PRO A 63 -1.36 -13.35 5.88
CA PRO A 63 -0.41 -13.91 6.85
C PRO A 63 0.09 -15.29 6.45
N ASP A 64 -0.33 -15.75 5.27
CA ASP A 64 0.07 -17.06 4.77
C ASP A 64 0.96 -16.91 3.53
N GLY A 65 0.90 -15.74 2.90
CA GLY A 65 1.71 -15.49 1.72
C GLY A 65 0.86 -15.16 0.50
N ARG A 66 -0.45 -15.22 0.67
CA ARG A 66 -1.37 -14.91 -0.42
C ARG A 66 -1.50 -13.41 -0.64
N PRO A 67 -1.56 -13.00 -1.92
CA PRO A 67 -1.67 -11.58 -2.29
C PRO A 67 -3.04 -11.00 -1.93
N THR A 68 -3.09 -10.24 -0.84
CA THR A 68 -4.33 -9.63 -0.39
C THR A 68 -4.88 -8.67 -1.43
N GLY A 69 -4.05 -8.34 -2.42
CA GLY A 69 -4.48 -7.43 -3.48
C GLY A 69 -4.36 -5.98 -3.07
N ASP A 70 -4.70 -5.68 -1.83
CA ASP A 70 -4.62 -4.32 -1.31
C ASP A 70 -3.17 -3.88 -1.14
N ALA A 71 -2.96 -2.57 -1.06
CA ALA A 71 -1.62 -2.02 -0.89
C ALA A 71 -1.67 -0.59 -0.34
N PHE A 72 -0.50 0.02 -0.19
CA PHE A 72 -0.42 1.38 0.32
C PHE A 72 0.76 2.12 -0.30
N VAL A 73 0.55 3.38 -0.68
CA VAL A 73 1.59 4.19 -1.27
C VAL A 73 1.80 5.49 -0.49
N LEU A 74 2.91 6.16 -0.77
CA LEU A 74 3.23 7.42 -0.08
C LEU A 74 3.28 8.57 -1.08
N PHE A 75 2.86 9.75 -0.63
CA PHE A 75 2.86 10.94 -1.47
C PHE A 75 3.44 12.14 -0.73
N ALA A 76 4.03 13.06 -1.48
CA ALA A 76 4.62 14.26 -0.89
C ALA A 76 3.58 15.08 -0.14
N CYS A 77 2.54 15.51 -0.85
CA CYS A 77 1.47 16.30 -0.25
C CYS A 77 0.12 15.95 -0.88
N GLU A 78 -0.94 16.58 -0.37
CA GLU A 78 -2.28 16.34 -0.88
C GLU A 78 -2.36 16.65 -2.37
N GLU A 79 -1.63 17.68 -2.79
CA GLU A 79 -1.63 18.07 -4.20
C GLU A 79 -1.54 16.86 -5.11
N TYR A 80 -0.75 15.87 -4.70
CA TYR A 80 -0.58 14.65 -5.49
C TYR A 80 -1.57 13.58 -5.04
N ALA A 81 -1.86 13.55 -3.75
CA ALA A 81 -2.79 12.57 -3.19
C ALA A 81 -4.18 12.73 -3.80
N GLN A 82 -4.76 13.91 -3.62
CA GLN A 82 -6.10 14.19 -4.15
C GLN A 82 -6.11 14.06 -5.66
N ASN A 83 -5.03 14.47 -6.30
CA ASN A 83 -4.93 14.41 -7.76
C ASN A 83 -4.85 12.95 -8.23
N ALA A 84 -4.41 12.07 -7.34
CA ALA A 84 -4.29 10.66 -7.66
C ALA A 84 -5.64 9.95 -7.56
N LEU A 85 -6.47 10.42 -6.65
CA LEU A 85 -7.80 9.84 -6.44
C LEU A 85 -8.59 9.86 -7.74
N ARG A 86 -8.34 10.86 -8.58
CA ARG A 86 -9.05 10.99 -9.85
C ARG A 86 -8.80 9.76 -10.73
N LYS A 87 -7.75 9.01 -10.41
CA LYS A 87 -7.40 7.82 -11.16
C LYS A 87 -8.24 6.63 -10.71
N HIS A 88 -9.11 6.85 -9.73
CA HIS A 88 -9.97 5.80 -9.23
C HIS A 88 -10.39 4.85 -10.34
N LYS A 89 -10.36 3.55 -10.04
CA LYS A 89 -10.74 2.54 -11.02
C LYS A 89 -9.85 2.61 -12.26
N ASP A 90 -8.57 2.92 -12.04
CA ASP A 90 -7.62 3.03 -13.14
C ASP A 90 -7.45 1.69 -13.84
N LEU A 91 -6.55 1.65 -14.82
CA LEU A 91 -6.29 0.43 -15.57
C LEU A 91 -4.80 0.24 -15.80
N LEU A 92 -4.25 -0.85 -15.25
CA LEU A 92 -2.84 -1.14 -15.40
C LEU A 92 -2.63 -2.56 -15.94
N GLY A 93 -2.13 -2.65 -17.17
CA GLY A 93 -1.89 -3.95 -17.78
C GLY A 93 -3.15 -4.78 -17.89
N LYS A 94 -4.27 -4.11 -18.16
CA LYS A 94 -5.56 -4.79 -18.30
C LYS A 94 -6.07 -5.27 -16.93
N ARG A 95 -6.11 -4.36 -15.98
CA ARG A 95 -6.58 -4.69 -14.63
C ARG A 95 -7.09 -3.45 -13.92
N TYR A 96 -8.39 -3.43 -13.62
CA TYR A 96 -9.01 -2.30 -12.93
C TYR A 96 -8.51 -2.20 -11.49
N ILE A 97 -8.21 -0.98 -11.06
CA ILE A 97 -7.73 -0.74 -9.71
C ILE A 97 -8.46 0.42 -9.05
N GLU A 98 -8.93 0.20 -7.83
CA GLU A 98 -9.66 1.24 -7.10
C GLU A 98 -8.71 2.05 -6.23
N LEU A 99 -9.16 3.22 -5.81
CA LEU A 99 -8.34 4.10 -4.97
C LEU A 99 -9.19 4.70 -3.84
N PHE A 100 -8.60 4.79 -2.65
CA PHE A 100 -9.30 5.36 -1.50
C PHE A 100 -8.30 5.95 -0.51
N ARG A 101 -8.54 7.19 -0.11
CA ARG A 101 -7.66 7.87 0.83
C ARG A 101 -7.30 6.95 1.99
N SER A 102 -6.14 7.21 2.60
CA SER A 102 -5.68 6.40 3.73
C SER A 102 -4.77 7.22 4.64
N THR A 103 -4.62 6.75 5.88
CA THR A 103 -3.78 7.44 6.85
C THR A 103 -2.95 6.45 7.66
N ALA A 104 -1.85 6.92 8.23
CA ALA A 104 -0.97 6.09 9.04
C ALA A 104 -1.77 5.08 9.85
N ALA A 105 -2.66 5.59 10.71
CA ALA A 105 -3.49 4.74 11.54
C ALA A 105 -4.24 3.70 10.72
N GLU A 106 -5.01 4.18 9.74
CA GLU A 106 -5.77 3.29 8.87
C GLU A 106 -4.93 2.11 8.42
N VAL A 107 -3.75 2.41 7.88
CA VAL A 107 -2.84 1.36 7.40
C VAL A 107 -2.70 0.25 8.43
N GLN A 108 -2.09 0.58 9.57
CA GLN A 108 -1.88 -0.39 10.63
C GLN A 108 -3.14 -1.24 10.85
N GLN A 109 -4.28 -0.57 10.98
CA GLN A 109 -5.55 -1.26 11.19
C GLN A 109 -5.85 -2.20 10.03
N VAL A 110 -5.38 -1.84 8.84
CA VAL A 110 -5.60 -2.65 7.65
C VAL A 110 -4.70 -3.88 7.65
N LEU A 111 -3.47 -3.71 8.13
CA LEU A 111 -2.51 -4.80 8.18
C LEU A 111 -2.93 -5.85 9.20
N ASN A 112 -3.49 -5.40 10.31
CA ASN A 112 -3.95 -6.30 11.37
C ASN A 112 -5.12 -7.15 10.88
N ARG A 113 -6.20 -6.49 10.50
CA ARG A 113 -7.40 -7.18 10.02
C ARG A 113 -7.01 -8.35 9.11
N PHE A 114 -5.97 -8.16 8.30
CA PHE A 114 -5.52 -9.19 7.39
C PHE A 114 -4.61 -10.19 8.12
N SER A 115 -3.59 -9.67 8.78
CA SER A 115 -2.64 -10.51 9.51
C SER A 115 -3.38 -11.44 10.47
N SER A 116 -4.15 -10.86 11.38
CA SER A 116 -4.90 -11.63 12.37
C SER A 116 -6.29 -11.98 11.83
N ALA A 117 -6.39 -13.11 11.14
CA ALA A 117 -7.66 -13.55 10.59
C ALA A 117 -8.13 -14.84 11.25
N SER A 118 -7.20 -15.76 11.47
CA SER A 118 -7.54 -17.04 12.10
C SER A 118 -6.57 -17.34 13.25
N GLY A 119 -7.13 -17.69 14.40
CA GLY A 119 -6.31 -17.99 15.56
C GLY A 119 -5.86 -16.75 16.30
N PRO A 120 -6.74 -16.22 17.17
CA PRO A 120 -8.07 -16.80 17.40
C PRO A 120 -8.99 -16.63 16.21
N SER A 121 -10.17 -17.24 16.29
CA SER A 121 -11.15 -17.15 15.21
C SER A 121 -12.51 -16.74 15.74
N SER A 122 -13.34 -16.17 14.87
CA SER A 122 -14.67 -15.73 15.26
C SER A 122 -15.50 -16.90 15.78
N GLY A 123 -16.11 -16.70 16.95
CA GLY A 123 -16.94 -17.74 17.53
C GLY A 123 -18.14 -18.09 16.68
N GLY A 1 2.73 -19.61 10.16
CA GLY A 1 2.54 -18.28 10.71
C GLY A 1 3.61 -17.90 11.69
N SER A 2 4.69 -17.32 11.19
CA SER A 2 5.81 -16.90 12.05
C SER A 2 6.03 -15.39 11.96
N SER A 3 6.38 -14.79 13.09
CA SER A 3 6.62 -13.35 13.16
C SER A 3 8.10 -13.05 13.29
N GLY A 4 8.56 -11.99 12.62
CA GLY A 4 9.96 -11.62 12.68
C GLY A 4 10.55 -11.38 11.31
N SER A 5 11.85 -11.61 11.19
CA SER A 5 12.55 -11.42 9.92
C SER A 5 12.19 -12.51 8.93
N SER A 6 12.16 -13.75 9.41
CA SER A 6 11.84 -14.90 8.56
C SER A 6 10.34 -15.20 8.61
N GLY A 7 9.80 -15.68 7.49
CA GLY A 7 8.39 -16.00 7.43
C GLY A 7 7.57 -14.87 6.83
N GLY A 8 6.81 -14.18 7.69
CA GLY A 8 5.98 -13.08 7.22
C GLY A 8 5.91 -11.95 8.22
N GLY A 9 4.78 -11.25 8.25
CA GLY A 9 4.61 -10.15 9.17
C GLY A 9 5.56 -9.00 8.88
N THR A 10 5.05 -7.95 8.24
CA THR A 10 5.86 -6.79 7.89
C THR A 10 5.82 -5.75 9.00
N SER A 11 6.93 -5.62 9.73
CA SER A 11 7.02 -4.66 10.83
C SER A 11 8.24 -3.77 10.66
N ASN A 12 9.33 -4.35 10.18
CA ASN A 12 10.57 -3.61 9.97
C ASN A 12 10.45 -2.66 8.78
N GLU A 13 10.03 -3.20 7.63
CA GLU A 13 9.87 -2.41 6.43
C GLU A 13 8.78 -1.36 6.61
N VAL A 14 7.64 -1.79 7.16
CA VAL A 14 6.52 -0.88 7.38
C VAL A 14 6.94 0.33 8.19
N ALA A 15 7.73 0.09 9.23
CA ALA A 15 8.21 1.16 10.10
C ALA A 15 8.66 2.36 9.27
N GLN A 16 9.51 2.11 8.29
CA GLN A 16 10.02 3.18 7.43
C GLN A 16 8.90 3.79 6.60
N PHE A 17 7.97 2.96 6.17
CA PHE A 17 6.84 3.42 5.36
C PHE A 17 6.02 4.45 6.13
N LEU A 18 5.80 4.19 7.42
CA LEU A 18 5.03 5.08 8.26
C LEU A 18 5.92 6.11 8.94
N SER A 19 7.23 5.84 8.94
CA SER A 19 8.20 6.74 9.55
C SER A 19 8.21 8.09 8.84
N LYS A 20 8.01 8.06 7.53
CA LYS A 20 8.00 9.29 6.73
C LYS A 20 6.91 10.24 7.21
N GLU A 21 7.31 11.43 7.62
CA GLU A 21 6.37 12.43 8.11
C GLU A 21 5.95 13.38 6.99
N ASN A 22 4.79 13.99 7.14
CA ASN A 22 4.28 14.93 6.13
C ASN A 22 4.04 14.21 4.80
N GLN A 23 3.35 13.08 4.86
CA GLN A 23 3.05 12.31 3.65
C GLN A 23 1.58 11.92 3.60
N VAL A 24 1.11 11.55 2.42
CA VAL A 24 -0.28 11.16 2.24
C VAL A 24 -0.39 9.70 1.81
N ILE A 25 -0.90 8.85 2.70
CA ILE A 25 -1.06 7.44 2.41
C ILE A 25 -2.36 7.16 1.67
N VAL A 26 -2.32 6.24 0.73
CA VAL A 26 -3.51 5.88 -0.06
C VAL A 26 -3.75 4.37 -0.03
N ARG A 27 -5.03 3.99 0.03
CA ARG A 27 -5.39 2.58 0.06
C ARG A 27 -5.63 2.05 -1.35
N MET A 28 -4.79 1.11 -1.78
CA MET A 28 -4.91 0.52 -3.10
C MET A 28 -5.54 -0.86 -3.03
N ARG A 29 -6.62 -1.06 -3.78
CA ARG A 29 -7.31 -2.34 -3.80
C ARG A 29 -7.57 -2.79 -5.23
N GLY A 30 -7.40 -4.09 -5.46
CA GLY A 30 -7.62 -4.64 -6.79
C GLY A 30 -6.36 -4.63 -7.65
N LEU A 31 -5.21 -4.60 -6.98
CA LEU A 31 -3.93 -4.59 -7.68
C LEU A 31 -3.60 -5.96 -8.26
N PRO A 32 -3.29 -6.00 -9.56
CA PRO A 32 -2.95 -7.24 -10.26
C PRO A 32 -1.93 -8.08 -9.49
N PHE A 33 -2.23 -9.36 -9.33
CA PHE A 33 -1.34 -10.27 -8.61
C PHE A 33 0.10 -10.12 -9.09
N THR A 34 0.25 -9.61 -10.31
CA THR A 34 1.58 -9.42 -10.89
C THR A 34 2.11 -8.02 -10.60
N ALA A 35 1.20 -7.06 -10.45
CA ALA A 35 1.58 -5.69 -10.16
C ALA A 35 2.58 -5.62 -9.00
N THR A 36 3.59 -4.78 -9.15
CA THR A 36 4.62 -4.62 -8.12
C THR A 36 4.99 -3.16 -7.94
N ALA A 37 5.80 -2.88 -6.92
CA ALA A 37 6.24 -1.52 -6.64
C ALA A 37 6.73 -0.83 -7.90
N GLU A 38 7.57 -1.52 -8.67
CA GLU A 38 8.11 -0.98 -9.91
C GLU A 38 6.99 -0.57 -10.86
N GLU A 39 5.84 -1.22 -10.73
CA GLU A 39 4.70 -0.93 -11.58
C GLU A 39 3.96 0.32 -11.08
N VAL A 40 3.92 0.49 -9.77
CA VAL A 40 3.24 1.65 -9.17
C VAL A 40 4.07 2.92 -9.37
N VAL A 41 5.38 2.81 -9.17
CA VAL A 41 6.27 3.94 -9.32
C VAL A 41 5.91 4.77 -10.55
N ALA A 42 5.67 4.09 -11.67
CA ALA A 42 5.31 4.75 -12.91
C ALA A 42 3.83 5.10 -12.94
N PHE A 43 3.02 4.26 -12.31
CA PHE A 43 1.58 4.46 -12.26
C PHE A 43 1.26 5.90 -11.84
N PHE A 44 1.71 6.28 -10.64
CA PHE A 44 1.46 7.61 -10.13
C PHE A 44 2.59 8.57 -10.53
N GLY A 45 3.77 8.01 -10.80
CA GLY A 45 4.90 8.82 -11.19
C GLY A 45 4.56 9.80 -12.29
N GLN A 46 3.50 9.50 -13.04
CA GLN A 46 3.07 10.37 -14.13
C GLN A 46 2.89 11.81 -13.65
N HIS A 47 1.85 12.03 -12.86
CA HIS A 47 1.57 13.36 -12.33
C HIS A 47 1.63 13.37 -10.80
N CYS A 48 1.62 12.18 -10.21
CA CYS A 48 1.66 12.04 -8.76
C CYS A 48 2.90 11.23 -8.34
N PRO A 49 4.02 11.94 -8.14
CA PRO A 49 5.28 11.30 -7.73
C PRO A 49 5.23 10.78 -6.29
N ILE A 50 5.65 9.55 -6.10
CA ILE A 50 5.66 8.93 -4.78
C ILE A 50 6.91 9.32 -4.00
N THR A 51 6.75 9.55 -2.70
CA THR A 51 7.86 9.93 -1.84
C THR A 51 8.89 8.80 -1.74
N GLY A 52 10.00 8.95 -2.46
CA GLY A 52 11.04 7.95 -2.44
C GLY A 52 10.81 6.87 -3.48
N GLY A 53 9.59 6.77 -3.99
CA GLY A 53 9.27 5.77 -4.99
C GLY A 53 9.07 4.39 -4.39
N LYS A 54 9.77 3.40 -4.93
CA LYS A 54 9.67 2.04 -4.44
C LYS A 54 9.71 2.00 -2.91
N GLU A 55 10.39 2.97 -2.32
CA GLU A 55 10.51 3.04 -0.86
C GLU A 55 9.21 3.54 -0.24
N GLY A 56 8.52 4.43 -0.94
CA GLY A 56 7.27 4.97 -0.45
C GLY A 56 6.08 4.10 -0.82
N ILE A 57 6.35 2.83 -1.11
CA ILE A 57 5.29 1.88 -1.48
C ILE A 57 5.30 0.67 -0.56
N LEU A 58 4.12 0.13 -0.29
CA LEU A 58 3.99 -1.05 0.57
C LEU A 58 2.89 -1.98 0.05
N PHE A 59 3.27 -3.23 -0.21
CA PHE A 59 2.32 -4.22 -0.71
C PHE A 59 1.92 -5.18 0.41
N VAL A 60 0.65 -5.12 0.81
CA VAL A 60 0.14 -5.99 1.86
C VAL A 60 0.12 -7.44 1.41
N THR A 61 0.81 -8.30 2.15
CA THR A 61 0.86 -9.72 1.83
C THR A 61 0.58 -10.58 3.06
N TYR A 62 -0.16 -11.66 2.86
CA TYR A 62 -0.52 -12.56 3.95
C TYR A 62 0.71 -12.87 4.81
N PRO A 63 0.46 -13.30 6.06
CA PRO A 63 1.52 -13.64 7.01
C PRO A 63 2.27 -14.91 6.62
N ASP A 64 1.88 -15.48 5.48
CA ASP A 64 2.52 -16.70 4.99
C ASP A 64 3.32 -16.44 3.73
N GLY A 65 3.07 -15.29 3.10
CA GLY A 65 3.78 -14.93 1.89
C GLY A 65 2.92 -15.07 0.65
N ARG A 66 1.86 -14.28 0.58
CA ARG A 66 0.94 -14.32 -0.55
C ARG A 66 0.33 -12.94 -0.81
N PRO A 67 0.12 -12.62 -2.10
CA PRO A 67 -0.45 -11.34 -2.50
C PRO A 67 -1.93 -11.23 -2.13
N THR A 68 -2.22 -10.39 -1.14
CA THR A 68 -3.60 -10.19 -0.69
C THR A 68 -4.39 -9.36 -1.70
N GLY A 69 -3.70 -8.47 -2.41
CA GLY A 69 -4.35 -7.63 -3.38
C GLY A 69 -4.31 -6.16 -3.01
N ASP A 70 -4.43 -5.88 -1.72
CA ASP A 70 -4.42 -4.50 -1.23
C ASP A 70 -2.98 -3.98 -1.15
N ALA A 71 -2.85 -2.68 -0.93
CA ALA A 71 -1.54 -2.05 -0.84
C ALA A 71 -1.65 -0.60 -0.36
N PHE A 72 -0.50 0.03 -0.12
CA PHE A 72 -0.47 1.41 0.33
C PHE A 72 0.64 2.19 -0.35
N VAL A 73 0.33 3.41 -0.77
CA VAL A 73 1.30 4.26 -1.44
C VAL A 73 1.57 5.54 -0.65
N LEU A 74 2.72 6.15 -0.89
CA LEU A 74 3.10 7.37 -0.19
C LEU A 74 3.19 8.55 -1.16
N PHE A 75 2.72 9.70 -0.72
CA PHE A 75 2.74 10.90 -1.55
C PHE A 75 3.28 12.10 -0.77
N ALA A 76 3.95 13.01 -1.47
CA ALA A 76 4.51 14.20 -0.84
C ALA A 76 3.47 14.89 0.04
N CYS A 77 2.43 15.42 -0.59
CA CYS A 77 1.38 16.12 0.14
C CYS A 77 0.01 15.81 -0.46
N GLU A 78 -1.03 16.37 0.14
CA GLU A 78 -2.40 16.15 -0.34
C GLU A 78 -2.56 16.63 -1.77
N GLU A 79 -1.61 17.44 -2.24
CA GLU A 79 -1.65 17.96 -3.59
C GLU A 79 -1.54 16.84 -4.61
N TYR A 80 -0.59 15.94 -4.40
CA TYR A 80 -0.38 14.82 -5.31
C TYR A 80 -1.41 13.72 -5.05
N ALA A 81 -1.61 13.39 -3.79
CA ALA A 81 -2.56 12.36 -3.41
C ALA A 81 -3.92 12.60 -4.07
N GLN A 82 -4.43 13.82 -3.94
CA GLN A 82 -5.71 14.18 -4.53
C GLN A 82 -5.74 13.86 -6.01
N ASN A 83 -4.76 14.36 -6.75
CA ASN A 83 -4.67 14.13 -8.18
C ASN A 83 -4.62 12.64 -8.49
N ALA A 84 -4.14 11.85 -7.53
CA ALA A 84 -4.05 10.41 -7.69
C ALA A 84 -5.43 9.76 -7.59
N LEU A 85 -6.30 10.36 -6.79
CA LEU A 85 -7.65 9.82 -6.60
C LEU A 85 -8.41 9.83 -7.92
N ARG A 86 -8.17 10.84 -8.74
CA ARG A 86 -8.85 10.97 -10.03
C ARG A 86 -8.62 9.71 -10.87
N LYS A 87 -7.56 8.98 -10.57
CA LYS A 87 -7.22 7.76 -11.31
C LYS A 87 -8.16 6.62 -10.91
N HIS A 88 -9.05 6.89 -9.96
CA HIS A 88 -10.00 5.89 -9.50
C HIS A 88 -10.43 4.97 -10.64
N LYS A 89 -10.47 3.66 -10.36
CA LYS A 89 -10.85 2.69 -11.37
C LYS A 89 -9.87 2.68 -12.54
N ASP A 90 -8.62 3.04 -12.25
CA ASP A 90 -7.59 3.07 -13.28
C ASP A 90 -7.47 1.73 -13.98
N LEU A 91 -6.58 1.65 -14.96
CA LEU A 91 -6.36 0.42 -15.71
C LEU A 91 -4.88 0.17 -15.95
N LEU A 92 -4.32 -0.78 -15.20
CA LEU A 92 -2.91 -1.12 -15.34
C LEU A 92 -2.73 -2.53 -15.88
N GLY A 93 -2.30 -2.62 -17.13
CA GLY A 93 -2.09 -3.91 -17.76
C GLY A 93 -3.37 -4.73 -17.84
N LYS A 94 -4.45 -4.07 -18.25
CA LYS A 94 -5.75 -4.74 -18.36
C LYS A 94 -6.26 -5.19 -17.00
N ARG A 95 -6.34 -4.24 -16.07
CA ARG A 95 -6.82 -4.55 -14.73
C ARG A 95 -7.36 -3.30 -14.04
N TYR A 96 -8.66 -3.29 -13.76
CA TYR A 96 -9.31 -2.15 -13.12
C TYR A 96 -8.87 -2.03 -11.66
N ILE A 97 -8.28 -0.89 -11.32
CA ILE A 97 -7.82 -0.65 -9.96
C ILE A 97 -8.57 0.51 -9.32
N GLU A 98 -8.93 0.34 -8.05
CA GLU A 98 -9.67 1.38 -7.33
C GLU A 98 -8.73 2.15 -6.40
N LEU A 99 -9.24 3.23 -5.84
CA LEU A 99 -8.45 4.07 -4.93
C LEU A 99 -9.33 4.68 -3.84
N PHE A 100 -8.78 4.82 -2.64
CA PHE A 100 -9.51 5.38 -1.51
C PHE A 100 -8.55 5.99 -0.49
N ARG A 101 -8.81 7.23 -0.10
CA ARG A 101 -7.97 7.91 0.87
C ARG A 101 -7.64 7.00 2.04
N SER A 102 -6.40 7.09 2.52
CA SER A 102 -5.95 6.26 3.64
C SER A 102 -5.06 7.07 4.58
N THR A 103 -5.11 6.73 5.86
CA THR A 103 -4.31 7.42 6.87
C THR A 103 -3.37 6.45 7.58
N ALA A 104 -2.34 6.99 8.23
CA ALA A 104 -1.37 6.18 8.94
C ALA A 104 -2.06 5.16 9.84
N ALA A 105 -3.03 5.63 10.62
CA ALA A 105 -3.77 4.77 11.53
C ALA A 105 -4.48 3.65 10.76
N GLU A 106 -5.26 4.03 9.76
CA GLU A 106 -5.98 3.05 8.96
C GLU A 106 -5.05 1.93 8.49
N VAL A 107 -3.93 2.31 7.92
CA VAL A 107 -2.95 1.34 7.42
C VAL A 107 -2.61 0.31 8.49
N GLN A 108 -2.05 0.79 9.60
CA GLN A 108 -1.68 -0.09 10.70
C GLN A 108 -2.78 -1.09 11.00
N GLN A 109 -4.01 -0.59 11.15
CA GLN A 109 -5.15 -1.43 11.44
C GLN A 109 -5.34 -2.49 10.35
N VAL A 110 -5.11 -2.09 9.11
CA VAL A 110 -5.26 -3.00 7.97
C VAL A 110 -4.18 -4.09 8.00
N LEU A 111 -2.95 -3.68 8.27
CA LEU A 111 -1.83 -4.61 8.33
C LEU A 111 -1.99 -5.59 9.48
N ASN A 112 -2.36 -5.06 10.65
CA ASN A 112 -2.55 -5.89 11.84
C ASN A 112 -3.78 -6.78 11.69
N ARG A 113 -4.74 -6.33 10.88
CA ARG A 113 -5.95 -7.09 10.65
C ARG A 113 -5.69 -8.30 9.77
N PHE A 114 -5.07 -8.07 8.62
CA PHE A 114 -4.75 -9.15 7.69
C PHE A 114 -3.84 -10.18 8.34
N SER A 115 -2.83 -9.70 9.06
CA SER A 115 -1.88 -10.59 9.73
C SER A 115 -2.59 -11.49 10.72
N SER A 116 -3.59 -10.95 11.42
CA SER A 116 -4.36 -11.71 12.40
C SER A 116 -5.80 -11.87 11.95
N ALA A 117 -6.01 -12.70 10.92
CA ALA A 117 -7.35 -12.93 10.40
C ALA A 117 -7.88 -14.29 10.87
N SER A 118 -9.20 -14.36 11.05
CA SER A 118 -9.84 -15.60 11.51
C SER A 118 -9.66 -16.71 10.49
N GLY A 119 -9.02 -17.81 10.92
CA GLY A 119 -8.80 -18.92 10.03
C GLY A 119 -8.80 -20.26 10.77
N PRO A 120 -8.35 -21.31 10.09
CA PRO A 120 -7.88 -21.22 8.70
C PRO A 120 -9.01 -20.94 7.72
N SER A 121 -8.95 -19.79 7.07
CA SER A 121 -9.96 -19.40 6.10
C SER A 121 -9.53 -18.17 5.31
N SER A 122 -9.88 -18.13 4.04
CA SER A 122 -9.53 -17.02 3.17
C SER A 122 -10.74 -16.12 2.91
N GLY A 123 -10.48 -14.94 2.34
CA GLY A 123 -11.55 -14.01 2.05
C GLY A 123 -11.33 -12.64 2.66
N GLY A 1 -0.40 -18.72 12.53
CA GLY A 1 -1.08 -19.91 12.01
C GLY A 1 -2.02 -20.52 13.03
N SER A 2 -2.47 -21.74 12.75
CA SER A 2 -3.39 -22.44 13.64
C SER A 2 -2.81 -22.51 15.06
N SER A 3 -1.58 -22.99 15.17
CA SER A 3 -0.92 -23.12 16.46
C SER A 3 0.23 -22.11 16.59
N GLY A 4 1.16 -22.17 15.65
CA GLY A 4 2.29 -21.27 15.67
C GLY A 4 1.87 -19.81 15.72
N SER A 5 2.71 -18.98 16.33
CA SER A 5 2.42 -17.56 16.46
C SER A 5 3.69 -16.73 16.43
N SER A 6 3.77 -15.81 15.46
CA SER A 6 4.94 -14.95 15.32
C SER A 6 4.55 -13.58 14.79
N GLY A 7 5.24 -12.55 15.28
CA GLY A 7 4.95 -11.19 14.83
C GLY A 7 4.45 -10.31 15.97
N GLY A 8 4.17 -9.05 15.65
CA GLY A 8 3.69 -8.12 16.66
C GLY A 8 3.99 -6.68 16.30
N GLY A 9 3.24 -5.76 16.91
CA GLY A 9 3.45 -4.35 16.63
C GLY A 9 3.44 -4.04 15.15
N THR A 10 4.57 -3.59 14.64
CA THR A 10 4.69 -3.25 13.22
C THR A 10 5.97 -3.82 12.62
N SER A 11 5.88 -4.28 11.37
CA SER A 11 7.04 -4.86 10.69
C SER A 11 8.03 -3.77 10.29
N ASN A 12 9.31 -4.05 10.49
CA ASN A 12 10.37 -3.11 10.15
C ASN A 12 10.07 -2.41 8.82
N GLU A 13 9.93 -3.21 7.76
CA GLU A 13 9.64 -2.66 6.44
C GLU A 13 8.55 -1.60 6.51
N VAL A 14 7.55 -1.84 7.35
CA VAL A 14 6.45 -0.90 7.51
C VAL A 14 6.87 0.30 8.33
N ALA A 15 7.53 0.04 9.46
CA ALA A 15 7.98 1.11 10.33
C ALA A 15 8.45 2.32 9.53
N GLN A 16 9.43 2.10 8.67
CA GLN A 16 9.96 3.18 7.83
C GLN A 16 8.87 3.81 6.99
N PHE A 17 8.10 2.99 6.29
CA PHE A 17 7.02 3.46 5.44
C PHE A 17 6.11 4.42 6.22
N LEU A 18 5.80 4.06 7.46
CA LEU A 18 4.95 4.90 8.31
C LEU A 18 5.76 5.96 9.02
N SER A 19 7.06 5.73 9.14
CA SER A 19 7.95 6.67 9.81
C SER A 19 7.90 8.04 9.14
N LYS A 20 7.52 8.05 7.86
CA LYS A 20 7.42 9.29 7.10
C LYS A 20 6.32 10.19 7.65
N GLU A 21 6.65 11.45 7.87
CA GLU A 21 5.69 12.41 8.41
C GLU A 21 5.28 13.43 7.34
N ASN A 22 4.09 14.00 7.50
CA ASN A 22 3.59 14.99 6.55
C ASN A 22 3.40 14.38 5.17
N GLN A 23 2.86 13.16 5.13
CA GLN A 23 2.62 12.46 3.87
C GLN A 23 1.18 11.99 3.78
N VAL A 24 0.71 11.78 2.55
CA VAL A 24 -0.66 11.33 2.32
C VAL A 24 -0.68 9.88 1.84
N ILE A 25 -0.98 8.97 2.75
CA ILE A 25 -1.04 7.55 2.42
C ILE A 25 -2.31 7.21 1.65
N VAL A 26 -2.18 6.35 0.65
CA VAL A 26 -3.32 5.94 -0.16
C VAL A 26 -3.43 4.42 -0.22
N ARG A 27 -4.65 3.92 -0.05
CA ARG A 27 -4.89 2.48 -0.08
C ARG A 27 -5.23 2.03 -1.51
N MET A 28 -4.48 1.04 -1.99
CA MET A 28 -4.70 0.52 -3.34
C MET A 28 -5.15 -0.95 -3.28
N ARG A 29 -6.40 -1.19 -3.65
CA ARG A 29 -6.95 -2.54 -3.64
C ARG A 29 -7.27 -3.00 -5.06
N GLY A 30 -7.22 -4.31 -5.28
CA GLY A 30 -7.51 -4.85 -6.59
C GLY A 30 -6.31 -4.83 -7.51
N LEU A 31 -5.12 -4.66 -6.93
CA LEU A 31 -3.90 -4.61 -7.71
C LEU A 31 -3.54 -5.99 -8.25
N PRO A 32 -3.18 -6.05 -9.54
CA PRO A 32 -2.80 -7.30 -10.20
C PRO A 32 -1.80 -8.11 -9.38
N PHE A 33 -2.12 -9.38 -9.14
CA PHE A 33 -1.25 -10.26 -8.38
C PHE A 33 0.22 -9.94 -8.64
N THR A 34 0.56 -9.75 -9.91
CA THR A 34 1.93 -9.44 -10.29
C THR A 34 2.28 -7.99 -9.94
N ALA A 35 1.33 -7.10 -10.15
CA ALA A 35 1.53 -5.68 -9.87
C ALA A 35 2.44 -5.49 -8.66
N THR A 36 3.54 -4.77 -8.87
CA THR A 36 4.51 -4.52 -7.80
C THR A 36 4.88 -3.05 -7.75
N ALA A 37 5.65 -2.68 -6.71
CA ALA A 37 6.08 -1.29 -6.55
C ALA A 37 6.53 -0.70 -7.88
N GLU A 38 7.34 -1.43 -8.62
CA GLU A 38 7.83 -0.97 -9.91
C GLU A 38 6.69 -0.51 -10.80
N GLU A 39 5.57 -1.23 -10.72
CA GLU A 39 4.39 -0.89 -11.52
C GLU A 39 3.75 0.40 -11.02
N VAL A 40 3.79 0.62 -9.71
CA VAL A 40 3.21 1.81 -9.11
C VAL A 40 4.05 3.06 -9.44
N VAL A 41 5.34 2.98 -9.15
CA VAL A 41 6.25 4.10 -9.41
C VAL A 41 5.84 4.85 -10.68
N ALA A 42 5.57 4.10 -11.74
CA ALA A 42 5.17 4.69 -13.01
C ALA A 42 3.68 5.04 -13.00
N PHE A 43 2.87 4.16 -12.44
CA PHE A 43 1.43 4.37 -12.38
C PHE A 43 1.11 5.82 -12.04
N PHE A 44 1.61 6.28 -10.90
CA PHE A 44 1.38 7.66 -10.46
C PHE A 44 2.54 8.56 -10.86
N GLY A 45 3.69 7.95 -11.09
CA GLY A 45 4.87 8.71 -11.49
C GLY A 45 4.58 9.68 -12.62
N GLN A 46 3.49 9.43 -13.34
CA GLN A 46 3.11 10.28 -14.46
C GLN A 46 2.95 11.72 -14.01
N HIS A 47 1.90 12.00 -13.25
CA HIS A 47 1.62 13.34 -12.75
C HIS A 47 1.66 13.37 -11.23
N CYS A 48 1.59 12.20 -10.61
CA CYS A 48 1.61 12.09 -9.16
C CYS A 48 2.78 11.24 -8.69
N PRO A 49 3.95 11.88 -8.49
CA PRO A 49 5.16 11.22 -8.05
C PRO A 49 5.07 10.74 -6.60
N ILE A 50 5.60 9.55 -6.32
CA ILE A 50 5.59 8.99 -4.98
C ILE A 50 6.87 9.32 -4.23
N THR A 51 6.74 9.62 -2.94
CA THR A 51 7.88 9.95 -2.11
C THR A 51 8.84 8.76 -2.01
N GLY A 52 9.92 8.81 -2.76
CA GLY A 52 10.90 7.74 -2.73
C GLY A 52 10.60 6.65 -3.75
N GLY A 53 9.36 6.65 -4.25
CA GLY A 53 8.96 5.64 -5.22
C GLY A 53 8.89 4.26 -4.63
N LYS A 54 9.60 3.32 -5.25
CA LYS A 54 9.62 1.93 -4.78
C LYS A 54 9.73 1.87 -3.26
N GLU A 55 10.33 2.91 -2.68
CA GLU A 55 10.50 2.97 -1.23
C GLU A 55 9.23 3.49 -0.56
N GLY A 56 8.55 4.42 -1.21
CA GLY A 56 7.32 4.97 -0.66
C GLY A 56 6.11 4.12 -0.99
N ILE A 57 6.30 2.80 -1.03
CA ILE A 57 5.21 1.89 -1.34
C ILE A 57 5.22 0.69 -0.39
N LEU A 58 4.03 0.16 -0.12
CA LEU A 58 3.89 -0.98 0.78
C LEU A 58 2.81 -1.94 0.29
N PHE A 59 3.22 -3.15 -0.09
CA PHE A 59 2.29 -4.16 -0.58
C PHE A 59 1.88 -5.10 0.54
N VAL A 60 0.57 -5.22 0.76
CA VAL A 60 0.04 -6.10 1.80
C VAL A 60 0.08 -7.55 1.36
N THR A 61 0.78 -8.39 2.12
CA THR A 61 0.89 -9.80 1.80
C THR A 61 0.58 -10.66 3.02
N TYR A 62 -0.18 -11.73 2.81
CA TYR A 62 -0.56 -12.63 3.90
C TYR A 62 0.66 -12.96 4.77
N PRO A 63 0.39 -13.40 6.01
CA PRO A 63 1.43 -13.75 6.96
C PRO A 63 2.17 -15.03 6.57
N ASP A 64 1.79 -15.59 5.42
CA ASP A 64 2.42 -16.81 4.94
C ASP A 64 3.26 -16.54 3.70
N GLY A 65 3.03 -15.38 3.08
CA GLY A 65 3.77 -15.02 1.89
C GLY A 65 2.92 -15.11 0.62
N ARG A 66 1.78 -14.45 0.63
CA ARG A 66 0.88 -14.46 -0.52
C ARG A 66 0.32 -13.07 -0.78
N PRO A 67 0.14 -12.73 -2.06
CA PRO A 67 -0.39 -11.42 -2.47
C PRO A 67 -1.88 -11.27 -2.13
N THR A 68 -2.17 -10.39 -1.18
CA THR A 68 -3.54 -10.15 -0.77
C THR A 68 -4.30 -9.32 -1.80
N GLY A 69 -3.56 -8.51 -2.54
CA GLY A 69 -4.19 -7.67 -3.56
C GLY A 69 -4.21 -6.20 -3.18
N ASP A 70 -4.22 -5.93 -1.87
CA ASP A 70 -4.24 -4.57 -1.37
C ASP A 70 -2.83 -4.05 -1.13
N ALA A 71 -2.68 -2.73 -1.20
CA ALA A 71 -1.38 -2.11 -0.98
C ALA A 71 -1.52 -0.66 -0.50
N PHE A 72 -0.40 0.01 -0.33
CA PHE A 72 -0.40 1.40 0.13
C PHE A 72 0.71 2.19 -0.53
N VAL A 73 0.50 3.49 -0.69
CA VAL A 73 1.50 4.36 -1.30
C VAL A 73 1.68 5.65 -0.50
N LEU A 74 2.84 6.27 -0.66
CA LEU A 74 3.14 7.51 0.05
C LEU A 74 3.14 8.71 -0.90
N PHE A 75 2.71 9.86 -0.40
CA PHE A 75 2.66 11.07 -1.20
C PHE A 75 3.17 12.28 -0.40
N ALA A 76 4.15 12.97 -0.96
CA ALA A 76 4.73 14.14 -0.31
C ALA A 76 3.64 15.00 0.35
N CYS A 77 2.61 15.31 -0.42
CA CYS A 77 1.50 16.13 0.09
C CYS A 77 0.21 15.82 -0.66
N GLU A 78 -0.89 16.39 -0.20
CA GLU A 78 -2.19 16.17 -0.82
C GLU A 78 -2.18 16.62 -2.28
N GLU A 79 -1.45 17.70 -2.55
CA GLU A 79 -1.35 18.22 -3.91
C GLU A 79 -1.30 17.10 -4.94
N TYR A 80 -0.40 16.14 -4.72
CA TYR A 80 -0.26 15.01 -5.62
C TYR A 80 -1.32 13.95 -5.36
N ALA A 81 -1.59 13.70 -4.09
CA ALA A 81 -2.60 12.72 -3.70
C ALA A 81 -3.89 12.93 -4.46
N GLN A 82 -4.43 14.15 -4.39
CA GLN A 82 -5.68 14.48 -5.09
C GLN A 82 -5.61 14.06 -6.55
N ASN A 83 -4.63 14.59 -7.27
CA ASN A 83 -4.47 14.26 -8.69
C ASN A 83 -4.39 12.75 -8.89
N ALA A 84 -4.02 12.03 -7.84
CA ALA A 84 -3.92 10.58 -7.91
C ALA A 84 -5.25 9.91 -7.56
N LEU A 85 -6.12 10.67 -6.88
CA LEU A 85 -7.42 10.15 -6.50
C LEU A 85 -8.34 10.02 -7.71
N ARG A 86 -8.32 11.03 -8.57
CA ARG A 86 -9.15 11.03 -9.77
C ARG A 86 -8.90 9.78 -10.60
N LYS A 87 -7.76 9.13 -10.37
CA LYS A 87 -7.40 7.93 -11.09
C LYS A 87 -8.25 6.74 -10.64
N HIS A 88 -9.10 6.97 -9.65
CA HIS A 88 -9.97 5.92 -9.12
C HIS A 88 -10.40 4.98 -10.23
N LYS A 89 -10.41 3.68 -9.93
CA LYS A 89 -10.80 2.68 -10.90
C LYS A 89 -9.89 2.70 -12.12
N ASP A 90 -8.64 3.09 -11.90
CA ASP A 90 -7.66 3.16 -12.99
C ASP A 90 -7.53 1.80 -13.68
N LEU A 91 -6.74 1.77 -14.75
CA LEU A 91 -6.52 0.53 -15.50
C LEU A 91 -5.04 0.30 -15.74
N LEU A 92 -4.48 -0.70 -15.06
CA LEU A 92 -3.06 -1.03 -15.20
C LEU A 92 -2.89 -2.45 -15.74
N GLY A 93 -2.34 -2.56 -16.94
CA GLY A 93 -2.12 -3.86 -17.54
C GLY A 93 -3.40 -4.67 -17.65
N LYS A 94 -4.48 -4.02 -18.07
CA LYS A 94 -5.77 -4.69 -18.21
C LYS A 94 -6.29 -5.16 -16.86
N ARG A 95 -6.33 -4.26 -15.89
CA ARG A 95 -6.81 -4.59 -14.55
C ARG A 95 -7.32 -3.34 -13.83
N TYR A 96 -8.61 -3.32 -13.54
CA TYR A 96 -9.22 -2.18 -12.85
C TYR A 96 -8.77 -2.12 -11.40
N ILE A 97 -8.25 -0.97 -10.99
CA ILE A 97 -7.77 -0.77 -9.63
C ILE A 97 -8.49 0.40 -8.97
N GLU A 98 -8.89 0.21 -7.71
CA GLU A 98 -9.58 1.26 -6.97
C GLU A 98 -8.60 2.04 -6.09
N LEU A 99 -8.99 3.25 -5.71
CA LEU A 99 -8.15 4.09 -4.87
C LEU A 99 -8.98 4.76 -3.78
N PHE A 100 -8.35 4.99 -2.62
CA PHE A 100 -9.03 5.63 -1.50
C PHE A 100 -8.02 6.23 -0.53
N ARG A 101 -8.34 7.43 -0.03
CA ARG A 101 -7.45 8.11 0.92
C ARG A 101 -7.32 7.33 2.21
N SER A 102 -6.08 7.09 2.63
CA SER A 102 -5.82 6.34 3.86
C SER A 102 -4.87 7.11 4.77
N THR A 103 -4.76 6.66 6.02
CA THR A 103 -3.90 7.32 6.99
C THR A 103 -3.01 6.30 7.71
N ALA A 104 -1.81 6.71 8.09
CA ALA A 104 -0.89 5.84 8.79
C ALA A 104 -1.63 4.87 9.71
N ALA A 105 -2.49 5.42 10.56
CA ALA A 105 -3.26 4.60 11.49
C ALA A 105 -4.06 3.53 10.76
N GLU A 106 -4.86 3.96 9.78
CA GLU A 106 -5.68 3.04 9.00
C GLU A 106 -4.84 1.87 8.49
N VAL A 107 -3.76 2.18 7.77
CA VAL A 107 -2.88 1.15 7.24
C VAL A 107 -2.59 0.08 8.28
N GLN A 108 -1.92 0.47 9.34
CA GLN A 108 -1.58 -0.47 10.42
C GLN A 108 -2.73 -1.43 10.68
N GLN A 109 -3.95 -0.91 10.69
CA GLN A 109 -5.13 -1.72 10.93
C GLN A 109 -5.37 -2.69 9.77
N VAL A 110 -5.06 -2.24 8.56
CA VAL A 110 -5.25 -3.07 7.37
C VAL A 110 -4.22 -4.20 7.32
N LEU A 111 -3.14 -4.04 8.07
CA LEU A 111 -2.09 -5.04 8.11
C LEU A 111 -2.40 -6.11 9.17
N ASN A 112 -2.90 -5.67 10.31
CA ASN A 112 -3.25 -6.58 11.40
C ASN A 112 -4.53 -7.34 11.09
N ARG A 113 -5.51 -6.63 10.55
CA ARG A 113 -6.79 -7.23 10.20
C ARG A 113 -6.61 -8.35 9.18
N PHE A 114 -5.53 -8.27 8.41
CA PHE A 114 -5.24 -9.28 7.39
C PHE A 114 -4.39 -10.40 7.98
N SER A 115 -3.45 -10.04 8.84
CA SER A 115 -2.55 -11.01 9.46
C SER A 115 -3.31 -11.88 10.45
N SER A 116 -2.76 -13.06 10.74
CA SER A 116 -3.39 -14.00 11.67
C SER A 116 -4.91 -13.99 11.51
N ALA A 117 -5.37 -13.83 10.27
CA ALA A 117 -6.79 -13.80 9.99
C ALA A 117 -7.34 -15.22 9.84
N SER A 118 -8.60 -15.40 10.23
CA SER A 118 -9.25 -16.71 10.14
C SER A 118 -10.05 -16.83 8.85
N GLY A 119 -10.39 -15.69 8.25
CA GLY A 119 -11.15 -15.69 7.02
C GLY A 119 -10.87 -14.46 6.16
N PRO A 120 -11.36 -13.31 6.61
CA PRO A 120 -12.12 -13.19 7.86
C PRO A 120 -13.50 -13.84 7.75
N SER A 121 -13.84 -14.32 6.57
CA SER A 121 -15.12 -14.96 6.33
C SER A 121 -14.99 -16.09 5.31
N SER A 122 -15.95 -17.01 5.32
CA SER A 122 -15.95 -18.14 4.40
C SER A 122 -17.34 -18.38 3.84
N GLY A 123 -17.42 -18.58 2.52
CA GLY A 123 -18.69 -18.83 1.89
C GLY A 123 -19.70 -17.74 2.18
N GLY A 1 20.76 -7.23 11.07
CA GLY A 1 21.53 -6.23 10.35
C GLY A 1 20.63 -5.25 9.61
N SER A 2 20.72 -5.24 8.29
CA SER A 2 19.92 -4.34 7.47
C SER A 2 18.68 -5.05 6.93
N SER A 3 18.89 -6.23 6.34
CA SER A 3 17.79 -7.00 5.78
C SER A 3 16.65 -7.12 6.78
N GLY A 4 16.99 -7.42 8.03
CA GLY A 4 15.97 -7.55 9.06
C GLY A 4 15.17 -8.82 8.92
N SER A 5 15.75 -9.93 9.37
CA SER A 5 15.08 -11.23 9.29
C SER A 5 14.00 -11.36 10.36
N SER A 6 12.82 -11.83 9.95
CA SER A 6 11.69 -11.98 10.87
C SER A 6 10.69 -12.99 10.33
N GLY A 7 9.66 -13.28 11.13
CA GLY A 7 8.64 -14.22 10.70
C GLY A 7 7.30 -13.96 11.36
N GLY A 8 6.44 -13.22 10.66
CA GLY A 8 5.13 -12.91 11.21
C GLY A 8 4.67 -11.51 10.83
N GLY A 9 3.87 -11.41 9.77
CA GLY A 9 3.37 -10.12 9.34
C GLY A 9 4.49 -9.14 9.05
N THR A 10 4.12 -7.93 8.64
CA THR A 10 5.11 -6.90 8.33
C THR A 10 5.05 -5.76 9.35
N SER A 11 6.16 -5.53 10.03
CA SER A 11 6.23 -4.48 11.04
C SER A 11 7.52 -3.68 10.89
N ASN A 12 8.62 -4.37 10.66
CA ASN A 12 9.92 -3.72 10.50
C ASN A 12 9.94 -2.87 9.24
N GLU A 13 9.51 -3.45 8.12
CA GLU A 13 9.48 -2.74 6.86
C GLU A 13 8.45 -1.61 6.88
N VAL A 14 7.29 -1.89 7.48
CA VAL A 14 6.23 -0.90 7.58
C VAL A 14 6.66 0.30 8.42
N ALA A 15 7.32 0.01 9.54
CA ALA A 15 7.79 1.06 10.44
C ALA A 15 8.28 2.28 9.65
N GLN A 16 9.27 2.06 8.79
CA GLN A 16 9.83 3.13 7.98
C GLN A 16 8.76 3.75 7.09
N PHE A 17 8.03 2.91 6.37
CA PHE A 17 6.98 3.37 5.48
C PHE A 17 6.06 4.36 6.19
N LEU A 18 5.73 4.07 7.43
CA LEU A 18 4.86 4.94 8.23
C LEU A 18 5.66 6.04 8.91
N SER A 19 6.96 5.80 9.09
CA SER A 19 7.84 6.77 9.73
C SER A 19 7.74 8.13 9.03
N LYS A 20 7.52 8.10 7.72
CA LYS A 20 7.40 9.33 6.94
C LYS A 20 6.25 10.19 7.44
N GLU A 21 6.58 11.25 8.17
CA GLU A 21 5.56 12.14 8.72
C GLU A 21 5.19 13.23 7.70
N ASN A 22 4.02 13.80 7.86
CA ASN A 22 3.54 14.85 6.96
C ASN A 22 3.38 14.31 5.54
N GLN A 23 3.05 13.03 5.44
CA GLN A 23 2.86 12.40 4.13
C GLN A 23 1.45 11.82 4.01
N VAL A 24 0.92 11.82 2.79
CA VAL A 24 -0.41 11.30 2.54
C VAL A 24 -0.35 9.87 1.99
N ILE A 25 -0.90 8.94 2.74
CA ILE A 25 -0.91 7.54 2.33
C ILE A 25 -2.15 7.22 1.49
N VAL A 26 -1.98 6.30 0.54
CA VAL A 26 -3.09 5.91 -0.34
C VAL A 26 -3.26 4.40 -0.34
N ARG A 27 -4.49 3.95 -0.06
CA ARG A 27 -4.79 2.53 -0.03
C ARG A 27 -5.20 2.03 -1.42
N MET A 28 -4.34 1.22 -2.03
CA MET A 28 -4.61 0.68 -3.35
C MET A 28 -5.18 -0.73 -3.26
N ARG A 29 -6.44 -0.88 -3.65
CA ARG A 29 -7.11 -2.18 -3.60
C ARG A 29 -7.37 -2.70 -5.01
N GLY A 30 -7.20 -4.01 -5.19
CA GLY A 30 -7.43 -4.61 -6.49
C GLY A 30 -6.17 -4.63 -7.34
N LEU A 31 -5.02 -4.52 -6.70
CA LEU A 31 -3.74 -4.53 -7.41
C LEU A 31 -3.39 -5.93 -7.88
N PRO A 32 -3.17 -6.07 -9.20
CA PRO A 32 -2.80 -7.35 -9.80
C PRO A 32 -1.69 -8.06 -9.05
N PHE A 33 -1.77 -9.39 -9.01
CA PHE A 33 -0.76 -10.19 -8.31
C PHE A 33 0.64 -9.90 -8.85
N THR A 34 0.70 -9.57 -10.14
CA THR A 34 1.98 -9.28 -10.79
C THR A 34 2.36 -7.81 -10.60
N ALA A 35 1.39 -7.00 -10.21
CA ALA A 35 1.63 -5.57 -10.00
C ALA A 35 2.54 -5.34 -8.80
N THR A 36 3.72 -4.76 -9.05
CA THR A 36 4.68 -4.49 -8.00
C THR A 36 5.05 -3.01 -7.97
N ALA A 37 5.86 -2.63 -6.98
CA ALA A 37 6.29 -1.24 -6.83
C ALA A 37 6.64 -0.64 -8.19
N GLU A 38 7.46 -1.34 -8.95
CA GLU A 38 7.87 -0.87 -10.27
C GLU A 38 6.65 -0.43 -11.10
N GLU A 39 5.58 -1.21 -10.99
CA GLU A 39 4.36 -0.91 -11.74
C GLU A 39 3.69 0.34 -11.19
N VAL A 40 3.85 0.57 -9.89
CA VAL A 40 3.27 1.75 -9.24
C VAL A 40 4.04 3.02 -9.59
N VAL A 41 5.34 3.01 -9.32
CA VAL A 41 6.19 4.15 -9.60
C VAL A 41 5.73 4.88 -10.85
N ALA A 42 5.41 4.12 -11.90
CA ALA A 42 4.95 4.70 -13.16
C ALA A 42 3.47 5.09 -13.08
N PHE A 43 2.66 4.17 -12.57
CA PHE A 43 1.22 4.41 -12.44
C PHE A 43 0.95 5.87 -12.09
N PHE A 44 1.48 6.32 -10.96
CA PHE A 44 1.28 7.69 -10.51
C PHE A 44 2.45 8.57 -10.95
N GLY A 45 3.58 7.93 -11.24
CA GLY A 45 4.76 8.67 -11.68
C GLY A 45 4.45 9.67 -12.77
N GLN A 46 3.30 9.49 -13.42
CA GLN A 46 2.90 10.38 -14.50
C GLN A 46 2.78 11.82 -14.01
N HIS A 47 1.74 12.09 -13.22
CA HIS A 47 1.52 13.43 -12.68
C HIS A 47 1.58 13.41 -11.16
N CYS A 48 1.48 12.22 -10.58
CA CYS A 48 1.53 12.08 -9.13
C CYS A 48 2.73 11.24 -8.70
N PRO A 49 3.88 11.90 -8.55
CA PRO A 49 5.13 11.24 -8.14
C PRO A 49 5.09 10.76 -6.69
N ILE A 50 5.55 9.54 -6.46
CA ILE A 50 5.58 8.97 -5.12
C ILE A 50 6.86 9.34 -4.38
N THR A 51 6.73 9.63 -3.08
CA THR A 51 7.87 10.00 -2.27
C THR A 51 8.85 8.84 -2.13
N GLY A 52 9.95 8.89 -2.87
CA GLY A 52 10.94 7.83 -2.81
C GLY A 52 10.71 6.75 -3.85
N GLY A 53 9.49 6.72 -4.39
CA GLY A 53 9.16 5.73 -5.40
C GLY A 53 9.01 4.34 -4.80
N LYS A 54 9.76 3.38 -5.35
CA LYS A 54 9.71 2.00 -4.87
C LYS A 54 9.79 1.96 -3.35
N GLU A 55 10.48 2.93 -2.76
CA GLU A 55 10.64 2.99 -1.31
C GLU A 55 9.35 3.48 -0.65
N GLY A 56 8.61 4.31 -1.37
CA GLY A 56 7.36 4.84 -0.84
C GLY A 56 6.16 3.99 -1.22
N ILE A 57 6.33 2.68 -1.18
CA ILE A 57 5.25 1.76 -1.53
C ILE A 57 5.26 0.53 -0.63
N LEU A 58 4.07 0.03 -0.31
CA LEU A 58 3.94 -1.15 0.53
C LEU A 58 2.84 -2.08 0.02
N PHE A 59 3.21 -3.32 -0.27
CA PHE A 59 2.25 -4.29 -0.78
C PHE A 59 1.83 -5.25 0.33
N VAL A 60 0.56 -5.17 0.74
CA VAL A 60 0.04 -6.04 1.79
C VAL A 60 -0.09 -7.47 1.31
N THR A 61 0.29 -8.42 2.17
CA THR A 61 0.21 -9.83 1.82
C THR A 61 -0.18 -10.67 3.03
N TYR A 62 -1.06 -11.64 2.82
CA TYR A 62 -1.52 -12.51 3.89
C TYR A 62 -0.34 -13.04 4.70
N PRO A 63 -0.63 -13.48 5.94
CA PRO A 63 0.39 -14.02 6.85
C PRO A 63 0.92 -15.36 6.39
N ASP A 64 0.45 -15.81 5.22
CA ASP A 64 0.88 -17.08 4.66
C ASP A 64 1.72 -16.89 3.40
N GLY A 65 1.52 -15.74 2.75
CA GLY A 65 2.25 -15.44 1.53
C GLY A 65 1.34 -15.15 0.36
N ARG A 66 0.04 -15.11 0.62
CA ARG A 66 -0.95 -14.84 -0.43
C ARG A 66 -1.13 -13.34 -0.62
N PRO A 67 -1.28 -12.93 -1.89
CA PRO A 67 -1.47 -11.52 -2.24
C PRO A 67 -2.83 -10.98 -1.80
N THR A 68 -2.80 -10.10 -0.81
CA THR A 68 -4.03 -9.51 -0.29
C THR A 68 -4.63 -8.53 -1.29
N GLY A 69 -3.87 -8.20 -2.32
CA GLY A 69 -4.34 -7.26 -3.33
C GLY A 69 -4.23 -5.82 -2.89
N ASP A 70 -4.54 -5.56 -1.63
CA ASP A 70 -4.46 -4.21 -1.08
C ASP A 70 -3.01 -3.76 -0.95
N ALA A 71 -2.80 -2.45 -0.99
CA ALA A 71 -1.47 -1.88 -0.87
C ALA A 71 -1.51 -0.48 -0.28
N PHE A 72 -0.34 0.12 -0.12
CA PHE A 72 -0.24 1.47 0.45
C PHE A 72 0.92 2.24 -0.18
N VAL A 73 0.64 3.46 -0.61
CA VAL A 73 1.65 4.30 -1.23
C VAL A 73 1.87 5.58 -0.42
N LEU A 74 3.01 6.23 -0.65
CA LEU A 74 3.34 7.46 0.06
C LEU A 74 3.30 8.66 -0.88
N PHE A 75 2.76 9.77 -0.40
CA PHE A 75 2.66 10.98 -1.19
C PHE A 75 3.13 12.20 -0.41
N ALA A 76 4.00 12.99 -1.01
CA ALA A 76 4.53 14.19 -0.37
C ALA A 76 3.43 14.98 0.31
N CYS A 77 2.42 15.37 -0.46
CA CYS A 77 1.30 16.14 0.07
C CYS A 77 0.04 15.88 -0.75
N GLU A 78 -1.11 16.20 -0.16
CA GLU A 78 -2.40 16.00 -0.83
C GLU A 78 -2.34 16.49 -2.28
N GLU A 79 -1.51 17.51 -2.51
CA GLU A 79 -1.35 18.07 -3.86
C GLU A 79 -1.27 16.97 -4.91
N TYR A 80 -0.52 15.91 -4.59
CA TYR A 80 -0.35 14.79 -5.50
C TYR A 80 -1.43 13.73 -5.28
N ALA A 81 -1.63 13.37 -4.01
CA ALA A 81 -2.62 12.37 -3.65
C ALA A 81 -3.97 12.67 -4.30
N GLN A 82 -4.53 13.84 -3.96
CA GLN A 82 -5.82 14.25 -4.53
C GLN A 82 -5.86 13.99 -6.02
N ASN A 83 -4.92 14.60 -6.75
CA ASN A 83 -4.87 14.44 -8.20
C ASN A 83 -4.78 12.98 -8.59
N ALA A 84 -4.24 12.16 -7.69
CA ALA A 84 -4.10 10.73 -7.94
C ALA A 84 -5.44 10.02 -7.75
N LEU A 85 -6.19 10.43 -6.73
CA LEU A 85 -7.49 9.82 -6.45
C LEU A 85 -8.37 9.82 -7.69
N ARG A 86 -8.20 10.83 -8.53
CA ARG A 86 -8.98 10.94 -9.76
C ARG A 86 -8.79 9.72 -10.65
N LYS A 87 -7.64 9.06 -10.51
CA LYS A 87 -7.33 7.87 -11.30
C LYS A 87 -8.18 6.68 -10.82
N HIS A 88 -8.97 6.90 -9.79
CA HIS A 88 -9.83 5.86 -9.25
C HIS A 88 -10.33 4.93 -10.36
N LYS A 89 -10.35 3.63 -10.08
CA LYS A 89 -10.81 2.65 -11.05
C LYS A 89 -9.93 2.68 -12.30
N ASP A 90 -8.64 2.93 -12.12
CA ASP A 90 -7.71 3.00 -13.23
C ASP A 90 -7.56 1.63 -13.88
N LEU A 91 -6.79 1.58 -14.97
CA LEU A 91 -6.57 0.33 -15.69
C LEU A 91 -5.08 0.12 -15.97
N LEU A 92 -4.45 -0.73 -15.17
CA LEU A 92 -3.04 -1.03 -15.33
C LEU A 92 -2.82 -2.47 -15.80
N GLY A 93 -2.37 -2.62 -17.04
CA GLY A 93 -2.13 -3.95 -17.57
C GLY A 93 -3.40 -4.76 -17.68
N LYS A 94 -4.49 -4.11 -18.05
CA LYS A 94 -5.78 -4.78 -18.19
C LYS A 94 -6.29 -5.26 -16.84
N ARG A 95 -6.38 -4.33 -15.89
CA ARG A 95 -6.86 -4.65 -14.55
C ARG A 95 -7.41 -3.41 -13.86
N TYR A 96 -8.72 -3.43 -13.57
CA TYR A 96 -9.36 -2.30 -12.91
C TYR A 96 -8.90 -2.19 -11.46
N ILE A 97 -8.24 -1.07 -11.14
CA ILE A 97 -7.75 -0.83 -9.79
C ILE A 97 -8.44 0.37 -9.17
N GLU A 98 -8.74 0.28 -7.88
CA GLU A 98 -9.40 1.36 -7.16
C GLU A 98 -8.37 2.25 -6.47
N LEU A 99 -8.86 3.26 -5.76
CA LEU A 99 -7.98 4.19 -5.06
C LEU A 99 -8.73 4.89 -3.92
N PHE A 100 -8.10 4.94 -2.75
CA PHE A 100 -8.71 5.57 -1.59
C PHE A 100 -7.64 6.08 -0.63
N ARG A 101 -7.64 7.38 -0.37
CA ARG A 101 -6.67 7.99 0.52
C ARG A 101 -6.79 7.41 1.93
N SER A 102 -5.68 6.94 2.47
CA SER A 102 -5.65 6.35 3.80
C SER A 102 -4.71 7.12 4.71
N THR A 103 -4.67 6.72 5.99
CA THR A 103 -3.81 7.37 6.97
C THR A 103 -2.93 6.36 7.69
N ALA A 104 -1.75 6.82 8.13
CA ALA A 104 -0.82 5.95 8.84
C ALA A 104 -1.56 4.99 9.76
N ALA A 105 -2.35 5.55 10.69
CA ALA A 105 -3.11 4.75 11.63
C ALA A 105 -3.95 3.70 10.92
N GLU A 106 -4.73 4.14 9.93
CA GLU A 106 -5.58 3.24 9.16
C GLU A 106 -4.79 2.04 8.66
N VAL A 107 -3.70 2.31 7.94
CA VAL A 107 -2.85 1.27 7.39
C VAL A 107 -2.61 0.17 8.43
N GLN A 108 -2.00 0.54 9.54
CA GLN A 108 -1.70 -0.42 10.60
C GLN A 108 -2.90 -1.32 10.87
N GLN A 109 -4.09 -0.72 10.90
CA GLN A 109 -5.32 -1.46 11.15
C GLN A 109 -5.60 -2.45 10.01
N VAL A 110 -5.16 -2.08 8.80
CA VAL A 110 -5.36 -2.93 7.64
C VAL A 110 -4.35 -4.07 7.61
N LEU A 111 -3.26 -3.90 8.33
CA LEU A 111 -2.20 -4.92 8.38
C LEU A 111 -2.53 -5.98 9.43
N ASN A 112 -3.03 -5.54 10.58
CA ASN A 112 -3.38 -6.45 11.66
C ASN A 112 -4.58 -7.31 11.28
N ARG A 113 -5.56 -6.69 10.63
CA ARG A 113 -6.76 -7.41 10.21
C ARG A 113 -6.40 -8.62 9.35
N PHE A 114 -5.45 -8.44 8.44
CA PHE A 114 -5.02 -9.51 7.56
C PHE A 114 -4.07 -10.46 8.29
N SER A 115 -3.04 -9.90 8.92
CA SER A 115 -2.06 -10.69 9.65
C SER A 115 -2.75 -11.63 10.64
N SER A 116 -3.35 -11.05 11.68
CA SER A 116 -4.04 -11.82 12.70
C SER A 116 -5.40 -12.29 12.20
N ALA A 117 -5.40 -13.06 11.11
CA ALA A 117 -6.62 -13.56 10.53
C ALA A 117 -6.74 -15.07 10.70
N SER A 118 -7.08 -15.49 11.93
CA SER A 118 -7.21 -16.91 12.23
C SER A 118 -8.67 -17.28 12.46
N GLY A 119 -9.37 -16.48 13.27
CA GLY A 119 -10.76 -16.74 13.56
C GLY A 119 -11.06 -16.76 15.05
N PRO A 120 -12.35 -16.78 15.40
CA PRO A 120 -13.43 -16.79 14.41
C PRO A 120 -13.56 -15.47 13.66
N SER A 121 -13.71 -15.56 12.34
CA SER A 121 -13.84 -14.36 11.51
C SER A 121 -15.12 -14.41 10.69
N SER A 122 -15.39 -13.33 9.96
CA SER A 122 -16.58 -13.24 9.13
C SER A 122 -17.83 -13.59 9.94
N GLY A 123 -17.89 -13.09 11.17
CA GLY A 123 -19.02 -13.34 12.03
C GLY A 123 -19.94 -12.14 12.16
N GLY A 1 10.33 -26.67 13.06
CA GLY A 1 10.75 -25.37 12.57
C GLY A 1 12.05 -25.44 11.80
N SER A 2 11.97 -25.31 10.48
CA SER A 2 13.15 -25.37 9.63
C SER A 2 13.93 -24.07 9.70
N SER A 3 15.25 -24.18 9.74
CA SER A 3 16.11 -23.00 9.82
C SER A 3 16.32 -22.40 8.43
N GLY A 4 15.95 -21.13 8.28
CA GLY A 4 16.10 -20.45 7.02
C GLY A 4 15.63 -19.01 7.06
N SER A 5 14.31 -18.82 6.97
CA SER A 5 13.73 -17.48 7.00
C SER A 5 13.92 -16.83 8.36
N SER A 6 14.28 -15.56 8.36
CA SER A 6 14.50 -14.83 9.60
C SER A 6 13.55 -13.63 9.70
N GLY A 7 13.57 -12.96 10.85
CA GLY A 7 12.71 -11.81 11.05
C GLY A 7 11.45 -12.16 11.84
N GLY A 8 10.30 -11.77 11.30
CA GLY A 8 9.05 -12.04 11.97
C GLY A 8 7.84 -11.77 11.09
N GLY A 9 7.55 -10.50 10.88
CA GLY A 9 6.42 -10.12 10.05
C GLY A 9 6.72 -8.96 9.13
N THR A 10 5.83 -7.97 9.11
CA THR A 10 6.02 -6.80 8.26
C THR A 10 6.02 -5.52 9.08
N SER A 11 6.76 -5.52 10.19
CA SER A 11 6.84 -4.36 11.06
C SER A 11 8.09 -3.54 10.77
N ASN A 12 9.18 -4.23 10.45
CA ASN A 12 10.44 -3.56 10.14
C ASN A 12 10.34 -2.76 8.84
N GLU A 13 9.75 -3.37 7.82
CA GLU A 13 9.59 -2.72 6.53
C GLU A 13 8.54 -1.61 6.61
N VAL A 14 7.47 -1.88 7.35
CA VAL A 14 6.39 -0.90 7.51
C VAL A 14 6.88 0.33 8.27
N ALA A 15 7.69 0.10 9.30
CA ALA A 15 8.22 1.18 10.11
C ALA A 15 8.64 2.37 9.24
N GLN A 16 9.59 2.12 8.34
CA GLN A 16 10.07 3.17 7.45
C GLN A 16 8.93 3.78 6.64
N PHE A 17 8.06 2.93 6.13
CA PHE A 17 6.92 3.39 5.34
C PHE A 17 6.12 4.44 6.10
N LEU A 18 5.95 4.23 7.40
CA LEU A 18 5.20 5.16 8.23
C LEU A 18 6.13 6.22 8.82
N SER A 19 7.42 5.92 8.84
CA SER A 19 8.42 6.84 9.38
C SER A 19 8.40 8.16 8.62
N LYS A 20 7.87 8.13 7.40
CA LYS A 20 7.79 9.32 6.57
C LYS A 20 6.68 10.26 7.05
N GLU A 21 7.07 11.32 7.75
CA GLU A 21 6.12 12.29 8.27
C GLU A 21 5.72 13.29 7.18
N ASN A 22 4.57 13.93 7.38
CA ASN A 22 4.07 14.90 6.42
C ASN A 22 3.84 14.27 5.05
N GLN A 23 3.19 13.11 5.05
CA GLN A 23 2.91 12.40 3.81
C GLN A 23 1.44 11.97 3.75
N VAL A 24 0.99 11.59 2.56
CA VAL A 24 -0.39 11.14 2.37
C VAL A 24 -0.44 9.71 1.88
N ILE A 25 -1.01 8.83 2.70
CA ILE A 25 -1.12 7.41 2.34
C ILE A 25 -2.41 7.14 1.58
N VAL A 26 -2.32 6.27 0.58
CA VAL A 26 -3.48 5.91 -0.23
C VAL A 26 -3.80 4.42 -0.12
N ARG A 27 -5.09 4.11 -0.06
CA ARG A 27 -5.53 2.72 0.06
C ARG A 27 -5.87 2.15 -1.32
N MET A 28 -4.96 1.35 -1.87
CA MET A 28 -5.15 0.75 -3.17
C MET A 28 -5.77 -0.65 -3.03
N ARG A 29 -6.75 -0.94 -3.89
CA ARG A 29 -7.42 -2.23 -3.87
C ARG A 29 -7.62 -2.77 -5.28
N GLY A 30 -7.24 -4.02 -5.49
CA GLY A 30 -7.39 -4.63 -6.80
C GLY A 30 -6.11 -4.59 -7.61
N LEU A 31 -4.98 -4.46 -6.92
CA LEU A 31 -3.68 -4.41 -7.58
C LEU A 31 -3.25 -5.79 -8.04
N PRO A 32 -3.02 -5.95 -9.35
CA PRO A 32 -2.60 -7.22 -9.94
C PRO A 32 -1.44 -7.86 -9.18
N PHE A 33 -1.50 -9.17 -9.01
CA PHE A 33 -0.45 -9.90 -8.30
C PHE A 33 0.92 -9.49 -8.79
N THR A 34 1.06 -9.34 -10.11
CA THR A 34 2.34 -8.96 -10.71
C THR A 34 2.64 -7.49 -10.43
N ALA A 35 1.60 -6.72 -10.12
CA ALA A 35 1.77 -5.30 -9.83
C ALA A 35 2.68 -5.08 -8.63
N THR A 36 3.90 -4.63 -8.91
CA THR A 36 4.87 -4.38 -7.85
C THR A 36 5.25 -2.90 -7.79
N ALA A 37 6.03 -2.53 -6.77
CA ALA A 37 6.46 -1.16 -6.60
C ALA A 37 6.74 -0.50 -7.95
N GLU A 38 7.47 -1.21 -8.81
CA GLU A 38 7.80 -0.69 -10.13
C GLU A 38 6.55 -0.29 -10.90
N GLU A 39 5.57 -1.19 -10.93
CA GLU A 39 4.31 -0.93 -11.62
C GLU A 39 3.63 0.32 -11.08
N VAL A 40 3.78 0.55 -9.79
CA VAL A 40 3.19 1.72 -9.14
C VAL A 40 3.96 3.00 -9.49
N VAL A 41 5.27 2.98 -9.25
CA VAL A 41 6.11 4.12 -9.54
C VAL A 41 5.64 4.85 -10.79
N ALA A 42 5.48 4.10 -11.88
CA ALA A 42 5.02 4.68 -13.14
C ALA A 42 3.54 5.02 -13.09
N PHE A 43 2.77 4.19 -12.41
CA PHE A 43 1.32 4.41 -12.28
C PHE A 43 1.03 5.86 -11.89
N PHE A 44 1.59 6.27 -10.76
CA PHE A 44 1.38 7.64 -10.27
C PHE A 44 2.54 8.55 -10.68
N GLY A 45 3.68 7.94 -10.98
CA GLY A 45 4.84 8.70 -11.39
C GLY A 45 4.51 9.72 -12.47
N GLN A 46 3.46 9.46 -13.23
CA GLN A 46 3.04 10.36 -14.30
C GLN A 46 2.97 11.79 -13.80
N HIS A 47 1.93 12.11 -13.04
CA HIS A 47 1.75 13.45 -12.51
C HIS A 47 1.75 13.43 -10.98
N CYS A 48 1.77 12.23 -10.41
CA CYS A 48 1.78 12.08 -8.96
C CYS A 48 2.94 11.20 -8.52
N PRO A 49 4.12 11.81 -8.35
CA PRO A 49 5.33 11.10 -7.93
C PRO A 49 5.25 10.65 -6.48
N ILE A 50 5.73 9.43 -6.21
CA ILE A 50 5.72 8.88 -4.86
C ILE A 50 7.00 9.25 -4.11
N THR A 51 6.85 9.49 -2.81
CA THR A 51 7.99 9.86 -1.98
C THR A 51 8.94 8.68 -1.79
N GLY A 52 10.07 8.72 -2.48
CA GLY A 52 11.05 7.66 -2.39
C GLY A 52 10.84 6.58 -3.43
N GLY A 53 9.66 6.57 -4.05
CA GLY A 53 9.36 5.58 -5.06
C GLY A 53 9.20 4.19 -4.48
N LYS A 54 10.04 3.26 -4.95
CA LYS A 54 10.00 1.89 -4.47
C LYS A 54 9.96 1.84 -2.95
N GLU A 55 10.64 2.80 -2.31
CA GLU A 55 10.68 2.86 -0.86
C GLU A 55 9.35 3.38 -0.29
N GLY A 56 8.66 4.18 -1.09
CA GLY A 56 7.38 4.73 -0.66
C GLY A 56 6.21 3.89 -1.11
N ILE A 57 6.36 2.57 -1.04
CA ILE A 57 5.30 1.66 -1.44
C ILE A 57 5.25 0.43 -0.53
N LEU A 58 4.05 -0.09 -0.30
CA LEU A 58 3.87 -1.25 0.56
C LEU A 58 2.71 -2.11 0.06
N PHE A 59 3.00 -3.38 -0.23
CA PHE A 59 1.98 -4.30 -0.72
C PHE A 59 1.52 -5.24 0.40
N VAL A 60 0.23 -5.20 0.70
CA VAL A 60 -0.35 -6.05 1.74
C VAL A 60 -0.40 -7.50 1.30
N THR A 61 -0.10 -8.41 2.23
CA THR A 61 -0.12 -9.83 1.94
C THR A 61 -0.63 -10.63 3.12
N TYR A 62 -1.45 -11.64 2.84
CA TYR A 62 -2.02 -12.47 3.90
C TYR A 62 -0.93 -13.00 4.83
N PRO A 63 -1.32 -13.40 6.04
CA PRO A 63 -0.39 -13.92 7.04
C PRO A 63 0.16 -15.29 6.67
N ASP A 64 -0.21 -15.77 5.48
CA ASP A 64 0.25 -17.06 5.00
C ASP A 64 1.19 -16.90 3.81
N GLY A 65 1.15 -15.73 3.18
CA GLY A 65 2.00 -15.46 2.04
C GLY A 65 1.22 -15.38 0.74
N ARG A 66 0.10 -14.68 0.78
CA ARG A 66 -0.74 -14.52 -0.41
C ARG A 66 -1.02 -13.05 -0.68
N PRO A 67 -1.08 -12.69 -1.98
CA PRO A 67 -1.35 -11.32 -2.41
C PRO A 67 -2.78 -10.87 -2.12
N THR A 68 -2.97 -10.22 -0.99
CA THR A 68 -4.30 -9.75 -0.60
C THR A 68 -4.87 -8.78 -1.63
N GLY A 69 -4.03 -8.36 -2.57
CA GLY A 69 -4.47 -7.45 -3.60
C GLY A 69 -4.32 -6.00 -3.19
N ASP A 70 -4.75 -5.68 -1.97
CA ASP A 70 -4.67 -4.32 -1.46
C ASP A 70 -3.22 -3.90 -1.26
N ALA A 71 -2.99 -2.60 -1.16
CA ALA A 71 -1.64 -2.06 -0.97
C ALA A 71 -1.70 -0.63 -0.44
N PHE A 72 -0.53 -0.01 -0.32
CA PHE A 72 -0.43 1.35 0.18
C PHE A 72 0.71 2.10 -0.50
N VAL A 73 0.57 3.42 -0.60
CA VAL A 73 1.58 4.26 -1.22
C VAL A 73 1.80 5.55 -0.45
N LEU A 74 2.95 6.18 -0.65
CA LEU A 74 3.27 7.42 0.03
C LEU A 74 3.25 8.60 -0.95
N PHE A 75 2.83 9.76 -0.45
CA PHE A 75 2.76 10.97 -1.28
C PHE A 75 3.21 12.19 -0.49
N ALA A 76 3.91 13.10 -1.17
CA ALA A 76 4.40 14.31 -0.53
C ALA A 76 3.26 15.07 0.15
N CYS A 77 2.34 15.59 -0.64
CA CYS A 77 1.20 16.34 -0.11
C CYS A 77 -0.09 15.96 -0.83
N GLU A 78 -1.18 16.66 -0.49
CA GLU A 78 -2.46 16.39 -1.11
C GLU A 78 -2.43 16.68 -2.61
N GLU A 79 -1.69 17.72 -2.99
CA GLU A 79 -1.57 18.09 -4.39
C GLU A 79 -1.35 16.85 -5.27
N TYR A 80 -0.53 15.93 -4.79
CA TYR A 80 -0.25 14.71 -5.53
C TYR A 80 -1.29 13.64 -5.24
N ALA A 81 -1.58 13.44 -3.96
CA ALA A 81 -2.57 12.45 -3.55
C ALA A 81 -3.91 12.69 -4.22
N GLN A 82 -4.53 13.84 -3.91
CA GLN A 82 -5.82 14.20 -4.49
C GLN A 82 -5.82 13.96 -5.99
N ASN A 83 -4.84 14.52 -6.68
CA ASN A 83 -4.73 14.37 -8.13
C ASN A 83 -4.72 12.90 -8.52
N ALA A 84 -4.26 12.05 -7.61
CA ALA A 84 -4.20 10.61 -7.86
C ALA A 84 -5.56 9.96 -7.65
N LEU A 85 -6.31 10.47 -6.69
CA LEU A 85 -7.64 9.93 -6.39
C LEU A 85 -8.51 9.91 -7.64
N ARG A 86 -8.27 10.85 -8.54
CA ARG A 86 -9.03 10.93 -9.79
C ARG A 86 -8.81 9.69 -10.64
N LYS A 87 -7.71 8.99 -10.39
CA LYS A 87 -7.38 7.78 -11.14
C LYS A 87 -8.25 6.61 -10.70
N HIS A 88 -9.10 6.86 -9.70
CA HIS A 88 -9.99 5.82 -9.18
C HIS A 88 -10.42 4.88 -10.29
N LYS A 89 -10.43 3.58 -10.00
CA LYS A 89 -10.82 2.57 -10.97
C LYS A 89 -9.89 2.59 -12.19
N ASP A 90 -8.64 2.96 -11.95
CA ASP A 90 -7.66 3.02 -13.02
C ASP A 90 -7.51 1.66 -13.71
N LEU A 91 -6.74 1.62 -14.78
CA LEU A 91 -6.52 0.38 -15.52
C LEU A 91 -5.03 0.18 -15.82
N LEU A 92 -4.41 -0.73 -15.07
CA LEU A 92 -2.99 -1.02 -15.25
C LEU A 92 -2.79 -2.45 -15.74
N GLY A 93 -2.28 -2.60 -16.96
CA GLY A 93 -2.04 -3.92 -17.52
C GLY A 93 -3.32 -4.73 -17.63
N LYS A 94 -4.41 -4.08 -18.02
CA LYS A 94 -5.69 -4.74 -18.17
C LYS A 94 -6.21 -5.24 -16.82
N ARG A 95 -6.26 -4.34 -15.84
CA ARG A 95 -6.74 -4.70 -14.51
C ARG A 95 -7.26 -3.47 -13.78
N TYR A 96 -8.56 -3.47 -13.48
CA TYR A 96 -9.18 -2.35 -12.78
C TYR A 96 -8.69 -2.25 -11.34
N ILE A 97 -8.38 -1.04 -10.91
CA ILE A 97 -7.88 -0.81 -9.55
C ILE A 97 -8.61 0.36 -8.91
N GLU A 98 -9.03 0.18 -7.66
CA GLU A 98 -9.72 1.22 -6.92
C GLU A 98 -8.74 2.10 -6.15
N LEU A 99 -9.26 3.14 -5.51
CA LEU A 99 -8.43 4.05 -4.73
C LEU A 99 -9.25 4.77 -3.67
N PHE A 100 -8.69 4.90 -2.47
CA PHE A 100 -9.37 5.58 -1.38
C PHE A 100 -8.37 6.13 -0.37
N ARG A 101 -8.51 7.41 -0.05
CA ARG A 101 -7.61 8.07 0.90
C ARG A 101 -7.29 7.14 2.07
N SER A 102 -6.03 7.11 2.46
CA SER A 102 -5.59 6.26 3.57
C SER A 102 -4.72 7.05 4.55
N THR A 103 -4.69 6.60 5.80
CA THR A 103 -3.90 7.27 6.83
C THR A 103 -3.07 6.25 7.61
N ALA A 104 -1.99 6.73 8.23
CA ALA A 104 -1.12 5.86 9.01
C ALA A 104 -1.94 4.91 9.87
N ALA A 105 -2.80 5.46 10.72
CA ALA A 105 -3.64 4.64 11.59
C ALA A 105 -4.41 3.60 10.80
N GLU A 106 -4.93 4.01 9.64
CA GLU A 106 -5.69 3.11 8.78
C GLU A 106 -4.84 1.93 8.33
N VAL A 107 -3.65 2.22 7.83
CA VAL A 107 -2.73 1.18 7.36
C VAL A 107 -2.49 0.13 8.44
N GLN A 108 -1.87 0.56 9.54
CA GLN A 108 -1.58 -0.34 10.66
C GLN A 108 -2.78 -1.24 10.94
N GLN A 109 -3.98 -0.71 10.75
CA GLN A 109 -5.20 -1.48 10.99
C GLN A 109 -5.42 -2.51 9.90
N VAL A 110 -5.29 -2.08 8.64
CA VAL A 110 -5.48 -2.98 7.51
C VAL A 110 -4.51 -4.16 7.57
N LEU A 111 -3.32 -3.92 8.09
CA LEU A 111 -2.31 -4.96 8.21
C LEU A 111 -2.74 -6.03 9.22
N ASN A 112 -3.18 -5.58 10.39
CA ASN A 112 -3.63 -6.49 11.44
C ASN A 112 -4.92 -7.21 11.02
N ARG A 113 -5.83 -6.46 10.40
CA ARG A 113 -7.09 -7.02 9.94
C ARG A 113 -6.86 -8.24 9.05
N PHE A 114 -5.87 -8.14 8.17
CA PHE A 114 -5.54 -9.21 7.25
C PHE A 114 -4.70 -10.29 7.94
N SER A 115 -3.67 -9.84 8.65
CA SER A 115 -2.78 -10.75 9.36
C SER A 115 -3.55 -11.54 10.42
N SER A 116 -4.70 -11.02 10.82
CA SER A 116 -5.52 -11.67 11.83
C SER A 116 -6.80 -12.23 11.21
N ALA A 117 -6.64 -13.16 10.28
CA ALA A 117 -7.77 -13.78 9.61
C ALA A 117 -7.90 -15.25 9.99
N SER A 118 -8.42 -15.49 11.19
CA SER A 118 -8.60 -16.84 11.69
C SER A 118 -9.10 -17.77 10.59
N GLY A 119 -10.08 -17.29 9.82
CA GLY A 119 -10.63 -18.08 8.74
C GLY A 119 -9.58 -18.50 7.74
N PRO A 120 -9.97 -19.36 6.78
CA PRO A 120 -11.33 -19.88 6.70
C PRO A 120 -11.66 -20.85 7.84
N SER A 121 -12.92 -21.22 7.95
CA SER A 121 -13.37 -22.14 9.00
C SER A 121 -12.86 -21.68 10.36
N SER A 122 -12.99 -20.39 10.64
CA SER A 122 -12.54 -19.82 11.90
C SER A 122 -12.96 -20.71 13.07
N GLY A 123 -12.20 -20.64 14.16
CA GLY A 123 -12.52 -21.44 15.33
C GLY A 123 -11.37 -21.47 16.32
N GLY A 1 7.62 19.35 15.97
CA GLY A 1 6.80 18.19 16.24
C GLY A 1 7.13 17.53 17.56
N SER A 2 6.31 16.56 17.96
CA SER A 2 6.52 15.86 19.23
C SER A 2 7.97 15.39 19.35
N SER A 3 8.57 15.67 20.50
CA SER A 3 9.96 15.27 20.74
C SER A 3 10.26 13.93 20.09
N GLY A 4 9.47 12.92 20.42
CA GLY A 4 9.67 11.59 19.87
C GLY A 4 9.35 10.49 20.86
N SER A 5 8.92 9.34 20.34
CA SER A 5 8.58 8.20 21.19
C SER A 5 9.26 6.93 20.69
N SER A 6 9.55 6.03 21.61
CA SER A 6 10.20 4.77 21.26
C SER A 6 9.20 3.77 20.70
N GLY A 7 9.12 3.70 19.38
CA GLY A 7 8.21 2.78 18.73
C GLY A 7 8.32 2.82 17.22
N GLY A 8 7.41 2.12 16.54
CA GLY A 8 7.43 2.09 15.09
C GLY A 8 6.21 1.41 14.50
N GLY A 9 6.33 0.91 13.28
CA GLY A 9 5.21 0.24 12.64
C GLY A 9 5.11 -1.22 13.02
N THR A 10 4.29 -1.97 12.28
CA THR A 10 4.10 -3.39 12.55
C THR A 10 5.35 -4.18 12.20
N SER A 11 6.17 -3.64 11.31
CA SER A 11 7.39 -4.30 10.88
C SER A 11 8.41 -3.28 10.35
N ASN A 12 9.69 -3.61 10.49
CA ASN A 12 10.75 -2.72 10.01
C ASN A 12 10.36 -2.06 8.70
N GLU A 13 9.88 -2.86 7.75
CA GLU A 13 9.48 -2.34 6.46
C GLU A 13 8.46 -1.22 6.60
N VAL A 14 7.42 -1.48 7.40
CA VAL A 14 6.38 -0.49 7.62
C VAL A 14 6.92 0.73 8.36
N ALA A 15 7.78 0.48 9.35
CA ALA A 15 8.37 1.57 10.12
C ALA A 15 8.82 2.71 9.22
N GLN A 16 9.73 2.41 8.30
CA GLN A 16 10.24 3.42 7.37
C GLN A 16 9.12 3.96 6.49
N PHE A 17 8.19 3.10 6.11
CA PHE A 17 7.07 3.49 5.27
C PHE A 17 6.23 4.57 5.95
N LEU A 18 6.05 4.42 7.27
CA LEU A 18 5.27 5.37 8.04
C LEU A 18 6.17 6.44 8.66
N SER A 19 7.47 6.16 8.70
CA SER A 19 8.43 7.10 9.27
C SER A 19 8.33 8.46 8.61
N LYS A 20 8.13 8.46 7.29
CA LYS A 20 8.01 9.71 6.54
C LYS A 20 6.95 10.61 7.14
N GLU A 21 7.37 11.77 7.63
CA GLU A 21 6.45 12.73 8.23
C GLU A 21 5.73 13.55 7.16
N ASN A 22 4.62 14.17 7.55
CA ASN A 22 3.84 14.99 6.62
C ASN A 22 3.69 14.28 5.29
N GLN A 23 3.24 13.03 5.33
CA GLN A 23 3.04 12.25 4.12
C GLN A 23 1.61 11.72 4.03
N VAL A 24 1.17 11.42 2.82
CA VAL A 24 -0.18 10.91 2.60
C VAL A 24 -0.16 9.45 2.18
N ILE A 25 -1.00 8.64 2.80
CA ILE A 25 -1.08 7.22 2.48
C ILE A 25 -2.38 6.89 1.77
N VAL A 26 -2.27 6.17 0.66
CA VAL A 26 -3.43 5.77 -0.12
C VAL A 26 -3.63 4.26 -0.10
N ARG A 27 -4.87 3.84 0.14
CA ARG A 27 -5.19 2.42 0.19
C ARG A 27 -5.59 1.90 -1.19
N MET A 28 -4.73 1.05 -1.76
CA MET A 28 -4.99 0.48 -3.08
C MET A 28 -5.58 -0.92 -2.96
N ARG A 29 -6.72 -1.13 -3.61
CA ARG A 29 -7.39 -2.43 -3.58
C ARG A 29 -7.68 -2.93 -4.99
N GLY A 30 -7.53 -4.24 -5.19
CA GLY A 30 -7.77 -4.83 -6.49
C GLY A 30 -6.57 -4.71 -7.41
N LEU A 31 -5.38 -4.85 -6.84
CA LEU A 31 -4.14 -4.76 -7.62
C LEU A 31 -3.76 -6.12 -8.19
N PRO A 32 -3.47 -6.15 -9.50
CA PRO A 32 -3.08 -7.38 -10.19
C PRO A 32 -2.00 -8.16 -9.44
N PHE A 33 -2.30 -9.41 -9.11
CA PHE A 33 -1.36 -10.25 -8.38
C PHE A 33 0.06 -10.04 -8.89
N THR A 34 0.18 -9.68 -10.16
CA THR A 34 1.49 -9.45 -10.77
C THR A 34 2.01 -8.06 -10.43
N ALA A 35 1.12 -7.07 -10.48
CA ALA A 35 1.48 -5.69 -10.17
C ALA A 35 2.52 -5.64 -9.05
N THR A 36 3.63 -4.96 -9.30
CA THR A 36 4.69 -4.83 -8.31
C THR A 36 4.99 -3.36 -8.03
N ALA A 37 6.02 -3.13 -7.22
CA ALA A 37 6.42 -1.77 -6.86
C ALA A 37 6.76 -0.96 -8.10
N GLU A 38 7.62 -1.52 -8.96
CA GLU A 38 8.02 -0.84 -10.19
C GLU A 38 6.81 -0.42 -11.00
N GLU A 39 5.76 -1.22 -10.95
CA GLU A 39 4.53 -0.92 -11.69
C GLU A 39 3.86 0.34 -11.14
N VAL A 40 3.86 0.47 -9.82
CA VAL A 40 3.25 1.63 -9.17
C VAL A 40 4.05 2.90 -9.45
N VAL A 41 5.35 2.84 -9.21
CA VAL A 41 6.22 3.99 -9.45
C VAL A 41 5.79 4.76 -10.69
N ALA A 42 5.57 4.04 -11.78
CA ALA A 42 5.15 4.66 -13.04
C ALA A 42 3.67 5.04 -12.99
N PHE A 43 2.86 4.16 -12.40
CA PHE A 43 1.43 4.40 -12.29
C PHE A 43 1.14 5.85 -11.93
N PHE A 44 1.68 6.28 -10.78
CA PHE A 44 1.47 7.66 -10.31
C PHE A 44 2.65 8.54 -10.71
N GLY A 45 3.79 7.91 -10.99
CA GLY A 45 4.97 8.67 -11.37
C GLY A 45 4.69 9.66 -12.48
N GLN A 46 3.62 9.41 -13.23
CA GLN A 46 3.24 10.28 -14.34
C GLN A 46 3.13 11.74 -13.86
N HIS A 47 2.09 12.02 -13.09
CA HIS A 47 1.87 13.36 -12.58
C HIS A 47 1.91 13.37 -11.05
N CYS A 48 1.78 12.19 -10.45
CA CYS A 48 1.80 12.07 -9.00
C CYS A 48 2.96 11.19 -8.55
N PRO A 49 4.15 11.81 -8.42
CA PRO A 49 5.36 11.11 -8.00
C PRO A 49 5.31 10.69 -6.53
N ILE A 50 5.63 9.42 -6.27
CA ILE A 50 5.61 8.90 -4.91
C ILE A 50 6.88 9.30 -4.15
N THR A 51 6.74 9.54 -2.85
CA THR A 51 7.86 9.93 -2.01
C THR A 51 8.87 8.79 -1.88
N GLY A 52 10.03 8.96 -2.52
CA GLY A 52 11.06 7.94 -2.45
C GLY A 52 10.87 6.86 -3.49
N GLY A 53 9.63 6.70 -3.96
CA GLY A 53 9.34 5.69 -4.96
C GLY A 53 9.19 4.30 -4.36
N LYS A 54 9.96 3.35 -4.88
CA LYS A 54 9.93 1.98 -4.39
C LYS A 54 9.95 1.95 -2.86
N GLU A 55 10.48 3.01 -2.25
CA GLU A 55 10.56 3.10 -0.80
C GLU A 55 9.23 3.56 -0.21
N GLY A 56 8.55 4.44 -0.94
CA GLY A 56 7.27 4.95 -0.46
C GLY A 56 6.11 4.05 -0.85
N ILE A 57 6.39 2.76 -1.04
CA ILE A 57 5.37 1.80 -1.42
C ILE A 57 5.34 0.62 -0.45
N LEU A 58 4.13 0.17 -0.12
CA LEU A 58 3.96 -0.96 0.80
C LEU A 58 2.91 -1.93 0.27
N PHE A 59 3.35 -3.12 -0.10
CA PHE A 59 2.44 -4.15 -0.63
C PHE A 59 1.96 -5.06 0.50
N VAL A 60 0.67 -4.99 0.81
CA VAL A 60 0.09 -5.81 1.85
C VAL A 60 0.10 -7.29 1.47
N THR A 61 0.87 -8.09 2.20
CA THR A 61 0.96 -9.52 1.94
C THR A 61 0.66 -10.32 3.19
N TYR A 62 -0.11 -11.40 3.02
CA TYR A 62 -0.48 -12.26 4.14
C TYR A 62 0.73 -12.53 5.03
N PRO A 63 0.46 -12.92 6.29
CA PRO A 63 1.51 -13.23 7.26
C PRO A 63 2.25 -14.52 6.92
N ASP A 64 1.91 -15.12 5.79
CA ASP A 64 2.55 -16.35 5.36
C ASP A 64 3.37 -16.12 4.09
N GLY A 65 3.10 -15.01 3.42
CA GLY A 65 3.82 -14.68 2.20
C GLY A 65 2.96 -14.83 0.96
N ARG A 66 1.87 -14.07 0.89
CA ARG A 66 0.96 -14.13 -0.25
C ARG A 66 0.34 -12.75 -0.50
N PRO A 67 0.10 -12.46 -1.78
CA PRO A 67 -0.50 -11.18 -2.20
C PRO A 67 -1.97 -11.07 -1.79
N THR A 68 -2.25 -10.16 -0.86
CA THR A 68 -3.61 -9.95 -0.39
C THR A 68 -4.42 -9.11 -1.36
N GLY A 69 -3.72 -8.52 -2.34
CA GLY A 69 -4.39 -7.69 -3.32
C GLY A 69 -4.36 -6.22 -2.96
N ASP A 70 -4.39 -5.93 -1.66
CA ASP A 70 -4.35 -4.55 -1.19
C ASP A 70 -2.92 -4.04 -1.09
N ALA A 71 -2.77 -2.73 -0.97
CA ALA A 71 -1.46 -2.11 -0.87
C ALA A 71 -1.56 -0.69 -0.32
N PHE A 72 -0.42 -0.03 -0.19
CA PHE A 72 -0.37 1.33 0.33
C PHE A 72 0.74 2.14 -0.33
N VAL A 73 0.41 3.35 -0.76
CA VAL A 73 1.38 4.23 -1.41
C VAL A 73 1.58 5.51 -0.61
N LEU A 74 2.71 6.18 -0.86
CA LEU A 74 3.02 7.42 -0.17
C LEU A 74 2.99 8.60 -1.13
N PHE A 75 2.64 9.77 -0.61
CA PHE A 75 2.57 10.98 -1.41
C PHE A 75 3.00 12.20 -0.60
N ALA A 76 3.75 13.10 -1.25
CA ALA A 76 4.23 14.31 -0.58
C ALA A 76 3.11 14.97 0.21
N CYS A 77 2.03 15.30 -0.48
CA CYS A 77 0.88 15.94 0.17
C CYS A 77 -0.38 15.79 -0.69
N GLU A 78 -1.47 16.37 -0.21
CA GLU A 78 -2.75 16.30 -0.93
C GLU A 78 -2.56 16.64 -2.40
N GLU A 79 -1.64 17.57 -2.68
CA GLU A 79 -1.38 18.00 -4.04
C GLU A 79 -1.03 16.80 -4.92
N TYR A 80 -0.38 15.80 -4.34
CA TYR A 80 0.01 14.60 -5.07
C TYR A 80 -1.05 13.51 -4.93
N ALA A 81 -1.57 13.34 -3.72
CA ALA A 81 -2.58 12.34 -3.46
C ALA A 81 -3.84 12.61 -4.28
N GLN A 82 -4.47 13.75 -4.03
CA GLN A 82 -5.68 14.12 -4.73
C GLN A 82 -5.53 13.88 -6.24
N ASN A 83 -4.55 14.52 -6.84
CA ASN A 83 -4.29 14.37 -8.27
C ASN A 83 -4.27 12.89 -8.67
N ALA A 84 -4.02 12.03 -7.68
CA ALA A 84 -3.97 10.60 -7.93
C ALA A 84 -5.33 9.95 -7.67
N LEU A 85 -6.06 10.47 -6.68
CA LEU A 85 -7.36 9.94 -6.34
C LEU A 85 -8.28 9.92 -7.55
N ARG A 86 -8.17 10.94 -8.39
CA ARG A 86 -8.99 11.04 -9.60
C ARG A 86 -8.79 9.82 -10.49
N LYS A 87 -7.63 9.17 -10.35
CA LYS A 87 -7.31 8.00 -11.15
C LYS A 87 -8.20 6.82 -10.77
N HIS A 88 -9.05 7.03 -9.76
CA HIS A 88 -9.96 6.00 -9.30
C HIS A 88 -10.45 5.14 -10.47
N LYS A 89 -10.44 3.82 -10.28
CA LYS A 89 -10.86 2.90 -11.31
C LYS A 89 -9.91 2.92 -12.50
N ASP A 90 -8.65 3.26 -12.24
CA ASP A 90 -7.63 3.31 -13.28
C ASP A 90 -7.50 1.97 -13.99
N LEU A 91 -6.61 1.90 -14.97
CA LEU A 91 -6.40 0.67 -15.72
C LEU A 91 -4.90 0.42 -15.92
N LEU A 92 -4.40 -0.61 -15.25
CA LEU A 92 -2.98 -0.97 -15.35
C LEU A 92 -2.81 -2.39 -15.90
N GLY A 93 -2.21 -2.49 -17.08
CA GLY A 93 -2.00 -3.79 -17.69
C GLY A 93 -3.29 -4.57 -17.87
N LYS A 94 -4.35 -3.86 -18.26
CA LYS A 94 -5.65 -4.49 -18.47
C LYS A 94 -6.23 -4.99 -17.15
N ARG A 95 -6.29 -4.11 -16.16
CA ARG A 95 -6.82 -4.45 -14.85
C ARG A 95 -7.32 -3.22 -14.12
N TYR A 96 -8.62 -3.16 -13.87
CA TYR A 96 -9.23 -2.03 -13.17
C TYR A 96 -8.80 -2.00 -11.71
N ILE A 97 -8.31 -0.85 -11.26
CA ILE A 97 -7.87 -0.69 -9.89
C ILE A 97 -8.60 0.47 -9.21
N GLU A 98 -8.99 0.26 -7.95
CA GLU A 98 -9.69 1.29 -7.20
C GLU A 98 -8.74 2.02 -6.25
N LEU A 99 -9.18 3.15 -5.73
CA LEU A 99 -8.37 3.95 -4.81
C LEU A 99 -9.23 4.55 -3.70
N PHE A 100 -8.63 4.73 -2.53
CA PHE A 100 -9.34 5.29 -1.39
C PHE A 100 -8.36 5.94 -0.41
N ARG A 101 -8.66 7.17 -0.01
CA ARG A 101 -7.81 7.91 0.91
C ARG A 101 -7.55 7.09 2.18
N SER A 102 -6.27 6.86 2.46
CA SER A 102 -5.89 6.08 3.63
C SER A 102 -5.07 6.93 4.60
N THR A 103 -4.77 6.36 5.77
CA THR A 103 -3.99 7.06 6.78
C THR A 103 -3.16 6.09 7.62
N ALA A 104 -2.15 6.62 8.30
CA ALA A 104 -1.29 5.80 9.13
C ALA A 104 -2.10 4.80 9.94
N ALA A 105 -3.00 5.30 10.78
CA ALA A 105 -3.84 4.45 11.61
C ALA A 105 -4.57 3.40 10.76
N GLU A 106 -5.18 3.85 9.68
CA GLU A 106 -5.91 2.96 8.78
C GLU A 106 -5.03 1.77 8.36
N VAL A 107 -3.86 2.08 7.81
CA VAL A 107 -2.94 1.04 7.37
C VAL A 107 -2.68 0.02 8.48
N GLN A 108 -2.09 0.49 9.58
CA GLN A 108 -1.79 -0.38 10.71
C GLN A 108 -2.99 -1.24 11.07
N GLN A 109 -4.18 -0.71 10.83
CA GLN A 109 -5.42 -1.44 11.13
C GLN A 109 -5.71 -2.48 10.06
N VAL A 110 -5.25 -2.21 8.84
CA VAL A 110 -5.45 -3.13 7.72
C VAL A 110 -4.42 -4.24 7.73
N LEU A 111 -3.35 -4.05 8.50
CA LEU A 111 -2.29 -5.04 8.59
C LEU A 111 -2.59 -6.08 9.66
N ASN A 112 -3.09 -5.61 10.80
CA ASN A 112 -3.44 -6.50 11.90
C ASN A 112 -4.51 -7.49 11.49
N ARG A 113 -5.52 -7.01 10.78
CA ARG A 113 -6.61 -7.86 10.32
C ARG A 113 -6.09 -8.99 9.44
N PHE A 114 -5.31 -8.63 8.42
CA PHE A 114 -4.74 -9.62 7.51
C PHE A 114 -3.72 -10.50 8.22
N SER A 115 -2.95 -9.88 9.12
CA SER A 115 -1.93 -10.61 9.86
C SER A 115 -2.55 -11.65 10.77
N SER A 116 -3.72 -11.33 11.32
CA SER A 116 -4.43 -12.25 12.20
C SER A 116 -5.84 -12.54 11.68
N ALA A 117 -5.94 -13.53 10.81
CA ALA A 117 -7.22 -13.93 10.23
C ALA A 117 -7.62 -15.33 10.67
N SER A 118 -6.63 -16.21 10.77
CA SER A 118 -6.88 -17.60 11.17
C SER A 118 -7.73 -17.64 12.43
N GLY A 119 -8.73 -18.52 12.43
CA GLY A 119 -9.61 -18.65 13.58
C GLY A 119 -11.05 -18.90 13.19
N PRO A 120 -11.78 -17.83 12.85
CA PRO A 120 -11.23 -16.48 12.86
C PRO A 120 -10.95 -15.97 14.27
N SER A 121 -10.41 -14.76 14.35
CA SER A 121 -10.09 -14.16 15.65
C SER A 121 -10.81 -12.83 15.83
N SER A 122 -11.88 -12.83 16.62
CA SER A 122 -12.66 -11.63 16.87
C SER A 122 -13.20 -11.61 18.29
N GLY A 123 -13.77 -10.48 18.69
CA GLY A 123 -14.33 -10.36 20.03
C GLY A 123 -13.76 -9.17 20.78
N GLY A 1 17.16 -6.14 8.10
CA GLY A 1 17.38 -6.89 6.88
C GLY A 1 16.33 -6.60 5.83
N SER A 2 16.25 -7.48 4.82
CA SER A 2 15.27 -7.31 3.75
C SER A 2 14.02 -8.14 4.02
N SER A 3 14.20 -9.45 4.12
CA SER A 3 13.08 -10.35 4.37
C SER A 3 12.89 -10.59 5.87
N GLY A 4 11.67 -10.38 6.35
CA GLY A 4 11.39 -10.58 7.76
C GLY A 4 10.02 -11.20 7.99
N SER A 5 9.70 -11.45 9.26
CA SER A 5 8.42 -12.05 9.62
C SER A 5 7.74 -11.25 10.72
N SER A 6 6.54 -10.78 10.45
CA SER A 6 5.78 -10.00 11.43
C SER A 6 5.94 -10.58 12.82
N GLY A 7 6.91 -10.07 13.57
CA GLY A 7 7.15 -10.56 14.91
C GLY A 7 6.51 -9.67 15.97
N GLY A 8 7.33 -9.11 16.86
CA GLY A 8 6.81 -8.26 17.90
C GLY A 8 6.91 -6.79 17.55
N GLY A 9 5.80 -6.23 17.05
CA GLY A 9 5.78 -4.82 16.68
C GLY A 9 5.56 -4.63 15.20
N THR A 10 5.17 -3.41 14.81
CA THR A 10 4.92 -3.10 13.41
C THR A 10 6.02 -3.66 12.51
N SER A 11 5.63 -4.14 11.34
CA SER A 11 6.57 -4.72 10.39
C SER A 11 7.80 -3.81 10.24
N ASN A 12 8.96 -4.43 10.04
CA ASN A 12 10.20 -3.67 9.88
C ASN A 12 10.13 -2.75 8.67
N GLU A 13 9.39 -3.19 7.64
CA GLU A 13 9.24 -2.40 6.42
C GLU A 13 8.28 -1.24 6.63
N VAL A 14 7.11 -1.55 7.18
CA VAL A 14 6.09 -0.53 7.45
C VAL A 14 6.68 0.64 8.23
N ALA A 15 7.64 0.35 9.09
CA ALA A 15 8.28 1.38 9.90
C ALA A 15 8.71 2.56 9.04
N GLN A 16 9.68 2.32 8.16
CA GLN A 16 10.19 3.37 7.28
C GLN A 16 9.06 3.96 6.45
N PHE A 17 8.03 3.16 6.17
CA PHE A 17 6.90 3.59 5.39
C PHE A 17 6.09 4.64 6.14
N LEU A 18 5.98 4.48 7.44
CA LEU A 18 5.22 5.41 8.28
C LEU A 18 6.15 6.48 8.84
N SER A 19 7.44 6.20 8.88
CA SER A 19 8.42 7.14 9.40
C SER A 19 8.29 8.50 8.71
N LYS A 20 7.99 8.47 7.42
CA LYS A 20 7.83 9.69 6.64
C LYS A 20 6.86 10.66 7.34
N GLU A 21 7.31 11.90 7.52
CA GLU A 21 6.49 12.91 8.17
C GLU A 21 5.90 13.88 7.14
N ASN A 22 4.63 14.22 7.31
CA ASN A 22 3.95 15.13 6.41
C ASN A 22 3.71 14.47 5.06
N GLN A 23 3.27 13.22 5.09
CA GLN A 23 3.00 12.48 3.86
C GLN A 23 1.57 11.92 3.86
N VAL A 24 1.05 11.66 2.67
CA VAL A 24 -0.30 11.12 2.53
C VAL A 24 -0.27 9.67 2.09
N ILE A 25 -1.11 8.85 2.72
CA ILE A 25 -1.18 7.43 2.38
C ILE A 25 -2.49 7.09 1.67
N VAL A 26 -2.40 6.20 0.68
CA VAL A 26 -3.58 5.79 -0.08
C VAL A 26 -3.77 4.28 -0.05
N ARG A 27 -5.01 3.85 0.08
CA ARG A 27 -5.33 2.43 0.13
C ARG A 27 -5.62 1.88 -1.26
N MET A 28 -4.70 1.08 -1.79
CA MET A 28 -4.87 0.49 -3.11
C MET A 28 -5.50 -0.89 -3.02
N ARG A 29 -6.54 -1.11 -3.81
CA ARG A 29 -7.23 -2.40 -3.82
C ARG A 29 -7.46 -2.89 -5.25
N GLY A 30 -7.29 -4.19 -5.45
CA GLY A 30 -7.48 -4.75 -6.78
C GLY A 30 -6.22 -4.74 -7.60
N LEU A 31 -5.07 -4.73 -6.93
CA LEU A 31 -3.78 -4.72 -7.61
C LEU A 31 -3.43 -6.10 -8.13
N PRO A 32 -3.18 -6.20 -9.45
CA PRO A 32 -2.82 -7.45 -10.10
C PRO A 32 -1.73 -8.22 -9.35
N PHE A 33 -2.02 -9.46 -9.01
CA PHE A 33 -1.06 -10.30 -8.29
C PHE A 33 0.36 -10.04 -8.77
N THR A 34 0.50 -9.73 -10.06
CA THR A 34 1.81 -9.45 -10.64
C THR A 34 2.28 -8.05 -10.29
N ALA A 35 1.42 -7.06 -10.53
CA ALA A 35 1.75 -5.67 -10.24
C ALA A 35 2.64 -5.57 -9.01
N THR A 36 3.73 -4.81 -9.14
CA THR A 36 4.67 -4.63 -8.04
C THR A 36 5.02 -3.15 -7.86
N ALA A 37 5.85 -2.87 -6.86
CA ALA A 37 6.27 -1.50 -6.59
C ALA A 37 6.75 -0.81 -7.86
N GLU A 38 7.58 -1.50 -8.63
CA GLU A 38 8.12 -0.95 -9.87
C GLU A 38 6.99 -0.53 -10.80
N GLU A 39 5.85 -1.20 -10.69
CA GLU A 39 4.70 -0.89 -11.53
C GLU A 39 4.00 0.38 -11.05
N VAL A 40 3.83 0.50 -9.74
CA VAL A 40 3.18 1.67 -9.15
C VAL A 40 3.99 2.93 -9.42
N VAL A 41 5.30 2.84 -9.21
CA VAL A 41 6.19 3.98 -9.42
C VAL A 41 5.76 4.80 -10.63
N ALA A 42 5.47 4.11 -11.73
CA ALA A 42 5.04 4.78 -12.95
C ALA A 42 3.55 5.12 -12.90
N PHE A 43 2.77 4.23 -12.31
CA PHE A 43 1.33 4.44 -12.19
C PHE A 43 1.02 5.88 -11.79
N PHE A 44 1.58 6.29 -10.65
CA PHE A 44 1.36 7.65 -10.15
C PHE A 44 2.47 8.58 -10.60
N GLY A 45 3.62 8.00 -10.93
CA GLY A 45 4.76 8.79 -11.38
C GLY A 45 4.38 9.80 -12.45
N GLN A 46 3.24 9.57 -13.08
CA GLN A 46 2.77 10.46 -14.14
C GLN A 46 2.67 11.90 -13.64
N HIS A 47 1.64 12.17 -12.84
CA HIS A 47 1.43 13.51 -12.30
C HIS A 47 1.50 13.49 -10.77
N CYS A 48 1.63 12.29 -10.21
CA CYS A 48 1.69 12.14 -8.76
C CYS A 48 2.89 11.27 -8.37
N PRO A 49 4.07 11.91 -8.24
CA PRO A 49 5.31 11.23 -7.87
C PRO A 49 5.30 10.76 -6.41
N ILE A 50 5.64 9.49 -6.21
CA ILE A 50 5.68 8.92 -4.87
C ILE A 50 6.97 9.30 -4.15
N THR A 51 6.86 9.50 -2.84
CA THR A 51 8.02 9.87 -2.03
C THR A 51 9.02 8.71 -1.94
N GLY A 52 10.06 8.78 -2.75
CA GLY A 52 11.07 7.72 -2.75
C GLY A 52 10.82 6.68 -3.82
N GLY A 53 9.64 6.72 -4.43
CA GLY A 53 9.30 5.76 -5.46
C GLY A 53 9.10 4.36 -4.91
N LYS A 54 9.81 3.40 -5.48
CA LYS A 54 9.72 2.01 -5.05
C LYS A 54 9.81 1.91 -3.53
N GLU A 55 10.48 2.88 -2.91
CA GLU A 55 10.65 2.90 -1.46
C GLU A 55 9.38 3.38 -0.78
N GLY A 56 8.64 4.26 -1.46
CA GLY A 56 7.42 4.80 -0.90
C GLY A 56 6.20 3.94 -1.24
N ILE A 57 6.39 2.63 -1.21
CA ILE A 57 5.30 1.71 -1.52
C ILE A 57 5.33 0.50 -0.60
N LEU A 58 4.15 0.08 -0.13
CA LEU A 58 4.05 -1.07 0.76
C LEU A 58 2.95 -2.01 0.30
N PHE A 59 3.33 -3.21 -0.12
CA PHE A 59 2.37 -4.21 -0.59
C PHE A 59 1.95 -5.13 0.55
N VAL A 60 0.65 -5.17 0.82
CA VAL A 60 0.11 -6.01 1.89
C VAL A 60 0.13 -7.48 1.48
N THR A 61 0.88 -8.29 2.24
CA THR A 61 0.98 -9.71 1.96
C THR A 61 0.64 -10.54 3.19
N TYR A 62 -0.11 -11.62 3.00
CA TYR A 62 -0.50 -12.49 4.10
C TYR A 62 0.69 -12.80 5.00
N PRO A 63 0.40 -13.19 6.25
CA PRO A 63 1.44 -13.53 7.23
C PRO A 63 2.17 -14.82 6.88
N ASP A 64 1.81 -15.41 5.75
CA ASP A 64 2.44 -16.65 5.30
C ASP A 64 3.33 -16.40 4.09
N GLY A 65 3.07 -15.30 3.38
CA GLY A 65 3.87 -14.98 2.21
C GLY A 65 3.08 -15.08 0.93
N ARG A 66 1.93 -14.41 0.89
CA ARG A 66 1.07 -14.43 -0.29
C ARG A 66 0.48 -13.06 -0.56
N PRO A 67 0.31 -12.72 -1.85
CA PRO A 67 -0.25 -11.44 -2.27
C PRO A 67 -1.73 -11.31 -1.94
N THR A 68 -2.04 -10.49 -0.94
CA THR A 68 -3.42 -10.28 -0.53
C THR A 68 -4.20 -9.48 -1.57
N GLY A 69 -3.49 -8.63 -2.30
CA GLY A 69 -4.13 -7.81 -3.32
C GLY A 69 -4.08 -6.33 -3.00
N ASP A 70 -4.34 -6.00 -1.74
CA ASP A 70 -4.33 -4.60 -1.30
C ASP A 70 -2.90 -4.07 -1.20
N ALA A 71 -2.76 -2.77 -1.03
CA ALA A 71 -1.45 -2.14 -0.91
C ALA A 71 -1.58 -0.69 -0.45
N PHE A 72 -0.44 -0.07 -0.14
CA PHE A 72 -0.42 1.30 0.32
C PHE A 72 0.70 2.09 -0.36
N VAL A 73 0.43 3.36 -0.66
CA VAL A 73 1.42 4.21 -1.31
C VAL A 73 1.67 5.48 -0.50
N LEU A 74 2.83 6.09 -0.70
CA LEU A 74 3.19 7.31 0.00
C LEU A 74 3.16 8.51 -0.93
N PHE A 75 2.87 9.69 -0.37
CA PHE A 75 2.80 10.91 -1.15
C PHE A 75 3.34 12.10 -0.34
N ALA A 76 4.16 12.92 -0.98
CA ALA A 76 4.73 14.09 -0.33
C ALA A 76 3.65 14.90 0.38
N CYS A 77 2.66 15.36 -0.37
CA CYS A 77 1.57 16.15 0.18
C CYS A 77 0.25 15.83 -0.52
N GLU A 78 -0.84 16.35 0.03
CA GLU A 78 -2.17 16.12 -0.54
C GLU A 78 -2.21 16.55 -2.00
N GLU A 79 -1.36 17.51 -2.36
CA GLU A 79 -1.31 18.01 -3.73
C GLU A 79 -1.16 16.86 -4.72
N TYR A 80 -0.41 15.83 -4.33
CA TYR A 80 -0.19 14.68 -5.19
C TYR A 80 -1.23 13.59 -4.91
N ALA A 81 -1.45 13.30 -3.64
CA ALA A 81 -2.41 12.28 -3.24
C ALA A 81 -3.78 12.54 -3.88
N GLN A 82 -4.32 13.72 -3.62
CA GLN A 82 -5.62 14.10 -4.16
C GLN A 82 -5.68 13.85 -5.66
N ASN A 83 -4.65 14.32 -6.37
CA ASN A 83 -4.59 14.14 -7.81
C ASN A 83 -4.52 12.67 -8.18
N ALA A 84 -4.03 11.85 -7.25
CA ALA A 84 -3.92 10.42 -7.47
C ALA A 84 -5.27 9.73 -7.35
N LEU A 85 -6.19 10.37 -6.65
CA LEU A 85 -7.53 9.82 -6.46
C LEU A 85 -8.33 9.85 -7.76
N ARG A 86 -8.07 10.88 -8.57
CA ARG A 86 -8.76 11.03 -9.85
C ARG A 86 -8.53 9.82 -10.74
N LYS A 87 -7.58 8.98 -10.35
CA LYS A 87 -7.27 7.78 -11.12
C LYS A 87 -8.21 6.64 -10.76
N HIS A 88 -9.12 6.90 -9.82
CA HIS A 88 -10.08 5.89 -9.39
C HIS A 88 -10.48 4.99 -10.56
N LYS A 89 -10.56 3.70 -10.29
CA LYS A 89 -10.94 2.72 -11.31
C LYS A 89 -9.96 2.76 -12.48
N ASP A 90 -8.69 3.01 -12.17
CA ASP A 90 -7.65 3.07 -13.19
C ASP A 90 -7.50 1.72 -13.90
N LEU A 91 -6.63 1.68 -14.91
CA LEU A 91 -6.40 0.45 -15.66
C LEU A 91 -4.91 0.21 -15.86
N LEU A 92 -4.37 -0.76 -15.15
CA LEU A 92 -2.95 -1.10 -15.25
C LEU A 92 -2.76 -2.49 -15.85
N GLY A 93 -2.21 -2.55 -17.06
CA GLY A 93 -1.98 -3.82 -17.70
C GLY A 93 -3.25 -4.63 -17.87
N LYS A 94 -4.34 -3.95 -18.22
CA LYS A 94 -5.63 -4.60 -18.41
C LYS A 94 -6.18 -5.10 -17.08
N ARG A 95 -6.26 -4.20 -16.10
CA ARG A 95 -6.78 -4.55 -14.78
C ARG A 95 -7.32 -3.32 -14.06
N TYR A 96 -8.62 -3.32 -13.78
CA TYR A 96 -9.26 -2.21 -13.11
C TYR A 96 -8.80 -2.12 -11.65
N ILE A 97 -8.31 -0.96 -11.26
CA ILE A 97 -7.84 -0.74 -9.89
C ILE A 97 -8.59 0.39 -9.22
N GLU A 98 -8.96 0.20 -7.96
CA GLU A 98 -9.69 1.21 -7.21
C GLU A 98 -8.75 2.02 -6.33
N LEU A 99 -9.22 3.17 -5.86
CA LEU A 99 -8.42 4.03 -5.00
C LEU A 99 -9.28 4.69 -3.93
N PHE A 100 -8.74 4.76 -2.71
CA PHE A 100 -9.47 5.37 -1.60
C PHE A 100 -8.50 6.02 -0.61
N ARG A 101 -8.87 7.20 -0.12
CA ARG A 101 -8.04 7.93 0.82
C ARG A 101 -7.73 7.09 2.05
N SER A 102 -6.47 7.05 2.44
CA SER A 102 -6.05 6.28 3.60
C SER A 102 -5.20 7.12 4.54
N THR A 103 -5.04 6.64 5.78
CA THR A 103 -4.24 7.35 6.77
C THR A 103 -3.33 6.40 7.52
N ALA A 104 -2.28 6.96 8.14
CA ALA A 104 -1.33 6.15 8.90
C ALA A 104 -2.05 5.13 9.78
N ALA A 105 -3.03 5.61 10.53
CA ALA A 105 -3.80 4.73 11.42
C ALA A 105 -4.50 3.64 10.64
N GLU A 106 -5.11 4.02 9.51
CA GLU A 106 -5.83 3.06 8.67
C GLU A 106 -4.92 1.90 8.29
N VAL A 107 -3.76 2.23 7.74
CA VAL A 107 -2.80 1.21 7.32
C VAL A 107 -2.61 0.15 8.40
N GLN A 108 -2.14 0.56 9.56
CA GLN A 108 -1.91 -0.36 10.67
C GLN A 108 -3.15 -1.22 10.91
N GLN A 109 -4.32 -0.60 10.87
CA GLN A 109 -5.58 -1.32 11.09
C GLN A 109 -5.84 -2.29 9.96
N VAL A 110 -5.20 -2.06 8.81
CA VAL A 110 -5.36 -2.92 7.65
C VAL A 110 -4.37 -4.09 7.68
N LEU A 111 -3.26 -3.89 8.37
CA LEU A 111 -2.23 -4.91 8.47
C LEU A 111 -2.54 -5.88 9.61
N ASN A 112 -3.04 -5.35 10.72
CA ASN A 112 -3.38 -6.18 11.87
C ASN A 112 -4.54 -7.11 11.54
N ARG A 113 -5.50 -6.61 10.78
CA ARG A 113 -6.66 -7.40 10.40
C ARG A 113 -6.25 -8.59 9.53
N PHE A 114 -5.27 -8.37 8.65
CA PHE A 114 -4.78 -9.42 7.77
C PHE A 114 -3.81 -10.34 8.50
N SER A 115 -2.94 -9.75 9.33
CA SER A 115 -1.97 -10.51 10.09
C SER A 115 -2.64 -11.48 11.05
N SER A 116 -3.66 -10.98 11.75
CA SER A 116 -4.39 -11.80 12.71
C SER A 116 -5.71 -12.28 12.11
N ALA A 117 -5.67 -12.66 10.84
CA ALA A 117 -6.87 -13.14 10.16
C ALA A 117 -7.33 -14.48 10.73
N SER A 118 -6.37 -15.32 11.08
CA SER A 118 -6.67 -16.65 11.65
C SER A 118 -6.49 -16.65 13.15
N GLY A 119 -7.05 -17.66 13.81
CA GLY A 119 -6.94 -17.76 15.25
C GLY A 119 -7.20 -19.17 15.76
N PRO A 120 -8.45 -19.62 15.66
CA PRO A 120 -9.54 -18.81 15.09
C PRO A 120 -9.92 -17.64 15.99
N SER A 121 -10.60 -16.65 15.42
CA SER A 121 -11.02 -15.48 16.18
C SER A 121 -12.10 -14.71 15.41
N SER A 122 -12.95 -14.02 16.16
CA SER A 122 -14.03 -13.23 15.56
C SER A 122 -13.69 -11.75 15.54
N GLY A 123 -13.90 -11.11 14.40
CA GLY A 123 -13.60 -9.70 14.27
C GLY A 123 -14.80 -8.82 14.58
N GLY A 1 12.90 -7.43 20.26
CA GLY A 1 14.09 -6.59 20.24
C GLY A 1 14.19 -5.75 18.99
N SER A 2 15.36 -5.17 18.75
CA SER A 2 15.58 -4.33 17.58
C SER A 2 16.49 -5.02 16.58
N SER A 3 15.91 -5.51 15.49
CA SER A 3 16.66 -6.20 14.45
C SER A 3 16.05 -5.95 13.07
N GLY A 4 16.92 -5.76 12.08
CA GLY A 4 16.44 -5.52 10.73
C GLY A 4 16.24 -6.79 9.95
N SER A 5 15.47 -7.71 10.51
CA SER A 5 15.21 -9.00 9.86
C SER A 5 13.71 -9.32 9.89
N SER A 6 13.11 -9.40 8.70
CA SER A 6 11.68 -9.70 8.59
C SER A 6 11.47 -11.18 8.31
N GLY A 7 10.81 -11.86 9.25
CA GLY A 7 10.54 -13.28 9.09
C GLY A 7 9.06 -13.58 8.95
N GLY A 8 8.30 -13.29 10.00
CA GLY A 8 6.88 -13.54 9.97
C GLY A 8 6.07 -12.29 9.68
N GLY A 9 5.85 -11.49 10.71
CA GLY A 9 5.08 -10.26 10.55
C GLY A 9 5.97 -9.06 10.27
N THR A 10 5.67 -8.34 9.19
CA THR A 10 6.45 -7.17 8.81
C THR A 10 6.20 -6.01 9.78
N SER A 11 7.27 -5.55 10.43
CA SER A 11 7.16 -4.45 11.37
C SER A 11 8.19 -3.36 11.06
N ASN A 12 9.42 -3.78 10.81
CA ASN A 12 10.50 -2.85 10.50
C ASN A 12 10.29 -2.19 9.14
N GLU A 13 10.10 -3.02 8.11
CA GLU A 13 9.88 -2.52 6.77
C GLU A 13 8.77 -1.47 6.74
N VAL A 14 7.66 -1.78 7.41
CA VAL A 14 6.52 -0.87 7.47
C VAL A 14 6.83 0.35 8.34
N ALA A 15 7.48 0.10 9.47
CA ALA A 15 7.86 1.17 10.40
C ALA A 15 8.27 2.43 9.63
N GLN A 16 9.31 2.29 8.80
CA GLN A 16 9.81 3.41 8.03
C GLN A 16 8.71 4.01 7.15
N PHE A 17 8.02 3.15 6.42
CA PHE A 17 6.94 3.58 5.54
C PHE A 17 6.00 4.53 6.28
N LEU A 18 5.67 4.20 7.52
CA LEU A 18 4.78 5.01 8.33
C LEU A 18 5.55 6.11 9.06
N SER A 19 6.87 5.94 9.14
CA SER A 19 7.72 6.92 9.80
C SER A 19 7.71 8.26 9.05
N LYS A 20 7.53 8.18 7.74
CA LYS A 20 7.50 9.39 6.91
C LYS A 20 6.48 10.38 7.44
N GLU A 21 6.91 11.63 7.61
CA GLU A 21 6.03 12.68 8.11
C GLU A 21 5.57 13.59 6.97
N ASN A 22 4.39 14.18 7.13
CA ASN A 22 3.83 15.08 6.13
C ASN A 22 3.61 14.32 4.81
N GLN A 23 2.95 13.18 4.90
CA GLN A 23 2.67 12.38 3.71
C GLN A 23 1.20 11.96 3.67
N VAL A 24 0.77 11.43 2.53
CA VAL A 24 -0.62 11.00 2.36
C VAL A 24 -0.68 9.55 1.91
N ILE A 25 -1.12 8.67 2.80
CA ILE A 25 -1.23 7.25 2.49
C ILE A 25 -2.49 6.96 1.69
N VAL A 26 -2.36 6.08 0.70
CA VAL A 26 -3.50 5.71 -0.15
C VAL A 26 -3.73 4.21 -0.12
N ARG A 27 -4.99 3.81 0.11
CA ARG A 27 -5.34 2.40 0.16
C ARG A 27 -5.70 1.88 -1.23
N MET A 28 -4.80 1.10 -1.81
CA MET A 28 -5.01 0.54 -3.15
C MET A 28 -5.59 -0.86 -3.05
N ARG A 29 -6.68 -1.09 -3.78
CA ARG A 29 -7.35 -2.40 -3.78
C ARG A 29 -7.56 -2.90 -5.20
N GLY A 30 -7.49 -4.22 -5.38
CA GLY A 30 -7.69 -4.80 -6.69
C GLY A 30 -6.44 -4.74 -7.54
N LEU A 31 -5.28 -4.90 -6.91
CA LEU A 31 -4.00 -4.86 -7.61
C LEU A 31 -3.65 -6.23 -8.18
N PRO A 32 -3.38 -6.28 -9.49
CA PRO A 32 -3.03 -7.52 -10.18
C PRO A 32 -1.94 -8.31 -9.44
N PHE A 33 -2.10 -9.62 -9.42
CA PHE A 33 -1.13 -10.49 -8.74
C PHE A 33 0.28 -10.23 -9.25
N THR A 34 0.38 -9.62 -10.42
CA THR A 34 1.67 -9.31 -11.01
C THR A 34 2.10 -7.88 -10.69
N ALA A 35 1.13 -7.05 -10.30
CA ALA A 35 1.42 -5.66 -9.96
C ALA A 35 2.45 -5.57 -8.85
N THR A 36 3.53 -4.83 -9.10
CA THR A 36 4.58 -4.66 -8.12
C THR A 36 5.00 -3.20 -8.01
N ALA A 37 5.84 -2.90 -7.01
CA ALA A 37 6.30 -1.53 -6.79
C ALA A 37 6.68 -0.87 -8.11
N GLU A 38 7.59 -1.50 -8.85
CA GLU A 38 8.02 -0.97 -10.13
C GLU A 38 6.84 -0.55 -10.99
N GLU A 39 5.74 -1.29 -10.87
CA GLU A 39 4.54 -0.99 -11.63
C GLU A 39 3.87 0.28 -11.13
N VAL A 40 3.77 0.40 -9.80
CA VAL A 40 3.14 1.57 -9.19
C VAL A 40 3.95 2.83 -9.46
N VAL A 41 5.25 2.75 -9.19
CA VAL A 41 6.15 3.89 -9.41
C VAL A 41 5.76 4.67 -10.66
N ALA A 42 5.43 3.93 -11.72
CA ALA A 42 5.04 4.55 -12.98
C ALA A 42 3.57 4.97 -12.96
N PHE A 43 2.73 4.12 -12.36
CA PHE A 43 1.31 4.40 -12.27
C PHE A 43 1.06 5.87 -11.89
N PHE A 44 1.60 6.26 -10.73
CA PHE A 44 1.43 7.62 -10.25
C PHE A 44 2.60 8.50 -10.70
N GLY A 45 3.73 7.87 -10.98
CA GLY A 45 4.90 8.61 -11.41
C GLY A 45 4.60 9.56 -12.55
N GLN A 46 3.52 9.30 -13.27
CA GLN A 46 3.12 10.15 -14.39
C GLN A 46 3.07 11.61 -13.98
N HIS A 47 2.04 11.99 -13.24
CA HIS A 47 1.88 13.36 -12.77
C HIS A 47 1.88 13.43 -11.25
N CYS A 48 2.00 12.27 -10.62
CA CYS A 48 2.02 12.19 -9.16
C CYS A 48 3.23 11.40 -8.67
N PRO A 49 4.34 12.12 -8.39
CA PRO A 49 5.58 11.51 -7.91
C PRO A 49 5.44 10.99 -6.49
N ILE A 50 5.97 9.78 -6.26
CA ILE A 50 5.91 9.16 -4.94
C ILE A 50 7.17 9.47 -4.14
N THR A 51 7.00 9.62 -2.83
CA THR A 51 8.11 9.92 -1.94
C THR A 51 9.09 8.75 -1.87
N GLY A 52 10.23 8.88 -2.55
CA GLY A 52 11.22 7.83 -2.55
C GLY A 52 10.99 6.81 -3.65
N GLY A 53 9.79 6.83 -4.23
CA GLY A 53 9.46 5.90 -5.28
C GLY A 53 9.25 4.49 -4.76
N LYS A 54 10.05 3.54 -5.24
CA LYS A 54 9.94 2.15 -4.82
C LYS A 54 9.95 2.05 -3.30
N GLU A 55 10.47 3.07 -2.63
CA GLU A 55 10.53 3.09 -1.18
C GLU A 55 9.24 3.64 -0.58
N GLY A 56 8.56 4.47 -1.36
CA GLY A 56 7.31 5.06 -0.89
C GLY A 56 6.10 4.20 -1.21
N ILE A 57 6.30 2.88 -1.18
CA ILE A 57 5.22 1.95 -1.46
C ILE A 57 5.27 0.76 -0.51
N LEU A 58 4.10 0.15 -0.27
CA LEU A 58 4.01 -1.00 0.62
C LEU A 58 2.93 -1.96 0.15
N PHE A 59 3.35 -3.15 -0.28
CA PHE A 59 2.41 -4.15 -0.75
C PHE A 59 2.02 -5.11 0.38
N VAL A 60 0.72 -5.19 0.65
CA VAL A 60 0.22 -6.06 1.71
C VAL A 60 0.25 -7.53 1.28
N THR A 61 0.94 -8.35 2.05
CA THR A 61 1.04 -9.78 1.74
C THR A 61 0.80 -10.63 2.99
N TYR A 62 0.03 -11.71 2.82
CA TYR A 62 -0.28 -12.60 3.93
C TYR A 62 0.98 -12.93 4.73
N PRO A 63 0.78 -13.35 5.99
CA PRO A 63 1.88 -13.71 6.89
C PRO A 63 2.58 -15.00 6.46
N ASP A 64 2.15 -15.55 5.34
CA ASP A 64 2.73 -16.79 4.82
C ASP A 64 3.47 -16.53 3.51
N GLY A 65 3.29 -15.33 2.96
CA GLY A 65 3.94 -14.98 1.71
C GLY A 65 3.01 -15.11 0.52
N ARG A 66 1.91 -14.37 0.55
CA ARG A 66 0.94 -14.41 -0.54
C ARG A 66 0.36 -13.02 -0.80
N PRO A 67 0.11 -12.72 -2.08
CA PRO A 67 -0.44 -11.42 -2.49
C PRO A 67 -1.90 -11.25 -2.07
N THR A 68 -2.12 -10.37 -1.10
CA THR A 68 -3.47 -10.12 -0.60
C THR A 68 -4.29 -9.30 -1.61
N GLY A 69 -3.61 -8.45 -2.36
CA GLY A 69 -4.29 -7.63 -3.35
C GLY A 69 -4.27 -6.16 -2.99
N ASP A 70 -4.26 -5.86 -1.69
CA ASP A 70 -4.25 -4.48 -1.23
C ASP A 70 -2.82 -3.96 -1.10
N ALA A 71 -2.67 -2.65 -1.00
CA ALA A 71 -1.36 -2.03 -0.87
C ALA A 71 -1.48 -0.59 -0.36
N PHE A 72 -0.33 0.05 -0.15
CA PHE A 72 -0.31 1.41 0.34
C PHE A 72 0.82 2.21 -0.33
N VAL A 73 0.53 3.47 -0.67
CA VAL A 73 1.50 4.33 -1.32
C VAL A 73 1.72 5.61 -0.52
N LEU A 74 2.88 6.23 -0.71
CA LEU A 74 3.21 7.47 -0.01
C LEU A 74 3.21 8.65 -0.96
N PHE A 75 2.66 9.78 -0.51
CA PHE A 75 2.61 10.98 -1.32
C PHE A 75 3.13 12.19 -0.55
N ALA A 76 3.99 12.98 -1.20
CA ALA A 76 4.56 14.16 -0.57
C ALA A 76 3.49 14.96 0.17
N CYS A 77 2.53 15.50 -0.57
CA CYS A 77 1.46 16.28 0.03
C CYS A 77 0.13 16.05 -0.71
N GLU A 78 -0.97 16.36 -0.05
CA GLU A 78 -2.29 16.18 -0.64
C GLU A 78 -2.29 16.59 -2.11
N GLU A 79 -1.43 17.54 -2.45
CA GLU A 79 -1.33 18.02 -3.83
C GLU A 79 -1.26 16.86 -4.80
N TYR A 80 -0.37 15.92 -4.53
CA TYR A 80 -0.20 14.75 -5.40
C TYR A 80 -1.30 13.73 -5.15
N ALA A 81 -1.51 13.38 -3.89
CA ALA A 81 -2.53 12.41 -3.51
C ALA A 81 -3.84 12.70 -4.25
N GLN A 82 -4.36 13.90 -4.08
CA GLN A 82 -5.61 14.29 -4.72
C GLN A 82 -5.58 13.94 -6.21
N ASN A 83 -4.64 14.52 -6.93
CA ASN A 83 -4.51 14.27 -8.37
C ASN A 83 -4.47 12.77 -8.65
N ALA A 84 -4.10 11.99 -7.64
CA ALA A 84 -4.02 10.54 -7.78
C ALA A 84 -5.39 9.90 -7.60
N LEU A 85 -6.21 10.49 -6.72
CA LEU A 85 -7.53 9.97 -6.45
C LEU A 85 -8.38 9.96 -7.72
N ARG A 86 -8.10 10.89 -8.62
CA ARG A 86 -8.84 11.01 -9.88
C ARG A 86 -8.69 9.74 -10.71
N LYS A 87 -7.68 8.93 -10.38
CA LYS A 87 -7.43 7.69 -11.09
C LYS A 87 -8.36 6.59 -10.60
N HIS A 88 -9.22 6.92 -9.64
CA HIS A 88 -10.17 5.96 -9.09
C HIS A 88 -10.61 4.96 -10.15
N LYS A 89 -10.48 3.67 -9.84
CA LYS A 89 -10.86 2.62 -10.76
C LYS A 89 -10.03 2.69 -12.04
N ASP A 90 -8.75 3.03 -11.90
CA ASP A 90 -7.86 3.13 -13.04
C ASP A 90 -7.73 1.79 -13.76
N LEU A 91 -6.86 1.74 -14.75
CA LEU A 91 -6.64 0.51 -15.51
C LEU A 91 -5.16 0.29 -15.79
N LEU A 92 -4.56 -0.65 -15.08
CA LEU A 92 -3.15 -0.96 -15.26
C LEU A 92 -2.96 -2.35 -15.84
N GLY A 93 -2.42 -2.42 -17.05
CA GLY A 93 -2.19 -3.70 -17.70
C GLY A 93 -3.48 -4.49 -17.87
N LYS A 94 -4.57 -3.80 -18.18
CA LYS A 94 -5.85 -4.45 -18.37
C LYS A 94 -6.40 -4.98 -17.05
N ARG A 95 -6.45 -4.12 -16.04
CA ARG A 95 -6.94 -4.51 -14.72
C ARG A 95 -7.44 -3.30 -13.95
N TYR A 96 -8.75 -3.28 -13.67
CA TYR A 96 -9.35 -2.17 -12.93
C TYR A 96 -8.79 -2.09 -11.52
N ILE A 97 -8.33 -0.90 -11.14
CA ILE A 97 -7.76 -0.68 -9.81
C ILE A 97 -8.45 0.50 -9.12
N GLU A 98 -8.88 0.28 -7.88
CA GLU A 98 -9.55 1.32 -7.11
C GLU A 98 -8.52 2.19 -6.39
N LEU A 99 -9.00 3.27 -5.79
CA LEU A 99 -8.12 4.18 -5.06
C LEU A 99 -8.90 4.94 -3.99
N PHE A 100 -8.29 5.10 -2.82
CA PHE A 100 -8.92 5.80 -1.71
C PHE A 100 -7.87 6.31 -0.71
N ARG A 101 -7.88 7.62 -0.47
CA ARG A 101 -6.94 8.22 0.46
C ARG A 101 -7.10 7.64 1.86
N SER A 102 -6.05 6.99 2.35
CA SER A 102 -6.07 6.39 3.67
C SER A 102 -5.12 7.11 4.62
N THR A 103 -5.23 6.80 5.91
CA THR A 103 -4.38 7.42 6.92
C THR A 103 -3.38 6.42 7.48
N ALA A 104 -2.46 6.91 8.32
CA ALA A 104 -1.45 6.05 8.92
C ALA A 104 -2.09 4.98 9.79
N ALA A 105 -2.77 5.41 10.85
CA ALA A 105 -3.42 4.48 11.76
C ALA A 105 -4.16 3.39 10.99
N GLU A 106 -4.96 3.79 10.02
CA GLU A 106 -5.73 2.84 9.21
C GLU A 106 -4.83 1.70 8.74
N VAL A 107 -3.76 2.04 8.03
CA VAL A 107 -2.84 1.04 7.52
C VAL A 107 -2.51 0.00 8.58
N GLN A 108 -1.92 0.45 9.68
CA GLN A 108 -1.56 -0.45 10.77
C GLN A 108 -2.72 -1.37 11.14
N GLN A 109 -3.94 -0.89 10.93
CA GLN A 109 -5.13 -1.66 11.23
C GLN A 109 -5.45 -2.62 10.09
N VAL A 110 -5.04 -2.27 8.88
CA VAL A 110 -5.28 -3.11 7.71
C VAL A 110 -4.24 -4.22 7.61
N LEU A 111 -3.15 -4.08 8.34
CA LEU A 111 -2.08 -5.07 8.34
C LEU A 111 -2.36 -6.18 9.35
N ASN A 112 -2.82 -5.80 10.54
CA ASN A 112 -3.13 -6.75 11.59
C ASN A 112 -4.23 -7.70 11.16
N ARG A 113 -5.27 -7.15 10.55
CA ARG A 113 -6.40 -7.94 10.08
C ARG A 113 -5.94 -9.07 9.16
N PHE A 114 -4.84 -8.83 8.44
CA PHE A 114 -4.29 -9.82 7.53
C PHE A 114 -3.24 -10.69 8.23
N SER A 115 -2.47 -10.07 9.12
CA SER A 115 -1.43 -10.77 9.87
C SER A 115 -2.04 -11.85 10.76
N SER A 116 -2.66 -11.42 11.85
CA SER A 116 -3.28 -12.34 12.79
C SER A 116 -4.75 -12.55 12.46
N ALA A 117 -5.01 -13.14 11.30
CA ALA A 117 -6.38 -13.39 10.86
C ALA A 117 -7.02 -14.52 11.67
N SER A 118 -8.05 -14.18 12.44
CA SER A 118 -8.74 -15.17 13.27
C SER A 118 -10.12 -15.47 12.70
N GLY A 119 -10.90 -14.42 12.49
CA GLY A 119 -12.25 -14.59 11.97
C GLY A 119 -13.15 -13.41 12.27
N PRO A 120 -13.50 -13.23 13.55
CA PRO A 120 -13.05 -14.14 14.62
C PRO A 120 -13.69 -15.51 14.52
N SER A 121 -14.97 -15.54 14.17
CA SER A 121 -15.71 -16.80 14.03
C SER A 121 -16.76 -16.70 12.94
N SER A 122 -17.14 -17.86 12.40
CA SER A 122 -18.14 -17.91 11.34
C SER A 122 -17.82 -16.89 10.25
N GLY A 123 -16.56 -16.86 9.82
CA GLY A 123 -16.14 -15.93 8.78
C GLY A 123 -16.47 -16.44 7.39
N GLY A 1 16.50 5.85 8.88
CA GLY A 1 17.53 5.65 9.87
C GLY A 1 18.63 4.72 9.39
N SER A 2 19.80 5.27 9.12
CA SER A 2 20.93 4.49 8.64
C SER A 2 21.07 3.20 9.44
N SER A 3 20.58 2.10 8.87
CA SER A 3 20.65 0.80 9.53
C SER A 3 20.79 -0.32 8.50
N GLY A 4 21.19 -1.50 8.97
CA GLY A 4 21.36 -2.64 8.08
C GLY A 4 20.40 -3.77 8.40
N SER A 5 19.19 -3.68 7.88
CA SER A 5 18.18 -4.71 8.12
C SER A 5 18.39 -5.90 7.20
N SER A 6 18.01 -7.08 7.67
CA SER A 6 18.16 -8.30 6.89
C SER A 6 16.83 -8.71 6.25
N GLY A 7 15.84 -8.98 7.11
CA GLY A 7 14.53 -9.38 6.61
C GLY A 7 13.87 -10.41 7.51
N GLY A 8 12.78 -10.01 8.16
CA GLY A 8 12.07 -10.90 9.04
C GLY A 8 10.72 -10.36 9.46
N GLY A 9 9.76 -10.39 8.53
CA GLY A 9 8.43 -9.90 8.83
C GLY A 9 8.13 -8.58 8.14
N THR A 10 6.96 -8.01 8.41
CA THR A 10 6.56 -6.75 7.80
C THR A 10 6.53 -5.63 8.84
N SER A 11 6.56 -6.02 10.12
CA SER A 11 6.53 -5.04 11.20
C SER A 11 7.76 -4.14 11.15
N ASN A 12 8.87 -4.69 10.66
CA ASN A 12 10.11 -3.93 10.56
C ASN A 12 10.06 -2.95 9.39
N GLU A 13 9.83 -3.48 8.19
CA GLU A 13 9.76 -2.64 6.99
C GLU A 13 8.72 -1.54 7.16
N VAL A 14 7.47 -1.94 7.38
CA VAL A 14 6.38 -0.99 7.55
C VAL A 14 6.80 0.17 8.46
N ALA A 15 7.56 -0.15 9.50
CA ALA A 15 8.04 0.86 10.44
C ALA A 15 8.57 2.09 9.70
N GLN A 16 9.42 1.85 8.71
CA GLN A 16 10.00 2.93 7.93
C GLN A 16 8.95 3.61 7.05
N PHE A 17 8.10 2.79 6.44
CA PHE A 17 7.04 3.30 5.57
C PHE A 17 6.17 4.31 6.31
N LEU A 18 5.85 3.99 7.57
CA LEU A 18 5.01 4.86 8.38
C LEU A 18 5.86 5.92 9.08
N SER A 19 7.13 5.61 9.29
CA SER A 19 8.04 6.55 9.95
C SER A 19 8.05 7.89 9.23
N LYS A 20 7.75 7.86 7.94
CA LYS A 20 7.73 9.08 7.13
C LYS A 20 6.68 10.06 7.66
N GLU A 21 7.09 11.30 7.88
CA GLU A 21 6.18 12.33 8.38
C GLU A 21 5.81 13.31 7.27
N ASN A 22 4.65 13.94 7.41
CA ASN A 22 4.18 14.90 6.42
C ASN A 22 3.98 14.24 5.06
N GLN A 23 3.27 13.11 5.06
CA GLN A 23 3.01 12.37 3.83
C GLN A 23 1.57 11.89 3.78
N VAL A 24 1.04 11.71 2.58
CA VAL A 24 -0.33 11.25 2.39
C VAL A 24 -0.37 9.81 1.89
N ILE A 25 -0.99 8.93 2.67
CA ILE A 25 -1.09 7.52 2.31
C ILE A 25 -2.36 7.25 1.51
N VAL A 26 -2.29 6.29 0.60
CA VAL A 26 -3.44 5.93 -0.23
C VAL A 26 -3.70 4.44 -0.19
N ARG A 27 -4.98 4.06 -0.17
CA ARG A 27 -5.37 2.65 -0.12
C ARG A 27 -5.65 2.13 -1.52
N MET A 28 -4.74 1.30 -2.03
CA MET A 28 -4.91 0.73 -3.37
C MET A 28 -5.60 -0.63 -3.29
N ARG A 29 -6.67 -0.78 -4.06
CA ARG A 29 -7.42 -2.03 -4.08
C ARG A 29 -7.51 -2.58 -5.50
N GLY A 30 -7.49 -3.91 -5.61
CA GLY A 30 -7.57 -4.54 -6.92
C GLY A 30 -6.24 -4.53 -7.66
N LEU A 31 -5.15 -4.62 -6.91
CA LEU A 31 -3.82 -4.61 -7.50
C LEU A 31 -3.45 -5.98 -8.03
N PRO A 32 -3.19 -6.07 -9.34
CA PRO A 32 -2.82 -7.32 -10.00
C PRO A 32 -1.72 -8.07 -9.25
N PHE A 33 -1.94 -9.35 -9.00
CA PHE A 33 -0.97 -10.17 -8.30
C PHE A 33 0.45 -9.87 -8.77
N THR A 34 0.61 -9.69 -10.08
CA THR A 34 1.91 -9.39 -10.65
C THR A 34 2.31 -7.94 -10.40
N ALA A 35 1.31 -7.08 -10.29
CA ALA A 35 1.56 -5.66 -10.04
C ALA A 35 2.59 -5.46 -8.93
N THR A 36 3.76 -4.95 -9.30
CA THR A 36 4.83 -4.72 -8.34
C THR A 36 5.10 -3.23 -8.16
N ALA A 37 5.92 -2.89 -7.17
CA ALA A 37 6.26 -1.51 -6.90
C ALA A 37 6.63 -0.76 -8.18
N GLU A 38 7.62 -1.29 -8.89
CA GLU A 38 8.07 -0.68 -10.13
C GLU A 38 6.88 -0.29 -11.01
N GLU A 39 5.79 -1.05 -10.89
CA GLU A 39 4.59 -0.79 -11.68
C GLU A 39 3.89 0.48 -11.18
N VAL A 40 3.83 0.64 -9.87
CA VAL A 40 3.18 1.81 -9.27
C VAL A 40 3.99 3.07 -9.53
N VAL A 41 5.30 3.00 -9.29
CA VAL A 41 6.18 4.14 -9.50
C VAL A 41 5.74 4.97 -10.70
N ALA A 42 5.59 4.30 -11.84
CA ALA A 42 5.16 4.98 -13.07
C ALA A 42 3.67 5.30 -13.03
N PHE A 43 2.89 4.38 -12.49
CA PHE A 43 1.45 4.56 -12.39
C PHE A 43 1.11 5.99 -11.97
N PHE A 44 1.62 6.40 -10.81
CA PHE A 44 1.36 7.73 -10.29
C PHE A 44 2.49 8.69 -10.69
N GLY A 45 3.65 8.12 -11.01
CA GLY A 45 4.79 8.93 -11.40
C GLY A 45 4.43 9.96 -12.46
N GLN A 46 3.39 9.67 -13.24
CA GLN A 46 2.95 10.57 -14.29
C GLN A 46 2.83 12.00 -13.77
N HIS A 47 1.80 12.25 -12.97
CA HIS A 47 1.56 13.56 -12.41
C HIS A 47 1.64 13.52 -10.88
N CYS A 48 1.56 12.33 -10.32
CA CYS A 48 1.62 12.14 -8.88
C CYS A 48 2.82 11.31 -8.47
N PRO A 49 3.98 11.98 -8.31
CA PRO A 49 5.23 11.31 -7.93
C PRO A 49 5.21 10.82 -6.49
N ILE A 50 5.75 9.63 -6.27
CA ILE A 50 5.80 9.05 -4.93
C ILE A 50 7.09 9.42 -4.21
N THR A 51 6.99 9.62 -2.90
CA THR A 51 8.15 9.97 -2.09
C THR A 51 9.16 8.82 -2.03
N GLY A 52 10.29 8.99 -2.71
CA GLY A 52 11.31 7.97 -2.72
C GLY A 52 11.07 6.93 -3.80
N GLY A 53 9.84 6.81 -4.26
CA GLY A 53 9.51 5.85 -5.29
C GLY A 53 9.28 4.46 -4.73
N LYS A 54 10.00 3.48 -5.28
CA LYS A 54 9.87 2.09 -4.84
C LYS A 54 9.90 2.01 -3.31
N GLU A 55 10.47 3.03 -2.68
CA GLU A 55 10.56 3.07 -1.23
C GLU A 55 9.26 3.57 -0.62
N GLY A 56 8.60 4.49 -1.31
CA GLY A 56 7.35 5.03 -0.82
C GLY A 56 6.15 4.17 -1.18
N ILE A 57 6.36 2.86 -1.18
CA ILE A 57 5.30 1.92 -1.51
C ILE A 57 5.32 0.70 -0.58
N LEU A 58 4.14 0.26 -0.17
CA LEU A 58 4.03 -0.90 0.72
C LEU A 58 2.90 -1.82 0.27
N PHE A 59 3.28 -3.01 -0.20
CA PHE A 59 2.29 -3.98 -0.66
C PHE A 59 1.87 -4.91 0.48
N VAL A 60 0.56 -4.95 0.74
CA VAL A 60 0.01 -5.78 1.80
C VAL A 60 0.04 -7.26 1.41
N THR A 61 0.79 -8.05 2.18
CA THR A 61 0.91 -9.48 1.91
C THR A 61 0.59 -10.30 3.17
N TYR A 62 -0.17 -11.37 2.98
CA TYR A 62 -0.55 -12.24 4.09
C TYR A 62 0.66 -12.54 4.97
N PRO A 63 0.39 -12.94 6.22
CA PRO A 63 1.45 -13.27 7.20
C PRO A 63 2.17 -14.57 6.84
N ASP A 64 1.81 -15.15 5.70
CA ASP A 64 2.42 -16.39 5.24
C ASP A 64 3.26 -16.15 3.98
N GLY A 65 2.96 -15.07 3.28
CA GLY A 65 3.69 -14.75 2.07
C GLY A 65 2.82 -14.85 0.83
N ARG A 66 1.72 -14.10 0.82
CA ARG A 66 0.80 -14.11 -0.31
C ARG A 66 0.22 -12.71 -0.55
N PRO A 67 -0.03 -12.38 -1.83
CA PRO A 67 -0.59 -11.09 -2.21
C PRO A 67 -2.05 -10.93 -1.78
N THR A 68 -2.28 -10.04 -0.82
CA THR A 68 -3.63 -9.79 -0.32
C THR A 68 -4.46 -9.01 -1.33
N GLY A 69 -3.78 -8.44 -2.33
CA GLY A 69 -4.48 -7.67 -3.35
C GLY A 69 -4.44 -6.18 -3.07
N ASP A 70 -4.42 -5.82 -1.80
CA ASP A 70 -4.38 -4.41 -1.41
C ASP A 70 -2.94 -3.92 -1.28
N ALA A 71 -2.77 -2.61 -1.15
CA ALA A 71 -1.45 -2.02 -1.02
C ALA A 71 -1.54 -0.57 -0.54
N PHE A 72 -0.39 0.04 -0.28
CA PHE A 72 -0.35 1.42 0.19
C PHE A 72 0.77 2.19 -0.51
N VAL A 73 0.57 3.50 -0.65
CA VAL A 73 1.56 4.35 -1.31
C VAL A 73 1.80 5.63 -0.51
N LEU A 74 2.97 6.22 -0.67
CA LEU A 74 3.32 7.45 0.03
C LEU A 74 3.34 8.64 -0.93
N PHE A 75 2.92 9.79 -0.44
CA PHE A 75 2.89 11.01 -1.25
C PHE A 75 3.42 12.20 -0.46
N ALA A 76 4.17 13.06 -1.14
CA ALA A 76 4.73 14.25 -0.51
C ALA A 76 3.64 15.08 0.18
N CYS A 77 2.65 15.48 -0.59
CA CYS A 77 1.54 16.28 -0.07
C CYS A 77 0.21 15.78 -0.60
N GLU A 78 -0.87 16.45 -0.19
CA GLU A 78 -2.21 16.07 -0.63
C GLU A 78 -2.42 16.38 -2.11
N GLU A 79 -1.71 17.40 -2.59
CA GLU A 79 -1.81 17.80 -3.98
C GLU A 79 -1.70 16.60 -4.91
N TYR A 80 -0.67 15.79 -4.70
CA TYR A 80 -0.45 14.61 -5.52
C TYR A 80 -1.45 13.51 -5.17
N ALA A 81 -1.58 13.22 -3.88
CA ALA A 81 -2.51 12.19 -3.41
C ALA A 81 -3.88 12.36 -4.06
N GLN A 82 -4.47 13.54 -3.89
CA GLN A 82 -5.79 13.82 -4.46
C GLN A 82 -5.79 13.59 -5.96
N ASN A 83 -4.83 14.21 -6.65
CA ASN A 83 -4.73 14.07 -8.10
C ASN A 83 -4.77 12.60 -8.52
N ALA A 84 -4.23 11.75 -7.65
CA ALA A 84 -4.20 10.31 -7.92
C ALA A 84 -5.58 9.68 -7.72
N LEU A 85 -6.32 10.18 -6.75
CA LEU A 85 -7.66 9.67 -6.46
C LEU A 85 -8.52 9.67 -7.72
N ARG A 86 -8.39 10.70 -8.53
CA ARG A 86 -9.15 10.82 -9.77
C ARG A 86 -8.95 9.58 -10.64
N LYS A 87 -7.80 8.92 -10.47
CA LYS A 87 -7.49 7.73 -11.25
C LYS A 87 -8.38 6.55 -10.83
N HIS A 88 -9.23 6.79 -9.83
CA HIS A 88 -10.14 5.77 -9.34
C HIS A 88 -10.58 4.85 -10.47
N LYS A 89 -10.61 3.55 -10.22
CA LYS A 89 -11.02 2.57 -11.21
C LYS A 89 -10.07 2.59 -12.42
N ASP A 90 -8.81 2.94 -12.17
CA ASP A 90 -7.81 2.99 -13.23
C ASP A 90 -7.67 1.64 -13.91
N LEU A 91 -6.78 1.57 -14.90
CA LEU A 91 -6.55 0.34 -15.63
C LEU A 91 -5.06 0.11 -15.87
N LEU A 92 -4.49 -0.85 -15.16
CA LEU A 92 -3.07 -1.17 -15.29
C LEU A 92 -2.87 -2.60 -15.79
N GLY A 93 -2.39 -2.72 -17.02
CA GLY A 93 -2.16 -4.05 -17.59
C GLY A 93 -3.43 -4.86 -17.67
N LYS A 94 -4.52 -4.23 -18.11
CA LYS A 94 -5.80 -4.91 -18.23
C LYS A 94 -6.31 -5.36 -16.86
N ARG A 95 -6.39 -4.42 -15.93
CA ARG A 95 -6.87 -4.72 -14.58
C ARG A 95 -7.41 -3.47 -13.90
N TYR A 96 -8.71 -3.47 -13.62
CA TYR A 96 -9.34 -2.33 -12.97
C TYR A 96 -8.88 -2.19 -11.51
N ILE A 97 -8.34 -1.03 -11.18
CA ILE A 97 -7.86 -0.77 -9.82
C ILE A 97 -8.61 0.40 -9.19
N GLU A 98 -8.82 0.32 -7.89
CA GLU A 98 -9.51 1.38 -7.15
C GLU A 98 -8.55 2.11 -6.22
N LEU A 99 -8.94 3.32 -5.83
CA LEU A 99 -8.12 4.14 -4.94
C LEU A 99 -8.98 4.80 -3.87
N PHE A 100 -8.63 4.57 -2.61
CA PHE A 100 -9.37 5.14 -1.49
C PHE A 100 -8.41 5.79 -0.48
N ARG A 101 -8.71 7.03 -0.12
CA ARG A 101 -7.88 7.76 0.83
C ARG A 101 -7.47 6.86 1.99
N SER A 102 -6.31 7.14 2.58
CA SER A 102 -5.81 6.36 3.70
C SER A 102 -4.90 7.21 4.59
N THR A 103 -4.78 6.80 5.85
CA THR A 103 -3.96 7.53 6.81
C THR A 103 -3.03 6.57 7.56
N ALA A 104 -2.03 7.14 8.24
CA ALA A 104 -1.08 6.34 9.00
C ALA A 104 -1.81 5.33 9.88
N ALA A 105 -2.75 5.81 10.68
CA ALA A 105 -3.51 4.94 11.58
C ALA A 105 -4.24 3.86 10.80
N GLU A 106 -4.93 4.25 9.73
CA GLU A 106 -5.68 3.32 8.90
C GLU A 106 -4.79 2.15 8.48
N VAL A 107 -3.66 2.47 7.84
CA VAL A 107 -2.72 1.45 7.38
C VAL A 107 -2.54 0.36 8.44
N GLN A 108 -1.97 0.73 9.58
CA GLN A 108 -1.75 -0.22 10.66
C GLN A 108 -2.91 -1.20 10.78
N GLN A 109 -4.11 -0.67 10.98
CA GLN A 109 -5.29 -1.50 11.11
C GLN A 109 -5.42 -2.46 9.94
N VAL A 110 -5.19 -1.95 8.74
CA VAL A 110 -5.28 -2.78 7.53
C VAL A 110 -4.29 -3.93 7.58
N LEU A 111 -3.16 -3.71 8.25
CA LEU A 111 -2.12 -4.74 8.38
C LEU A 111 -2.49 -5.74 9.46
N ASN A 112 -3.04 -5.24 10.56
CA ASN A 112 -3.45 -6.10 11.67
C ASN A 112 -4.59 -7.01 11.28
N ARG A 113 -5.63 -6.43 10.68
CA ARG A 113 -6.79 -7.19 10.25
C ARG A 113 -6.37 -8.37 9.37
N PHE A 114 -5.46 -8.11 8.44
CA PHE A 114 -4.98 -9.15 7.54
C PHE A 114 -4.01 -10.09 8.25
N SER A 115 -3.19 -9.52 9.13
CA SER A 115 -2.21 -10.31 9.87
C SER A 115 -2.90 -11.14 10.96
N SER A 116 -2.20 -12.17 11.42
CA SER A 116 -2.74 -13.05 12.46
C SER A 116 -3.98 -13.78 11.96
N ALA A 117 -4.02 -14.06 10.66
CA ALA A 117 -5.14 -14.75 10.04
C ALA A 117 -4.71 -16.10 9.47
N SER A 118 -5.58 -17.10 9.59
CA SER A 118 -5.29 -18.43 9.09
C SER A 118 -6.36 -18.88 8.10
N GLY A 119 -6.13 -20.04 7.47
CA GLY A 119 -7.08 -20.56 6.51
C GLY A 119 -7.85 -21.75 7.05
N PRO A 120 -8.48 -22.51 6.14
CA PRO A 120 -8.46 -22.22 4.72
C PRO A 120 -9.24 -20.96 4.36
N SER A 121 -10.35 -20.74 5.06
CA SER A 121 -11.19 -19.58 4.81
C SER A 121 -11.78 -19.62 3.41
N SER A 122 -12.27 -20.80 3.01
CA SER A 122 -12.85 -20.97 1.69
C SER A 122 -14.03 -21.95 1.75
N GLY A 123 -14.99 -21.76 0.86
CA GLY A 123 -16.15 -22.63 0.82
C GLY A 123 -17.37 -21.95 0.22
N GLY A 1 19.92 4.36 4.35
CA GLY A 1 18.61 3.73 4.40
C GLY A 1 18.66 2.25 4.13
N SER A 2 17.71 1.51 4.68
CA SER A 2 17.66 0.07 4.51
C SER A 2 16.37 -0.35 3.79
N SER A 3 16.48 -1.30 2.88
CA SER A 3 15.33 -1.78 2.12
C SER A 3 14.46 -2.68 2.98
N GLY A 4 15.03 -3.80 3.44
CA GLY A 4 14.29 -4.72 4.26
C GLY A 4 13.94 -6.01 3.54
N SER A 5 12.66 -6.20 3.25
CA SER A 5 12.21 -7.40 2.55
C SER A 5 12.86 -8.65 3.14
N SER A 6 12.96 -8.69 4.45
CA SER A 6 13.59 -9.83 5.13
C SER A 6 12.98 -10.02 6.52
N GLY A 7 12.88 -11.28 6.96
CA GLY A 7 12.33 -11.58 8.26
C GLY A 7 10.89 -12.04 8.19
N GLY A 8 10.37 -12.53 9.30
CA GLY A 8 8.99 -13.01 9.33
C GLY A 8 7.99 -11.90 9.09
N GLY A 9 7.44 -11.35 10.16
CA GLY A 9 6.46 -10.28 10.03
C GLY A 9 7.10 -8.96 9.67
N THR A 10 6.48 -8.24 8.73
CA THR A 10 7.00 -6.94 8.30
C THR A 10 6.85 -5.90 9.40
N SER A 11 7.99 -5.40 9.89
CA SER A 11 7.98 -4.39 10.94
C SER A 11 8.87 -3.22 10.57
N ASN A 12 10.10 -3.51 10.17
CA ASN A 12 11.06 -2.48 9.79
C ASN A 12 10.58 -1.73 8.55
N GLU A 13 10.23 -2.49 7.51
CA GLU A 13 9.75 -1.89 6.27
C GLU A 13 8.62 -0.90 6.52
N VAL A 14 7.61 -1.35 7.27
CA VAL A 14 6.47 -0.51 7.60
C VAL A 14 6.89 0.69 8.43
N ALA A 15 7.69 0.43 9.47
CA ALA A 15 8.16 1.49 10.35
C ALA A 15 8.53 2.74 9.56
N GLN A 16 9.50 2.60 8.67
CA GLN A 16 9.94 3.71 7.84
C GLN A 16 8.80 4.27 7.01
N PHE A 17 7.97 3.38 6.47
CA PHE A 17 6.83 3.78 5.67
C PHE A 17 5.92 4.74 6.44
N LEU A 18 5.72 4.45 7.71
CA LEU A 18 4.87 5.28 8.56
C LEU A 18 5.67 6.40 9.20
N SER A 19 6.98 6.20 9.33
CA SER A 19 7.86 7.20 9.92
C SER A 19 7.79 8.51 9.14
N LYS A 20 7.47 8.42 7.86
CA LYS A 20 7.37 9.59 7.00
C LYS A 20 6.30 10.54 7.51
N GLU A 21 6.68 11.80 7.74
CA GLU A 21 5.75 12.81 8.22
C GLU A 21 5.26 13.70 7.08
N ASN A 22 4.05 14.21 7.21
CA ASN A 22 3.47 15.09 6.19
C ASN A 22 3.31 14.34 4.87
N GLN A 23 2.73 13.15 4.93
CA GLN A 23 2.52 12.35 3.72
C GLN A 23 1.10 11.80 3.68
N VAL A 24 0.54 11.73 2.48
CA VAL A 24 -0.82 11.21 2.30
C VAL A 24 -0.79 9.76 1.82
N ILE A 25 -1.16 8.84 2.72
CA ILE A 25 -1.18 7.42 2.39
C ILE A 25 -2.39 7.08 1.54
N VAL A 26 -2.18 6.31 0.48
CA VAL A 26 -3.26 5.90 -0.41
C VAL A 26 -3.45 4.39 -0.39
N ARG A 27 -4.69 3.96 -0.17
CA ARG A 27 -5.01 2.54 -0.12
C ARG A 27 -5.34 2.01 -1.51
N MET A 28 -4.43 1.22 -2.07
CA MET A 28 -4.63 0.64 -3.39
C MET A 28 -5.28 -0.74 -3.30
N ARG A 29 -6.51 -0.83 -3.79
CA ARG A 29 -7.24 -2.09 -3.76
C ARG A 29 -7.55 -2.58 -5.17
N GLY A 30 -7.41 -3.88 -5.39
CA GLY A 30 -7.68 -4.46 -6.70
C GLY A 30 -6.44 -4.51 -7.57
N LEU A 31 -5.28 -4.55 -6.93
CA LEU A 31 -4.01 -4.61 -7.65
C LEU A 31 -3.71 -6.03 -8.13
N PRO A 32 -3.40 -6.17 -9.42
CA PRO A 32 -3.09 -7.46 -10.03
C PRO A 32 -2.08 -8.27 -9.20
N PHE A 33 -2.35 -9.56 -9.04
CA PHE A 33 -1.46 -10.43 -8.27
C PHE A 33 -0.02 -10.28 -8.74
N THR A 34 0.15 -9.78 -9.95
CA THR A 34 1.49 -9.60 -10.53
C THR A 34 2.00 -8.18 -10.29
N ALA A 35 1.07 -7.23 -10.19
CA ALA A 35 1.43 -5.83 -9.96
C ALA A 35 2.54 -5.72 -8.92
N THR A 36 3.65 -5.12 -9.33
CA THR A 36 4.80 -4.95 -8.43
C THR A 36 5.08 -3.47 -8.19
N ALA A 37 6.09 -3.19 -7.38
CA ALA A 37 6.46 -1.82 -7.05
C ALA A 37 6.70 -1.01 -8.32
N GLU A 38 7.49 -1.56 -9.24
CA GLU A 38 7.80 -0.90 -10.49
C GLU A 38 6.52 -0.46 -11.20
N GLU A 39 5.53 -1.33 -11.21
CA GLU A 39 4.26 -1.04 -11.85
C GLU A 39 3.61 0.21 -11.26
N VAL A 40 3.76 0.38 -9.95
CA VAL A 40 3.20 1.52 -9.25
C VAL A 40 3.99 2.79 -9.55
N VAL A 41 5.31 2.69 -9.47
CA VAL A 41 6.17 3.84 -9.74
C VAL A 41 5.66 4.64 -10.93
N ALA A 42 5.38 3.95 -12.02
CA ALA A 42 4.88 4.60 -13.24
C ALA A 42 3.43 5.02 -13.07
N PHE A 43 2.61 4.12 -12.52
CA PHE A 43 1.20 4.40 -12.31
C PHE A 43 0.98 5.87 -11.92
N PHE A 44 1.58 6.27 -10.80
CA PHE A 44 1.46 7.63 -10.32
C PHE A 44 2.63 8.48 -10.78
N GLY A 45 3.75 7.84 -11.06
CA GLY A 45 4.94 8.55 -11.50
C GLY A 45 4.64 9.51 -12.63
N GLN A 46 3.53 9.26 -13.34
CA GLN A 46 3.14 10.11 -14.46
C GLN A 46 3.04 11.57 -14.03
N HIS A 47 2.02 11.87 -13.22
CA HIS A 47 1.81 13.24 -12.74
C HIS A 47 1.90 13.29 -11.22
N CYS A 48 1.80 12.13 -10.58
CA CYS A 48 1.87 12.04 -9.12
C CYS A 48 3.03 11.15 -8.69
N PRO A 49 4.21 11.76 -8.55
CA PRO A 49 5.42 11.04 -8.14
C PRO A 49 5.37 10.60 -6.68
N ILE A 50 5.66 9.34 -6.44
CA ILE A 50 5.65 8.79 -5.07
C ILE A 50 6.90 9.20 -4.30
N THR A 51 6.74 9.43 -3.01
CA THR A 51 7.86 9.83 -2.16
C THR A 51 8.82 8.66 -1.93
N GLY A 52 9.95 8.70 -2.61
CA GLY A 52 10.93 7.64 -2.46
C GLY A 52 10.76 6.54 -3.50
N GLY A 53 9.58 6.49 -4.11
CA GLY A 53 9.30 5.47 -5.10
C GLY A 53 9.15 4.09 -4.50
N LYS A 54 9.96 3.15 -4.98
CA LYS A 54 9.91 1.78 -4.49
C LYS A 54 9.89 1.76 -2.96
N GLU A 55 10.51 2.76 -2.35
CA GLU A 55 10.57 2.86 -0.89
C GLU A 55 9.24 3.38 -0.34
N GLY A 56 8.58 4.24 -1.11
CA GLY A 56 7.32 4.80 -0.68
C GLY A 56 6.14 3.94 -1.08
N ILE A 57 6.35 2.63 -1.17
CA ILE A 57 5.30 1.70 -1.55
C ILE A 57 5.25 0.52 -0.59
N LEU A 58 4.04 0.06 -0.29
CA LEU A 58 3.85 -1.07 0.62
C LEU A 58 2.74 -1.98 0.12
N PHE A 59 3.12 -3.19 -0.31
CA PHE A 59 2.15 -4.16 -0.81
C PHE A 59 1.73 -5.13 0.29
N VAL A 60 0.44 -5.15 0.60
CA VAL A 60 -0.08 -6.04 1.64
C VAL A 60 -0.08 -7.48 1.17
N THR A 61 0.46 -8.36 2.00
CA THR A 61 0.53 -9.78 1.67
C THR A 61 0.24 -10.64 2.90
N TYR A 62 -0.55 -11.70 2.71
CA TYR A 62 -0.89 -12.60 3.79
C TYR A 62 0.36 -13.03 4.57
N PRO A 63 0.15 -13.48 5.82
CA PRO A 63 1.24 -13.91 6.69
C PRO A 63 1.86 -15.23 6.21
N ASP A 64 1.39 -15.73 5.08
CA ASP A 64 1.90 -16.97 4.52
C ASP A 64 2.64 -16.71 3.21
N GLY A 65 2.45 -15.53 2.65
CA GLY A 65 3.11 -15.18 1.41
C GLY A 65 2.13 -15.04 0.25
N ARG A 66 0.84 -15.05 0.57
CA ARG A 66 -0.19 -14.94 -0.46
C ARG A 66 -0.54 -13.48 -0.70
N PRO A 67 -0.77 -13.13 -1.98
CA PRO A 67 -1.12 -11.76 -2.37
C PRO A 67 -2.53 -11.37 -1.92
N THR A 68 -2.60 -10.38 -1.03
CA THR A 68 -3.88 -9.91 -0.52
C THR A 68 -4.56 -8.98 -1.50
N GLY A 69 -3.77 -8.38 -2.40
CA GLY A 69 -4.31 -7.47 -3.38
C GLY A 69 -4.21 -6.02 -2.94
N ASP A 70 -4.59 -5.75 -1.70
CA ASP A 70 -4.55 -4.40 -1.16
C ASP A 70 -3.10 -3.93 -0.98
N ALA A 71 -2.90 -2.62 -1.02
CA ALA A 71 -1.57 -2.05 -0.86
C ALA A 71 -1.64 -0.64 -0.29
N PHE A 72 -0.49 0.02 -0.20
CA PHE A 72 -0.41 1.38 0.34
C PHE A 72 0.74 2.15 -0.29
N VAL A 73 0.50 3.41 -0.61
CA VAL A 73 1.52 4.26 -1.20
C VAL A 73 1.73 5.55 -0.39
N LEU A 74 2.85 6.20 -0.62
CA LEU A 74 3.16 7.45 0.09
C LEU A 74 3.16 8.63 -0.87
N PHE A 75 2.57 9.74 -0.42
CA PHE A 75 2.50 10.94 -1.24
C PHE A 75 2.92 12.18 -0.43
N ALA A 76 3.68 13.06 -1.07
CA ALA A 76 4.14 14.28 -0.41
C ALA A 76 2.99 14.99 0.30
N CYS A 77 2.04 15.48 -0.49
CA CYS A 77 0.89 16.19 0.06
C CYS A 77 -0.30 16.11 -0.88
N GLU A 78 -1.44 16.63 -0.43
CA GLU A 78 -2.65 16.61 -1.24
C GLU A 78 -2.35 16.90 -2.71
N GLU A 79 -1.47 17.88 -2.93
CA GLU A 79 -1.09 18.25 -4.29
C GLU A 79 -0.89 17.03 -5.16
N TYR A 80 -0.23 16.02 -4.61
CA TYR A 80 0.02 14.77 -5.34
C TYR A 80 -1.07 13.76 -5.08
N ALA A 81 -1.44 13.59 -3.82
CA ALA A 81 -2.49 12.65 -3.44
C ALA A 81 -3.76 12.88 -4.25
N GLN A 82 -4.36 14.04 -4.08
CA GLN A 82 -5.59 14.38 -4.79
C GLN A 82 -5.42 14.14 -6.29
N ASN A 83 -4.40 14.77 -6.88
CA ASN A 83 -4.13 14.63 -8.30
C ASN A 83 -4.05 13.15 -8.70
N ALA A 84 -3.80 12.30 -7.71
CA ALA A 84 -3.69 10.87 -7.96
C ALA A 84 -5.03 10.16 -7.71
N LEU A 85 -5.78 10.67 -6.74
CA LEU A 85 -7.08 10.10 -6.39
C LEU A 85 -8.00 10.10 -7.61
N ARG A 86 -7.85 11.11 -8.46
CA ARG A 86 -8.68 11.22 -9.65
C ARG A 86 -8.52 9.98 -10.54
N LYS A 87 -7.51 9.17 -10.25
CA LYS A 87 -7.26 7.96 -11.01
C LYS A 87 -8.09 6.79 -10.47
N HIS A 88 -8.87 7.06 -9.43
CA HIS A 88 -9.70 6.03 -8.83
C HIS A 88 -10.21 5.05 -9.89
N LYS A 89 -10.08 3.76 -9.60
CA LYS A 89 -10.53 2.72 -10.52
C LYS A 89 -9.76 2.80 -11.84
N ASP A 90 -8.48 3.16 -11.76
CA ASP A 90 -7.65 3.27 -12.94
C ASP A 90 -7.52 1.92 -13.64
N LEU A 91 -6.70 1.88 -14.70
CA LEU A 91 -6.50 0.66 -15.46
C LEU A 91 -5.02 0.44 -15.73
N LEU A 92 -4.45 -0.60 -15.12
CA LEU A 92 -3.05 -0.93 -15.30
C LEU A 92 -2.88 -2.34 -15.86
N GLY A 93 -2.30 -2.44 -17.04
CA GLY A 93 -2.09 -3.74 -17.66
C GLY A 93 -3.38 -4.51 -17.83
N LYS A 94 -4.46 -3.81 -18.13
CA LYS A 94 -5.76 -4.44 -18.32
C LYS A 94 -6.30 -4.97 -16.99
N ARG A 95 -6.30 -4.12 -15.97
CA ARG A 95 -6.79 -4.50 -14.66
C ARG A 95 -7.24 -3.27 -13.86
N TYR A 96 -8.54 -3.21 -13.57
CA TYR A 96 -9.10 -2.09 -12.82
C TYR A 96 -8.56 -2.08 -11.39
N ILE A 97 -8.20 -0.90 -10.92
CA ILE A 97 -7.68 -0.74 -9.56
C ILE A 97 -8.29 0.47 -8.86
N GLU A 98 -8.86 0.24 -7.68
CA GLU A 98 -9.48 1.31 -6.91
C GLU A 98 -8.45 2.06 -6.07
N LEU A 99 -8.84 3.21 -5.56
CA LEU A 99 -7.94 4.03 -4.74
C LEU A 99 -8.73 4.80 -3.69
N PHE A 100 -8.23 4.77 -2.45
CA PHE A 100 -8.88 5.47 -1.35
C PHE A 100 -7.86 6.02 -0.37
N ARG A 101 -7.87 7.33 -0.18
CA ARG A 101 -6.93 7.99 0.73
C ARG A 101 -7.06 7.41 2.14
N SER A 102 -5.96 6.82 2.62
CA SER A 102 -5.94 6.23 3.95
C SER A 102 -4.98 6.97 4.87
N THR A 103 -4.80 6.46 6.08
CA THR A 103 -3.92 7.08 7.05
C THR A 103 -3.05 6.03 7.75
N ALA A 104 -2.19 6.50 8.65
CA ALA A 104 -1.30 5.61 9.38
C ALA A 104 -2.09 4.60 10.21
N ALA A 105 -3.00 5.11 11.03
CA ALA A 105 -3.81 4.25 11.88
C ALA A 105 -4.52 3.18 11.06
N GLU A 106 -5.31 3.61 10.08
CA GLU A 106 -6.04 2.68 9.22
C GLU A 106 -5.11 1.60 8.68
N VAL A 107 -4.03 2.02 8.02
CA VAL A 107 -3.07 1.09 7.45
C VAL A 107 -2.82 -0.08 8.39
N GLN A 108 -2.25 0.20 9.55
CA GLN A 108 -1.96 -0.84 10.54
C GLN A 108 -3.07 -1.87 10.58
N GLN A 109 -4.25 -1.45 11.03
CA GLN A 109 -5.39 -2.35 11.12
C GLN A 109 -5.47 -3.26 9.90
N VAL A 110 -5.17 -2.70 8.73
CA VAL A 110 -5.21 -3.46 7.49
C VAL A 110 -4.14 -4.56 7.48
N LEU A 111 -2.97 -4.23 8.01
CA LEU A 111 -1.87 -5.19 8.07
C LEU A 111 -2.09 -6.20 9.19
N ASN A 112 -2.66 -5.73 10.30
CA ASN A 112 -2.93 -6.60 11.45
C ASN A 112 -4.06 -7.57 11.14
N ARG A 113 -5.16 -7.04 10.64
CA ARG A 113 -6.33 -7.85 10.31
C ARG A 113 -5.92 -9.06 9.46
N PHE A 114 -5.18 -8.80 8.38
CA PHE A 114 -4.72 -9.85 7.50
C PHE A 114 -3.77 -10.80 8.21
N SER A 115 -2.98 -10.24 9.14
CA SER A 115 -2.01 -11.04 9.89
C SER A 115 -2.73 -11.93 10.92
N SER A 116 -2.29 -13.18 11.01
CA SER A 116 -2.88 -14.13 11.94
C SER A 116 -4.36 -14.34 11.63
N ALA A 117 -4.65 -14.69 10.38
CA ALA A 117 -6.01 -14.94 9.95
C ALA A 117 -6.54 -16.26 10.50
N SER A 118 -7.49 -16.18 11.42
CA SER A 118 -8.07 -17.37 12.02
C SER A 118 -8.68 -18.28 10.96
N GLY A 119 -9.77 -17.81 10.35
CA GLY A 119 -10.43 -18.59 9.32
C GLY A 119 -11.94 -18.61 9.49
N PRO A 120 -12.60 -19.57 8.83
CA PRO A 120 -11.92 -20.56 7.98
C PRO A 120 -11.36 -19.94 6.71
N SER A 121 -10.61 -20.74 5.96
CA SER A 121 -9.99 -20.27 4.72
C SER A 121 -11.06 -19.91 3.69
N SER A 122 -12.17 -20.65 3.70
CA SER A 122 -13.26 -20.40 2.77
C SER A 122 -13.88 -19.03 3.00
N GLY A 123 -14.23 -18.35 1.92
CA GLY A 123 -14.83 -17.03 2.03
C GLY A 123 -16.34 -17.08 1.98
N GLY A 1 17.34 -0.82 6.01
CA GLY A 1 18.17 -2.02 5.97
C GLY A 1 17.34 -3.28 5.75
N SER A 2 17.60 -3.94 4.63
CA SER A 2 16.88 -5.16 4.29
C SER A 2 17.84 -6.33 4.10
N SER A 3 17.52 -7.46 4.74
CA SER A 3 18.37 -8.65 4.65
C SER A 3 17.52 -9.92 4.73
N GLY A 4 17.80 -10.85 3.81
CA GLY A 4 17.05 -12.10 3.80
C GLY A 4 15.91 -12.08 2.79
N SER A 5 15.31 -13.24 2.56
CA SER A 5 14.20 -13.35 1.62
C SER A 5 12.85 -13.34 2.35
N SER A 6 12.40 -12.15 2.72
CA SER A 6 11.13 -12.01 3.42
C SER A 6 11.12 -12.82 4.70
N GLY A 7 12.30 -12.98 5.30
CA GLY A 7 12.41 -13.75 6.53
C GLY A 7 12.33 -12.87 7.76
N GLY A 8 11.15 -12.78 8.36
CA GLY A 8 10.98 -11.98 9.55
C GLY A 8 9.57 -11.44 9.69
N GLY A 9 9.18 -10.53 8.80
CA GLY A 9 7.85 -9.96 8.84
C GLY A 9 7.71 -8.75 7.94
N THR A 10 6.92 -7.78 8.38
CA THR A 10 6.70 -6.57 7.60
C THR A 10 6.89 -5.32 8.46
N SER A 11 6.39 -5.37 9.69
CA SER A 11 6.50 -4.25 10.61
C SER A 11 7.84 -3.53 10.42
N ASN A 12 8.88 -4.29 10.13
CA ASN A 12 10.21 -3.73 9.92
C ASN A 12 10.20 -2.70 8.80
N GLU A 13 9.78 -3.13 7.61
CA GLU A 13 9.72 -2.25 6.45
C GLU A 13 8.63 -1.19 6.62
N VAL A 14 7.51 -1.60 7.20
CA VAL A 14 6.40 -0.69 7.43
C VAL A 14 6.80 0.46 8.33
N ALA A 15 7.64 0.17 9.31
CA ALA A 15 8.12 1.18 10.25
C ALA A 15 8.50 2.48 9.52
N GLN A 16 9.48 2.38 8.64
CA GLN A 16 9.93 3.53 7.88
C GLN A 16 8.81 4.09 7.01
N PHE A 17 8.06 3.19 6.38
CA PHE A 17 6.95 3.59 5.51
C PHE A 17 6.00 4.53 6.26
N LEU A 18 5.78 4.26 7.53
CA LEU A 18 4.89 5.07 8.35
C LEU A 18 5.67 6.21 9.04
N SER A 19 6.95 5.95 9.29
CA SER A 19 7.79 6.95 9.95
C SER A 19 7.72 8.28 9.22
N LYS A 20 7.56 8.23 7.90
CA LYS A 20 7.47 9.44 7.09
C LYS A 20 6.54 10.46 7.73
N GLU A 21 7.09 11.61 8.10
CA GLU A 21 6.31 12.67 8.72
C GLU A 21 5.64 13.53 7.67
N ASN A 22 4.48 14.09 8.02
CA ASN A 22 3.73 14.94 7.10
C ASN A 22 3.61 14.29 5.72
N GLN A 23 3.29 12.99 5.72
CA GLN A 23 3.14 12.25 4.47
C GLN A 23 1.71 11.74 4.30
N VAL A 24 1.30 11.56 3.05
CA VAL A 24 -0.05 11.08 2.76
C VAL A 24 -0.02 9.62 2.29
N ILE A 25 -0.99 8.85 2.77
CA ILE A 25 -1.07 7.43 2.40
C ILE A 25 -2.32 7.16 1.56
N VAL A 26 -2.15 6.35 0.51
CA VAL A 26 -3.26 6.02 -0.37
C VAL A 26 -3.59 4.53 -0.28
N ARG A 27 -4.88 4.23 -0.26
CA ARG A 27 -5.33 2.84 -0.18
C ARG A 27 -5.60 2.27 -1.57
N MET A 28 -4.73 1.35 -2.00
CA MET A 28 -4.87 0.73 -3.30
C MET A 28 -5.53 -0.65 -3.18
N ARG A 29 -6.60 -0.86 -3.94
CA ARG A 29 -7.32 -2.12 -3.92
C ARG A 29 -7.48 -2.69 -5.33
N GLY A 30 -7.42 -4.02 -5.44
CA GLY A 30 -7.56 -4.65 -6.74
C GLY A 30 -6.27 -4.65 -7.53
N LEU A 31 -5.14 -4.73 -6.83
CA LEU A 31 -3.84 -4.73 -7.47
C LEU A 31 -3.48 -6.14 -7.96
N PRO A 32 -3.24 -6.26 -9.27
CA PRO A 32 -2.88 -7.54 -9.90
C PRO A 32 -1.77 -8.25 -9.14
N PHE A 33 -2.07 -9.47 -8.68
CA PHE A 33 -1.09 -10.27 -7.94
C PHE A 33 0.32 -10.07 -8.50
N THR A 34 0.40 -9.77 -9.79
CA THR A 34 1.68 -9.55 -10.45
C THR A 34 2.20 -8.15 -10.18
N ALA A 35 1.31 -7.16 -10.30
CA ALA A 35 1.68 -5.77 -10.08
C ALA A 35 2.74 -5.66 -8.99
N THR A 36 3.85 -4.99 -9.31
CA THR A 36 4.94 -4.82 -8.36
C THR A 36 5.19 -3.34 -8.09
N ALA A 37 6.12 -3.06 -7.18
CA ALA A 37 6.46 -1.69 -6.84
C ALA A 37 6.77 -0.85 -8.07
N GLU A 38 7.55 -1.42 -8.98
CA GLU A 38 7.93 -0.73 -10.21
C GLU A 38 6.68 -0.30 -10.98
N GLU A 39 5.68 -1.18 -11.04
CA GLU A 39 4.45 -0.90 -11.75
C GLU A 39 3.78 0.36 -11.20
N VAL A 40 3.83 0.52 -9.88
CA VAL A 40 3.23 1.68 -9.23
C VAL A 40 4.06 2.94 -9.50
N VAL A 41 5.35 2.87 -9.23
CA VAL A 41 6.24 4.00 -9.45
C VAL A 41 5.83 4.81 -10.68
N ALA A 42 5.57 4.10 -11.77
CA ALA A 42 5.16 4.74 -13.01
C ALA A 42 3.68 5.11 -12.98
N PHE A 43 2.87 4.22 -12.41
CA PHE A 43 1.43 4.44 -12.32
C PHE A 43 1.13 5.89 -11.94
N PHE A 44 1.65 6.32 -10.80
CA PHE A 44 1.44 7.69 -10.33
C PHE A 44 2.62 8.58 -10.71
N GLY A 45 3.77 7.97 -10.92
CA GLY A 45 4.95 8.72 -11.30
C GLY A 45 4.71 9.64 -12.48
N GLN A 46 3.69 9.33 -13.26
CA GLN A 46 3.36 10.13 -14.44
C GLN A 46 3.06 11.57 -14.05
N HIS A 47 2.05 11.76 -13.21
CA HIS A 47 1.67 13.09 -12.76
C HIS A 47 1.80 13.20 -11.24
N CYS A 48 1.63 12.09 -10.54
CA CYS A 48 1.73 12.06 -9.09
C CYS A 48 2.89 11.19 -8.64
N PRO A 49 4.07 11.81 -8.50
CA PRO A 49 5.29 11.10 -8.07
C PRO A 49 5.24 10.68 -6.61
N ILE A 50 5.59 9.43 -6.34
CA ILE A 50 5.58 8.90 -4.99
C ILE A 50 6.85 9.27 -4.25
N THR A 51 6.73 9.52 -2.95
CA THR A 51 7.87 9.88 -2.12
C THR A 51 8.89 8.74 -2.06
N GLY A 52 9.97 8.88 -2.83
CA GLY A 52 11.00 7.86 -2.85
C GLY A 52 10.72 6.78 -3.88
N GLY A 53 9.48 6.71 -4.35
CA GLY A 53 9.11 5.71 -5.33
C GLY A 53 8.98 4.32 -4.73
N LYS A 54 9.64 3.35 -5.34
CA LYS A 54 9.59 1.97 -4.86
C LYS A 54 9.67 1.92 -3.33
N GLU A 55 10.47 2.81 -2.76
CA GLU A 55 10.63 2.87 -1.31
C GLU A 55 9.36 3.41 -0.65
N GLY A 56 8.72 4.38 -1.29
CA GLY A 56 7.51 4.95 -0.75
C GLY A 56 6.28 4.14 -1.07
N ILE A 57 6.43 2.82 -1.08
CA ILE A 57 5.32 1.92 -1.37
C ILE A 57 5.33 0.71 -0.45
N LEU A 58 4.15 0.18 -0.15
CA LEU A 58 4.03 -0.98 0.71
C LEU A 58 3.00 -1.97 0.17
N PHE A 59 3.44 -3.19 -0.09
CA PHE A 59 2.56 -4.23 -0.62
C PHE A 59 2.14 -5.20 0.47
N VAL A 60 0.87 -5.16 0.83
CA VAL A 60 0.34 -6.03 1.87
C VAL A 60 0.38 -7.50 1.44
N THR A 61 0.80 -8.36 2.34
CA THR A 61 0.89 -9.79 2.06
C THR A 61 0.50 -10.63 3.27
N TYR A 62 -0.20 -11.72 3.03
CA TYR A 62 -0.64 -12.61 4.10
C TYR A 62 0.51 -12.91 5.05
N PRO A 63 0.16 -13.33 6.28
CA PRO A 63 1.15 -13.67 7.32
C PRO A 63 1.92 -14.94 6.99
N ASP A 64 1.66 -15.50 5.81
CA ASP A 64 2.33 -16.71 5.38
C ASP A 64 3.27 -16.43 4.21
N GLY A 65 3.00 -15.35 3.48
CA GLY A 65 3.82 -14.99 2.35
C GLY A 65 3.07 -15.07 1.04
N ARG A 66 1.89 -14.47 0.99
CA ARG A 66 1.07 -14.48 -0.22
C ARG A 66 0.50 -13.10 -0.50
N PRO A 67 0.35 -12.78 -1.80
CA PRO A 67 -0.19 -11.48 -2.24
C PRO A 67 -1.67 -11.33 -1.92
N THR A 68 -1.96 -10.61 -0.83
CA THR A 68 -3.34 -10.39 -0.42
C THR A 68 -4.12 -9.65 -1.49
N GLY A 69 -3.43 -8.77 -2.22
CA GLY A 69 -4.09 -8.01 -3.27
C GLY A 69 -4.11 -6.53 -2.98
N ASP A 70 -4.16 -6.17 -1.70
CA ASP A 70 -4.19 -4.77 -1.29
C ASP A 70 -2.78 -4.21 -1.20
N ALA A 71 -2.69 -2.88 -1.18
CA ALA A 71 -1.39 -2.21 -1.09
C ALA A 71 -1.56 -0.73 -0.75
N PHE A 72 -0.50 -0.12 -0.23
CA PHE A 72 -0.53 1.29 0.13
C PHE A 72 0.59 2.06 -0.56
N VAL A 73 0.46 3.38 -0.59
CA VAL A 73 1.46 4.23 -1.23
C VAL A 73 1.69 5.51 -0.42
N LEU A 74 2.80 6.18 -0.70
CA LEU A 74 3.14 7.42 -0.01
C LEU A 74 3.11 8.61 -0.96
N PHE A 75 2.71 9.76 -0.44
CA PHE A 75 2.64 10.98 -1.24
C PHE A 75 3.06 12.20 -0.43
N ALA A 76 3.95 13.00 -1.00
CA ALA A 76 4.43 14.20 -0.33
C ALA A 76 3.29 14.95 0.35
N CYS A 77 2.26 15.27 -0.41
CA CYS A 77 1.10 15.98 0.12
C CYS A 77 -0.13 15.73 -0.74
N GLU A 78 -1.25 16.34 -0.35
CA GLU A 78 -2.50 16.19 -1.08
C GLU A 78 -2.30 16.51 -2.56
N GLU A 79 -1.50 17.55 -2.83
CA GLU A 79 -1.25 17.96 -4.20
C GLU A 79 -1.14 16.75 -5.13
N TYR A 80 -0.34 15.77 -4.73
CA TYR A 80 -0.16 14.56 -5.52
C TYR A 80 -1.21 13.51 -5.18
N ALA A 81 -1.43 13.31 -3.89
CA ALA A 81 -2.41 12.33 -3.42
C ALA A 81 -3.78 12.59 -4.06
N GLN A 82 -4.35 13.75 -3.78
CA GLN A 82 -5.65 14.12 -4.31
C GLN A 82 -5.71 13.84 -5.82
N ASN A 83 -4.85 14.52 -6.57
CA ASN A 83 -4.81 14.35 -8.01
C ASN A 83 -4.86 12.87 -8.39
N ALA A 84 -4.29 12.04 -7.53
CA ALA A 84 -4.26 10.60 -7.77
C ALA A 84 -5.67 9.99 -7.64
N LEU A 85 -6.43 10.50 -6.68
CA LEU A 85 -7.79 10.01 -6.45
C LEU A 85 -8.59 10.02 -7.74
N ARG A 86 -8.26 10.95 -8.64
CA ARG A 86 -8.96 11.07 -9.91
C ARG A 86 -8.81 9.80 -10.74
N LYS A 87 -7.69 9.11 -10.55
CA LYS A 87 -7.41 7.87 -11.26
C LYS A 87 -8.31 6.74 -10.76
N HIS A 88 -9.15 7.05 -9.78
CA HIS A 88 -10.06 6.07 -9.21
C HIS A 88 -10.54 5.09 -10.28
N LYS A 89 -10.43 3.79 -10.00
CA LYS A 89 -10.85 2.77 -10.93
C LYS A 89 -10.03 2.82 -12.22
N ASP A 90 -8.74 3.07 -12.07
CA ASP A 90 -7.84 3.16 -13.22
C ASP A 90 -7.70 1.79 -13.89
N LEU A 91 -6.83 1.72 -14.89
CA LEU A 91 -6.60 0.48 -15.62
C LEU A 91 -5.10 0.25 -15.85
N LEU A 92 -4.55 -0.75 -15.15
CA LEU A 92 -3.14 -1.07 -15.27
C LEU A 92 -2.95 -2.48 -15.81
N GLY A 93 -2.32 -2.59 -16.98
CA GLY A 93 -2.09 -3.88 -17.58
C GLY A 93 -3.36 -4.69 -17.73
N LYS A 94 -4.45 -4.02 -18.10
CA LYS A 94 -5.74 -4.68 -18.28
C LYS A 94 -6.30 -5.16 -16.94
N ARG A 95 -6.32 -4.26 -15.96
CA ARG A 95 -6.83 -4.60 -14.63
C ARG A 95 -7.33 -3.36 -13.91
N TYR A 96 -8.63 -3.32 -13.63
CA TYR A 96 -9.24 -2.18 -12.95
C TYR A 96 -8.76 -2.10 -11.50
N ILE A 97 -8.34 -0.91 -11.10
CA ILE A 97 -7.86 -0.70 -9.74
C ILE A 97 -8.54 0.51 -9.09
N GLU A 98 -8.99 0.35 -7.86
CA GLU A 98 -9.65 1.42 -7.13
C GLU A 98 -8.66 2.19 -6.27
N LEU A 99 -9.11 3.30 -5.71
CA LEU A 99 -8.26 4.13 -4.86
C LEU A 99 -9.10 4.87 -3.81
N PHE A 100 -8.47 5.19 -2.68
CA PHE A 100 -9.15 5.90 -1.61
C PHE A 100 -8.15 6.53 -0.65
N ARG A 101 -8.54 7.63 -0.02
CA ARG A 101 -7.68 8.33 0.93
C ARG A 101 -7.40 7.46 2.15
N SER A 102 -6.12 7.15 2.36
CA SER A 102 -5.73 6.33 3.50
C SER A 102 -4.93 7.14 4.51
N THR A 103 -4.86 6.64 5.74
CA THR A 103 -4.14 7.32 6.80
C THR A 103 -3.22 6.36 7.56
N ALA A 104 -2.19 6.90 8.18
CA ALA A 104 -1.24 6.09 8.95
C ALA A 104 -1.98 5.05 9.80
N ALA A 105 -2.93 5.52 10.59
CA ALA A 105 -3.70 4.63 11.45
C ALA A 105 -4.39 3.55 10.65
N GLU A 106 -5.12 3.95 9.62
CA GLU A 106 -5.83 3.01 8.76
C GLU A 106 -4.92 1.86 8.34
N VAL A 107 -3.78 2.21 7.75
CA VAL A 107 -2.83 1.20 7.30
C VAL A 107 -2.54 0.18 8.40
N GLN A 108 -1.92 0.64 9.48
CA GLN A 108 -1.60 -0.23 10.60
C GLN A 108 -2.71 -1.25 10.84
N GLN A 109 -3.95 -0.77 10.85
CA GLN A 109 -5.11 -1.63 11.08
C GLN A 109 -5.23 -2.67 9.97
N VAL A 110 -5.20 -2.21 8.73
CA VAL A 110 -5.31 -3.11 7.58
C VAL A 110 -4.24 -4.20 7.63
N LEU A 111 -3.07 -3.84 8.14
CA LEU A 111 -1.96 -4.79 8.24
C LEU A 111 -2.30 -5.91 9.22
N ASN A 112 -2.78 -5.54 10.40
CA ASN A 112 -3.14 -6.52 11.41
C ASN A 112 -4.32 -7.38 10.95
N ARG A 113 -5.29 -6.74 10.32
CA ARG A 113 -6.47 -7.44 9.82
C ARG A 113 -6.07 -8.70 9.05
N PHE A 114 -5.09 -8.55 8.16
CA PHE A 114 -4.62 -9.67 7.35
C PHE A 114 -3.59 -10.49 8.13
N SER A 115 -2.70 -9.81 8.82
CA SER A 115 -1.65 -10.47 9.60
C SER A 115 -2.24 -11.17 10.81
N SER A 116 -1.54 -12.19 11.31
CA SER A 116 -2.00 -12.95 12.47
C SER A 116 -3.48 -13.29 12.34
N ALA A 117 -3.88 -13.69 11.14
CA ALA A 117 -5.28 -14.05 10.89
C ALA A 117 -5.47 -15.56 10.92
N SER A 118 -6.18 -16.04 11.94
CA SER A 118 -6.42 -17.47 12.09
C SER A 118 -7.83 -17.83 11.61
N GLY A 119 -8.84 -17.15 12.16
CA GLY A 119 -10.21 -17.42 11.77
C GLY A 119 -11.14 -17.52 12.96
N PRO A 120 -12.43 -17.75 12.68
CA PRO A 120 -12.94 -17.89 11.32
C PRO A 120 -12.90 -16.57 10.55
N SER A 121 -12.76 -16.66 9.24
CA SER A 121 -12.71 -15.48 8.38
C SER A 121 -14.05 -14.75 8.39
N SER A 122 -14.03 -13.49 7.95
CA SER A 122 -15.24 -12.68 7.91
C SER A 122 -15.17 -11.66 6.77
N GLY A 123 -16.25 -11.59 5.99
CA GLY A 123 -16.30 -10.66 4.87
C GLY A 123 -17.13 -11.18 3.72
N GLY A 1 14.72 -24.97 6.37
CA GLY A 1 13.92 -26.18 6.51
C GLY A 1 12.77 -26.24 5.52
N SER A 2 12.35 -27.44 5.18
CA SER A 2 11.25 -27.63 4.24
C SER A 2 9.91 -27.71 4.96
N SER A 3 9.74 -26.83 5.95
CA SER A 3 8.50 -26.81 6.72
C SER A 3 8.48 -25.60 7.67
N GLY A 4 7.30 -25.05 7.89
CA GLY A 4 7.15 -23.91 8.76
C GLY A 4 5.76 -23.78 9.35
N SER A 5 5.69 -23.43 10.63
CA SER A 5 4.40 -23.28 11.31
C SER A 5 4.25 -21.88 11.88
N SER A 6 5.26 -21.43 12.63
CA SER A 6 5.24 -20.11 13.23
C SER A 6 5.24 -19.02 12.18
N GLY A 7 4.09 -18.35 12.02
CA GLY A 7 3.98 -17.29 11.04
C GLY A 7 3.96 -15.92 11.67
N GLY A 8 5.06 -15.19 11.52
CA GLY A 8 5.16 -13.86 12.09
C GLY A 8 4.45 -12.82 11.25
N GLY A 9 4.76 -11.55 11.48
CA GLY A 9 4.13 -10.48 10.73
C GLY A 9 5.14 -9.49 10.19
N THR A 10 4.74 -8.22 10.12
CA THR A 10 5.63 -7.17 9.62
C THR A 10 5.55 -5.92 10.48
N SER A 11 6.69 -5.46 10.96
CA SER A 11 6.75 -4.28 11.81
C SER A 11 7.84 -3.32 11.33
N ASN A 12 9.04 -3.85 11.14
CA ASN A 12 10.17 -3.04 10.68
C ASN A 12 9.93 -2.53 9.27
N GLU A 13 9.67 -3.44 8.34
CA GLU A 13 9.42 -3.08 6.95
C GLU A 13 8.40 -1.96 6.85
N VAL A 14 7.41 -1.99 7.73
CA VAL A 14 6.36 -0.97 7.75
C VAL A 14 6.81 0.26 8.52
N ALA A 15 7.57 0.03 9.60
CA ALA A 15 8.06 1.12 10.43
C ALA A 15 8.58 2.27 9.57
N GLN A 16 9.48 1.96 8.64
CA GLN A 16 10.06 2.97 7.75
C GLN A 16 8.97 3.65 6.93
N PHE A 17 8.16 2.84 6.25
CA PHE A 17 7.09 3.36 5.42
C PHE A 17 6.30 4.43 6.16
N LEU A 18 6.08 4.21 7.45
CA LEU A 18 5.33 5.15 8.28
C LEU A 18 6.26 6.21 8.86
N SER A 19 7.53 5.85 9.04
CA SER A 19 8.52 6.76 9.59
C SER A 19 8.48 8.10 8.87
N LYS A 20 8.01 8.09 7.63
CA LYS A 20 7.92 9.30 6.83
C LYS A 20 6.83 10.23 7.36
N GLU A 21 7.23 11.41 7.80
CA GLU A 21 6.28 12.39 8.33
C GLU A 21 5.78 13.32 7.23
N ASN A 22 4.59 13.87 7.43
CA ASN A 22 3.99 14.77 6.45
C ASN A 22 3.78 14.06 5.12
N GLN A 23 3.18 12.89 5.16
CA GLN A 23 2.92 12.11 3.96
C GLN A 23 1.46 11.67 3.88
N VAL A 24 0.97 11.50 2.67
CA VAL A 24 -0.42 11.08 2.46
C VAL A 24 -0.49 9.65 1.95
N ILE A 25 -0.95 8.74 2.82
CA ILE A 25 -1.08 7.33 2.45
C ILE A 25 -2.33 7.09 1.63
N VAL A 26 -2.24 6.18 0.66
CA VAL A 26 -3.37 5.85 -0.19
C VAL A 26 -3.68 4.36 -0.14
N ARG A 27 -4.96 4.02 0.01
CA ARG A 27 -5.38 2.63 0.07
C ARG A 27 -5.71 2.10 -1.31
N MET A 28 -4.82 1.26 -1.85
CA MET A 28 -5.02 0.68 -3.17
C MET A 28 -5.61 -0.73 -3.07
N ARG A 29 -6.73 -0.94 -3.75
CA ARG A 29 -7.40 -2.24 -3.73
C ARG A 29 -7.63 -2.74 -5.16
N GLY A 30 -7.35 -4.03 -5.37
CA GLY A 30 -7.54 -4.61 -6.69
C GLY A 30 -6.26 -4.67 -7.47
N LEU A 31 -5.13 -4.54 -6.79
CA LEU A 31 -3.82 -4.57 -7.44
C LEU A 31 -3.49 -5.98 -7.92
N PRO A 32 -3.35 -6.14 -9.25
CA PRO A 32 -3.03 -7.44 -9.86
C PRO A 32 -1.86 -8.13 -9.16
N PHE A 33 -2.01 -9.42 -8.89
CA PHE A 33 -0.98 -10.19 -8.24
C PHE A 33 0.41 -9.72 -8.67
N THR A 34 0.74 -9.96 -9.93
CA THR A 34 2.04 -9.56 -10.47
C THR A 34 2.37 -8.11 -10.10
N ALA A 35 1.35 -7.25 -10.16
CA ALA A 35 1.52 -5.85 -9.84
C ALA A 35 2.48 -5.67 -8.66
N THR A 36 3.49 -4.82 -8.84
CA THR A 36 4.46 -4.56 -7.80
C THR A 36 4.87 -3.10 -7.77
N ALA A 37 5.76 -2.75 -6.84
CA ALA A 37 6.23 -1.38 -6.72
C ALA A 37 6.61 -0.80 -8.07
N GLU A 38 7.37 -1.57 -8.85
CA GLU A 38 7.80 -1.13 -10.18
C GLU A 38 6.61 -0.68 -11.02
N GLU A 39 5.47 -1.33 -10.81
CA GLU A 39 4.26 -1.00 -11.55
C GLU A 39 3.63 0.28 -11.03
N VAL A 40 3.75 0.50 -9.72
CA VAL A 40 3.19 1.69 -9.09
C VAL A 40 4.03 2.92 -9.42
N VAL A 41 5.33 2.83 -9.19
CA VAL A 41 6.24 3.94 -9.46
C VAL A 41 5.80 4.73 -10.69
N ALA A 42 5.55 4.01 -11.78
CA ALA A 42 5.11 4.64 -13.02
C ALA A 42 3.64 5.00 -12.97
N PHE A 43 2.85 4.18 -12.27
CA PHE A 43 1.42 4.40 -12.14
C PHE A 43 1.13 5.86 -11.78
N PHE A 44 1.64 6.28 -10.62
CA PHE A 44 1.43 7.65 -10.16
C PHE A 44 2.55 8.56 -10.65
N GLY A 45 3.69 7.97 -11.00
CA GLY A 45 4.81 8.75 -11.48
C GLY A 45 4.41 9.73 -12.57
N GLN A 46 3.28 9.46 -13.23
CA GLN A 46 2.79 10.32 -14.29
C GLN A 46 2.70 11.77 -13.82
N HIS A 47 1.68 12.06 -13.02
CA HIS A 47 1.48 13.41 -12.50
C HIS A 47 1.55 13.43 -10.98
N CYS A 48 1.67 12.24 -10.39
CA CYS A 48 1.76 12.12 -8.94
C CYS A 48 2.99 11.32 -8.53
N PRO A 49 4.13 12.01 -8.37
CA PRO A 49 5.39 11.38 -7.98
C PRO A 49 5.38 10.89 -6.55
N ILE A 50 5.80 9.65 -6.34
CA ILE A 50 5.84 9.06 -5.01
C ILE A 50 7.11 9.47 -4.26
N THR A 51 6.98 9.70 -2.96
CA THR A 51 8.10 10.10 -2.13
C THR A 51 9.12 8.97 -2.01
N GLY A 52 10.25 9.12 -2.71
CA GLY A 52 11.28 8.10 -2.66
C GLY A 52 11.07 7.01 -3.70
N GLY A 53 9.84 6.90 -4.19
CA GLY A 53 9.53 5.88 -5.19
C GLY A 53 9.38 4.50 -4.58
N LYS A 54 10.12 3.54 -5.11
CA LYS A 54 10.06 2.16 -4.62
C LYS A 54 10.02 2.14 -3.09
N GLU A 55 10.70 3.10 -2.47
CA GLU A 55 10.76 3.18 -1.02
C GLU A 55 9.44 3.70 -0.46
N GLY A 56 8.80 4.60 -1.19
CA GLY A 56 7.54 5.16 -0.75
C GLY A 56 6.35 4.27 -1.10
N ILE A 57 6.56 2.96 -1.00
CA ILE A 57 5.51 2.00 -1.31
C ILE A 57 5.51 0.85 -0.30
N LEU A 58 4.33 0.27 -0.08
CA LEU A 58 4.19 -0.84 0.86
C LEU A 58 3.10 -1.80 0.41
N PHE A 59 3.50 -3.00 -0.01
CA PHE A 59 2.55 -4.00 -0.46
C PHE A 59 2.14 -4.93 0.68
N VAL A 60 0.84 -5.07 0.88
CA VAL A 60 0.32 -5.93 1.95
C VAL A 60 0.34 -7.40 1.54
N THR A 61 1.14 -8.19 2.25
CA THR A 61 1.26 -9.61 1.97
C THR A 61 0.96 -10.45 3.20
N TYR A 62 0.21 -11.53 3.01
CA TYR A 62 -0.15 -12.41 4.11
C TYR A 62 1.04 -12.64 5.04
N PRO A 63 0.75 -13.06 6.28
CA PRO A 63 1.79 -13.32 7.28
C PRO A 63 2.61 -14.56 6.96
N ASP A 64 2.32 -15.17 5.81
CA ASP A 64 3.05 -16.36 5.37
C ASP A 64 3.87 -16.08 4.13
N GLY A 65 3.54 -14.99 3.44
CA GLY A 65 4.25 -14.63 2.23
C GLY A 65 3.42 -14.80 0.98
N ARG A 66 2.32 -14.07 0.90
CA ARG A 66 1.43 -14.15 -0.25
C ARG A 66 0.79 -12.78 -0.55
N PRO A 67 0.58 -12.51 -1.85
CA PRO A 67 -0.03 -11.24 -2.28
C PRO A 67 -1.50 -11.13 -1.90
N THR A 68 -1.78 -10.33 -0.88
CA THR A 68 -3.15 -10.14 -0.41
C THR A 68 -3.98 -9.38 -1.44
N GLY A 69 -3.31 -8.49 -2.18
CA GLY A 69 -4.00 -7.71 -3.19
C GLY A 69 -4.01 -6.23 -2.87
N ASP A 70 -4.08 -5.91 -1.59
CA ASP A 70 -4.09 -4.52 -1.15
C ASP A 70 -2.68 -3.99 -0.95
N ALA A 71 -2.51 -2.68 -1.09
CA ALA A 71 -1.21 -2.05 -0.92
C ALA A 71 -1.35 -0.60 -0.49
N PHE A 72 -0.22 0.05 -0.24
CA PHE A 72 -0.21 1.45 0.19
C PHE A 72 0.90 2.22 -0.51
N VAL A 73 0.75 3.55 -0.57
CA VAL A 73 1.74 4.40 -1.21
C VAL A 73 1.94 5.69 -0.43
N LEU A 74 3.09 6.32 -0.61
CA LEU A 74 3.41 7.57 0.08
C LEU A 74 3.38 8.74 -0.90
N PHE A 75 2.86 9.87 -0.42
CA PHE A 75 2.78 11.08 -1.24
C PHE A 75 3.22 12.31 -0.46
N ALA A 76 4.08 13.11 -1.07
CA ALA A 76 4.59 14.33 -0.43
C ALA A 76 3.47 15.07 0.30
N CYS A 77 2.51 15.59 -0.48
CA CYS A 77 1.40 16.33 0.10
C CYS A 77 0.08 15.90 -0.55
N GLU A 78 -1.03 16.46 -0.06
CA GLU A 78 -2.34 16.12 -0.58
C GLU A 78 -2.48 16.59 -2.03
N GLU A 79 -1.49 17.33 -2.50
CA GLU A 79 -1.50 17.85 -3.87
C GLU A 79 -1.37 16.71 -4.88
N TYR A 80 -0.55 15.72 -4.55
CA TYR A 80 -0.33 14.58 -5.42
C TYR A 80 -1.39 13.50 -5.18
N ALA A 81 -1.75 13.30 -3.92
CA ALA A 81 -2.75 12.30 -3.56
C ALA A 81 -4.09 12.59 -4.22
N GLN A 82 -4.65 13.76 -3.92
CA GLN A 82 -5.93 14.16 -4.50
C GLN A 82 -5.96 13.88 -6.00
N ASN A 83 -4.97 14.40 -6.72
CA ASN A 83 -4.89 14.20 -8.16
C ASN A 83 -4.83 12.73 -8.51
N ALA A 84 -4.33 11.92 -7.57
CA ALA A 84 -4.22 10.49 -7.78
C ALA A 84 -5.58 9.80 -7.66
N LEU A 85 -6.50 10.44 -6.94
CA LEU A 85 -7.84 9.91 -6.74
C LEU A 85 -8.62 9.91 -8.05
N ARG A 86 -8.36 10.91 -8.89
CA ARG A 86 -9.03 11.03 -10.17
C ARG A 86 -8.77 9.80 -11.05
N LYS A 87 -7.77 9.02 -10.67
CA LYS A 87 -7.42 7.81 -11.40
C LYS A 87 -8.34 6.65 -11.05
N HIS A 88 -9.24 6.89 -10.11
CA HIS A 88 -10.19 5.88 -9.67
C HIS A 88 -10.59 4.98 -10.84
N LYS A 89 -10.84 3.71 -10.55
CA LYS A 89 -11.23 2.75 -11.57
C LYS A 89 -10.25 2.76 -12.73
N ASP A 90 -9.00 3.13 -12.44
CA ASP A 90 -7.97 3.17 -13.47
C ASP A 90 -7.81 1.82 -14.14
N LEU A 91 -6.85 1.73 -15.06
CA LEU A 91 -6.59 0.48 -15.79
C LEU A 91 -5.10 0.24 -15.95
N LEU A 92 -4.57 -0.70 -15.17
CA LEU A 92 -3.15 -1.02 -15.24
C LEU A 92 -2.95 -2.45 -15.72
N GLY A 93 -2.37 -2.60 -16.91
CA GLY A 93 -2.13 -3.92 -17.47
C GLY A 93 -3.40 -4.70 -17.69
N LYS A 94 -4.48 -3.99 -18.04
CA LYS A 94 -5.77 -4.63 -18.29
C LYS A 94 -6.38 -5.11 -16.98
N ARG A 95 -6.48 -4.21 -16.01
CA ARG A 95 -7.05 -4.55 -14.71
C ARG A 95 -7.60 -3.30 -14.02
N TYR A 96 -8.91 -3.26 -13.82
CA TYR A 96 -9.56 -2.12 -13.18
C TYR A 96 -9.21 -2.07 -11.69
N ILE A 97 -8.54 -1.00 -11.29
CA ILE A 97 -8.15 -0.82 -9.89
C ILE A 97 -8.92 0.32 -9.25
N GLU A 98 -8.97 0.32 -7.92
CA GLU A 98 -9.67 1.37 -7.18
C GLU A 98 -8.69 2.20 -6.35
N LEU A 99 -9.18 3.32 -5.85
CA LEU A 99 -8.35 4.22 -5.04
C LEU A 99 -9.17 4.89 -3.96
N PHE A 100 -8.56 5.09 -2.79
CA PHE A 100 -9.24 5.73 -1.66
C PHE A 100 -8.23 6.27 -0.67
N ARG A 101 -8.49 7.48 -0.18
CA ARG A 101 -7.60 8.14 0.79
C ARG A 101 -7.35 7.22 1.98
N SER A 102 -6.12 7.24 2.47
CA SER A 102 -5.74 6.41 3.62
C SER A 102 -4.86 7.19 4.58
N THR A 103 -4.83 6.75 5.84
CA THR A 103 -4.02 7.41 6.86
C THR A 103 -3.16 6.40 7.61
N ALA A 104 -2.09 6.89 8.22
CA ALA A 104 -1.18 6.02 8.97
C ALA A 104 -1.95 4.95 9.74
N ALA A 105 -2.89 5.38 10.57
CA ALA A 105 -3.69 4.46 11.35
C ALA A 105 -4.36 3.42 10.47
N GLU A 106 -5.11 3.89 9.47
CA GLU A 106 -5.80 2.99 8.55
C GLU A 106 -4.89 1.82 8.15
N VAL A 107 -3.69 2.15 7.69
CA VAL A 107 -2.73 1.13 7.28
C VAL A 107 -2.50 0.11 8.38
N GLN A 108 -1.95 0.57 9.50
CA GLN A 108 -1.67 -0.30 10.63
C GLN A 108 -2.84 -1.25 10.88
N GLN A 109 -4.05 -0.79 10.62
CA GLN A 109 -5.24 -1.59 10.81
C GLN A 109 -5.36 -2.67 9.74
N VAL A 110 -5.23 -2.27 8.48
CA VAL A 110 -5.31 -3.21 7.37
C VAL A 110 -4.29 -4.32 7.51
N LEU A 111 -3.10 -3.96 8.01
CA LEU A 111 -2.03 -4.94 8.19
C LEU A 111 -2.46 -6.04 9.16
N ASN A 112 -2.96 -5.64 10.32
CA ASN A 112 -3.41 -6.60 11.32
C ASN A 112 -4.54 -7.47 10.78
N ARG A 113 -5.44 -6.87 10.03
CA ARG A 113 -6.57 -7.60 9.45
C ARG A 113 -6.11 -8.94 8.88
N PHE A 114 -5.13 -8.89 7.99
CA PHE A 114 -4.61 -10.10 7.36
C PHE A 114 -3.72 -10.87 8.34
N SER A 115 -2.81 -10.16 9.00
CA SER A 115 -1.91 -10.77 9.96
C SER A 115 -2.66 -11.73 10.87
N SER A 116 -3.63 -11.20 11.61
CA SER A 116 -4.42 -12.00 12.53
C SER A 116 -5.19 -13.09 11.79
N ALA A 117 -5.80 -12.70 10.67
CA ALA A 117 -6.57 -13.63 9.85
C ALA A 117 -7.53 -14.44 10.71
N SER A 118 -8.17 -13.78 11.68
CA SER A 118 -9.11 -14.43 12.57
C SER A 118 -10.55 -14.21 12.11
N GLY A 119 -10.90 -12.94 11.90
CA GLY A 119 -12.24 -12.62 11.45
C GLY A 119 -12.27 -11.44 10.51
N PRO A 120 -12.04 -10.23 11.07
CA PRO A 120 -11.78 -10.05 12.49
C PRO A 120 -13.02 -10.31 13.35
N SER A 121 -14.19 -9.97 12.81
CA SER A 121 -15.45 -10.17 13.52
C SER A 121 -16.14 -11.44 13.04
N SER A 122 -15.97 -12.53 13.79
CA SER A 122 -16.58 -13.80 13.44
C SER A 122 -17.99 -13.60 12.91
N GLY A 123 -18.42 -14.49 12.02
CA GLY A 123 -19.75 -14.39 11.45
C GLY A 123 -20.17 -15.66 10.72
N GLY A 1 20.79 7.92 4.38
CA GLY A 1 19.93 6.82 4.02
C GLY A 1 20.07 5.64 4.96
N SER A 2 19.02 4.83 5.06
CA SER A 2 19.04 3.65 5.92
C SER A 2 18.14 2.56 5.37
N SER A 3 18.71 1.37 5.17
CA SER A 3 17.96 0.23 4.65
C SER A 3 18.76 -1.05 4.78
N GLY A 4 18.07 -2.15 5.07
CA GLY A 4 18.74 -3.42 5.22
C GLY A 4 17.82 -4.60 4.89
N SER A 5 18.42 -5.74 4.58
CA SER A 5 17.66 -6.94 4.24
C SER A 5 17.58 -7.88 5.44
N SER A 6 16.66 -7.60 6.35
CA SER A 6 16.47 -8.42 7.54
C SER A 6 15.11 -9.10 7.53
N GLY A 7 14.87 -9.94 8.52
CA GLY A 7 13.61 -10.64 8.62
C GLY A 7 12.58 -9.90 9.45
N GLY A 8 11.74 -10.64 10.16
CA GLY A 8 10.73 -10.02 11.00
C GLY A 8 9.47 -9.68 10.22
N GLY A 9 8.34 -9.63 10.92
CA GLY A 9 7.08 -9.31 10.27
C GLY A 9 7.13 -8.01 9.50
N THR A 10 6.18 -7.82 8.59
CA THR A 10 6.13 -6.60 7.78
C THR A 10 6.41 -5.36 8.62
N SER A 11 5.92 -5.38 9.86
CA SER A 11 6.12 -4.26 10.77
C SER A 11 7.48 -3.60 10.54
N ASN A 12 8.48 -4.42 10.24
CA ASN A 12 9.83 -3.92 10.00
C ASN A 12 9.85 -2.96 8.83
N GLU A 13 9.42 -3.45 7.66
CA GLU A 13 9.39 -2.63 6.46
C GLU A 13 8.36 -1.50 6.59
N VAL A 14 7.22 -1.82 7.19
CA VAL A 14 6.17 -0.84 7.38
C VAL A 14 6.64 0.34 8.23
N ALA A 15 7.38 0.02 9.30
CA ALA A 15 7.90 1.05 10.19
C ALA A 15 8.34 2.29 9.41
N GLN A 16 9.32 2.09 8.52
CA GLN A 16 9.82 3.20 7.71
C GLN A 16 8.71 3.85 6.90
N PHE A 17 7.91 3.01 6.23
CA PHE A 17 6.81 3.51 5.42
C PHE A 17 5.99 4.53 6.18
N LEU A 18 5.79 4.28 7.48
CA LEU A 18 5.02 5.17 8.33
C LEU A 18 5.91 6.23 8.97
N SER A 19 7.19 5.88 9.15
CA SER A 19 8.15 6.80 9.76
C SER A 19 8.11 8.16 9.08
N LYS A 20 7.91 8.15 7.76
CA LYS A 20 7.85 9.38 6.98
C LYS A 20 6.81 10.33 7.56
N GLU A 21 7.25 11.55 7.87
CA GLU A 21 6.35 12.57 8.43
C GLU A 21 5.87 13.53 7.34
N ASN A 22 4.68 14.09 7.54
CA ASN A 22 4.11 15.02 6.58
C ASN A 22 3.89 14.35 5.23
N GLN A 23 3.43 13.10 5.27
CA GLN A 23 3.18 12.34 4.05
C GLN A 23 1.75 11.81 4.03
N VAL A 24 1.17 11.74 2.83
CA VAL A 24 -0.20 11.24 2.67
C VAL A 24 -0.21 9.79 2.22
N ILE A 25 -1.01 8.97 2.91
CA ILE A 25 -1.13 7.56 2.58
C ILE A 25 -2.38 7.28 1.77
N VAL A 26 -2.28 6.35 0.83
CA VAL A 26 -3.41 5.98 -0.02
C VAL A 26 -3.63 4.48 -0.02
N ARG A 27 -4.89 4.06 0.09
CA ARG A 27 -5.24 2.65 0.10
C ARG A 27 -5.52 2.15 -1.30
N MET A 28 -4.64 1.28 -1.80
CA MET A 28 -4.78 0.72 -3.15
C MET A 28 -5.42 -0.67 -3.08
N ARG A 29 -6.59 -0.80 -3.68
CA ARG A 29 -7.30 -2.07 -3.69
C ARG A 29 -7.55 -2.54 -5.13
N GLY A 30 -7.41 -3.84 -5.35
CA GLY A 30 -7.63 -4.39 -6.68
C GLY A 30 -6.36 -4.41 -7.50
N LEU A 31 -5.22 -4.41 -6.84
CA LEU A 31 -3.92 -4.42 -7.51
C LEU A 31 -3.57 -5.83 -7.99
N PRO A 32 -3.20 -5.95 -9.28
CA PRO A 32 -2.83 -7.24 -9.87
C PRO A 32 -1.85 -8.02 -9.02
N PHE A 33 -1.85 -9.34 -9.17
CA PHE A 33 -0.95 -10.20 -8.41
C PHE A 33 0.50 -9.85 -8.69
N THR A 34 0.85 -9.75 -9.97
CA THR A 34 2.21 -9.43 -10.36
C THR A 34 2.56 -7.98 -10.02
N ALA A 35 1.59 -7.09 -10.19
CA ALA A 35 1.79 -5.68 -9.90
C ALA A 35 2.73 -5.50 -8.71
N THR A 36 3.80 -4.74 -8.91
CA THR A 36 4.77 -4.49 -7.86
C THR A 36 5.17 -3.02 -7.82
N ALA A 37 6.00 -2.66 -6.85
CA ALA A 37 6.46 -1.28 -6.70
C ALA A 37 6.65 -0.62 -8.06
N GLU A 38 7.27 -1.34 -8.98
CA GLU A 38 7.51 -0.82 -10.32
C GLU A 38 6.20 -0.40 -10.99
N GLU A 39 5.21 -1.28 -10.94
CA GLU A 39 3.91 -1.00 -11.54
C GLU A 39 3.32 0.30 -10.99
N VAL A 40 3.61 0.57 -9.71
CA VAL A 40 3.11 1.78 -9.06
C VAL A 40 3.95 2.99 -9.45
N VAL A 41 5.24 2.94 -9.14
CA VAL A 41 6.16 4.03 -9.45
C VAL A 41 5.76 4.71 -10.77
N ALA A 42 5.36 3.90 -11.74
CA ALA A 42 4.96 4.43 -13.04
C ALA A 42 3.48 4.83 -13.04
N PHE A 43 2.67 4.03 -12.38
CA PHE A 43 1.23 4.31 -12.31
C PHE A 43 0.97 5.77 -11.97
N PHE A 44 1.48 6.21 -10.82
CA PHE A 44 1.31 7.59 -10.38
C PHE A 44 2.47 8.46 -10.86
N GLY A 45 3.60 7.83 -11.14
CA GLY A 45 4.77 8.55 -11.60
C GLY A 45 4.45 9.49 -12.74
N GLN A 46 3.32 9.27 -13.41
CA GLN A 46 2.90 10.09 -14.53
C GLN A 46 2.77 11.56 -14.10
N HIS A 47 1.74 11.84 -13.30
CA HIS A 47 1.51 13.20 -12.82
C HIS A 47 1.61 13.26 -11.30
N CYS A 48 1.55 12.09 -10.66
CA CYS A 48 1.64 12.02 -9.20
C CYS A 48 2.84 11.19 -8.77
N PRO A 49 4.01 11.85 -8.66
CA PRO A 49 5.25 11.19 -8.25
C PRO A 49 5.23 10.77 -6.79
N ILE A 50 5.59 9.51 -6.52
CA ILE A 50 5.61 8.99 -5.17
C ILE A 50 6.90 9.37 -4.45
N THR A 51 6.80 9.60 -3.15
CA THR A 51 7.97 9.97 -2.34
C THR A 51 8.96 8.83 -2.27
N GLY A 52 10.07 8.96 -3.00
CA GLY A 52 11.09 7.92 -2.99
C GLY A 52 10.83 6.84 -4.02
N GLY A 53 9.58 6.74 -4.47
CA GLY A 53 9.23 5.75 -5.46
C GLY A 53 9.06 4.37 -4.86
N LYS A 54 9.77 3.39 -5.41
CA LYS A 54 9.69 2.01 -4.93
C LYS A 54 9.76 1.97 -3.40
N GLU A 55 10.54 2.89 -2.83
CA GLU A 55 10.69 2.96 -1.38
C GLU A 55 9.44 3.52 -0.72
N GLY A 56 8.77 4.43 -1.43
CA GLY A 56 7.56 5.05 -0.90
C GLY A 56 6.32 4.23 -1.20
N ILE A 57 6.46 2.91 -1.15
CA ILE A 57 5.34 2.02 -1.42
C ILE A 57 5.37 0.81 -0.49
N LEU A 58 4.18 0.32 -0.13
CA LEU A 58 4.06 -0.83 0.76
C LEU A 58 3.03 -1.82 0.23
N PHE A 59 3.48 -3.04 -0.08
CA PHE A 59 2.60 -4.07 -0.60
C PHE A 59 2.19 -5.03 0.52
N VAL A 60 0.90 -5.04 0.84
CA VAL A 60 0.38 -5.92 1.89
C VAL A 60 0.41 -7.38 1.44
N THR A 61 1.23 -8.19 2.10
CA THR A 61 1.35 -9.60 1.78
C THR A 61 1.09 -10.47 3.00
N TYR A 62 0.34 -11.55 2.80
CA TYR A 62 0.02 -12.46 3.90
C TYR A 62 1.25 -12.75 4.75
N PRO A 63 1.00 -13.17 6.00
CA PRO A 63 2.08 -13.49 6.95
C PRO A 63 2.85 -14.75 6.55
N ASP A 64 2.50 -15.33 5.41
CA ASP A 64 3.14 -16.53 4.92
C ASP A 64 3.95 -16.24 3.65
N GLY A 65 3.61 -15.15 2.97
CA GLY A 65 4.30 -14.77 1.76
C GLY A 65 3.41 -14.89 0.53
N ARG A 66 2.30 -14.18 0.54
CA ARG A 66 1.36 -14.22 -0.58
C ARG A 66 0.76 -12.84 -0.84
N PRO A 67 0.53 -12.51 -2.12
CA PRO A 67 -0.04 -11.23 -2.52
C PRO A 67 -1.51 -11.10 -2.12
N THR A 68 -1.76 -10.30 -1.09
CA THR A 68 -3.12 -10.08 -0.60
C THR A 68 -3.94 -9.29 -1.61
N GLY A 69 -3.28 -8.39 -2.34
CA GLY A 69 -3.97 -7.59 -3.32
C GLY A 69 -3.98 -6.11 -2.96
N ASP A 70 -4.06 -5.83 -1.66
CA ASP A 70 -4.09 -4.45 -1.19
C ASP A 70 -2.66 -3.90 -1.06
N ALA A 71 -2.56 -2.58 -0.98
CA ALA A 71 -1.26 -1.93 -0.84
C ALA A 71 -1.42 -0.49 -0.35
N PHE A 72 -0.29 0.17 -0.11
CA PHE A 72 -0.29 1.55 0.36
C PHE A 72 0.82 2.36 -0.29
N VAL A 73 0.50 3.58 -0.71
CA VAL A 73 1.47 4.45 -1.36
C VAL A 73 1.72 5.70 -0.53
N LEU A 74 2.86 6.34 -0.77
CA LEU A 74 3.22 7.55 -0.03
C LEU A 74 3.21 8.76 -0.96
N PHE A 75 2.82 9.92 -0.41
CA PHE A 75 2.76 11.15 -1.19
C PHE A 75 3.25 12.34 -0.35
N ALA A 76 4.06 13.19 -0.97
CA ALA A 76 4.59 14.36 -0.29
C ALA A 76 3.48 15.12 0.43
N CYS A 77 2.40 15.41 -0.27
CA CYS A 77 1.27 16.14 0.31
C CYS A 77 -0.02 15.79 -0.42
N GLU A 78 -1.13 16.36 0.05
CA GLU A 78 -2.43 16.12 -0.55
C GLU A 78 -2.43 16.51 -2.02
N GLU A 79 -1.53 17.41 -2.40
CA GLU A 79 -1.42 17.87 -3.78
C GLU A 79 -1.34 16.69 -4.74
N TYR A 80 -0.38 15.81 -4.50
CA TYR A 80 -0.20 14.64 -5.35
C TYR A 80 -1.31 13.62 -5.13
N ALA A 81 -1.59 13.31 -3.86
CA ALA A 81 -2.64 12.37 -3.51
C ALA A 81 -3.92 12.66 -4.29
N GLN A 82 -4.38 13.91 -4.22
CA GLN A 82 -5.59 14.31 -4.92
C GLN A 82 -5.54 13.91 -6.39
N ASN A 83 -4.59 14.48 -7.11
CA ASN A 83 -4.43 14.17 -8.53
C ASN A 83 -4.46 12.67 -8.78
N ALA A 84 -4.14 11.90 -7.75
CA ALA A 84 -4.13 10.44 -7.85
C ALA A 84 -5.54 9.88 -7.69
N LEU A 85 -6.30 10.44 -6.75
CA LEU A 85 -7.66 10.00 -6.50
C LEU A 85 -8.47 9.95 -7.79
N ARG A 86 -8.25 10.95 -8.65
CA ARG A 86 -8.97 11.03 -9.92
C ARG A 86 -8.77 9.76 -10.73
N LYS A 87 -7.64 9.08 -10.51
CA LYS A 87 -7.34 7.85 -11.22
C LYS A 87 -8.25 6.71 -10.75
N HIS A 88 -9.09 7.01 -9.76
CA HIS A 88 -10.01 6.01 -9.22
C HIS A 88 -10.48 5.04 -10.31
N LYS A 89 -10.36 3.76 -10.04
CA LYS A 89 -10.77 2.73 -10.99
C LYS A 89 -9.93 2.81 -12.27
N ASP A 90 -8.64 3.06 -12.10
CA ASP A 90 -7.73 3.16 -13.24
C ASP A 90 -7.56 1.81 -13.92
N LEU A 91 -6.67 1.74 -14.90
CA LEU A 91 -6.42 0.51 -15.64
C LEU A 91 -4.93 0.32 -15.89
N LEU A 92 -4.34 -0.66 -15.21
CA LEU A 92 -2.92 -0.95 -15.35
C LEU A 92 -2.70 -2.38 -15.82
N GLY A 93 -2.18 -2.54 -17.03
CA GLY A 93 -1.93 -3.86 -17.57
C GLY A 93 -3.18 -4.70 -17.65
N LYS A 94 -4.28 -4.08 -18.07
CA LYS A 94 -5.56 -4.78 -18.19
C LYS A 94 -6.06 -5.23 -16.82
N ARG A 95 -6.13 -4.30 -15.88
CA ARG A 95 -6.60 -4.60 -14.53
C ARG A 95 -7.12 -3.35 -13.84
N TYR A 96 -8.42 -3.34 -13.55
CA TYR A 96 -9.05 -2.21 -12.89
C TYR A 96 -8.58 -2.09 -11.44
N ILE A 97 -8.11 -0.90 -11.08
CA ILE A 97 -7.64 -0.65 -9.73
C ILE A 97 -8.40 0.50 -9.08
N GLU A 98 -8.82 0.30 -7.84
CA GLU A 98 -9.56 1.32 -7.11
C GLU A 98 -8.66 2.02 -6.09
N LEU A 99 -8.95 3.29 -5.83
CA LEU A 99 -8.16 4.07 -4.88
C LEU A 99 -9.06 4.67 -3.80
N PHE A 100 -8.50 4.84 -2.60
CA PHE A 100 -9.24 5.41 -1.48
C PHE A 100 -8.31 6.02 -0.45
N ARG A 101 -8.62 7.24 -0.03
CA ARG A 101 -7.80 7.93 0.96
C ARG A 101 -7.47 7.03 2.14
N SER A 102 -6.21 7.01 2.54
CA SER A 102 -5.76 6.17 3.65
C SER A 102 -4.94 6.98 4.65
N THR A 103 -4.87 6.50 5.88
CA THR A 103 -4.11 7.19 6.92
C THR A 103 -3.24 6.21 7.70
N ALA A 104 -2.11 6.71 8.21
CA ALA A 104 -1.19 5.87 8.97
C ALA A 104 -1.95 4.85 9.81
N ALA A 105 -2.91 5.33 10.60
CA ALA A 105 -3.71 4.47 11.45
C ALA A 105 -4.45 3.42 10.63
N GLU A 106 -5.15 3.87 9.60
CA GLU A 106 -5.90 2.96 8.74
C GLU A 106 -5.05 1.76 8.33
N VAL A 107 -3.85 2.04 7.84
CA VAL A 107 -2.93 1.00 7.41
C VAL A 107 -2.72 -0.04 8.52
N GLN A 108 -2.12 0.40 9.62
CA GLN A 108 -1.86 -0.48 10.75
C GLN A 108 -3.06 -1.36 11.04
N GLN A 109 -4.26 -0.82 10.83
CA GLN A 109 -5.49 -1.57 11.07
C GLN A 109 -5.72 -2.59 9.98
N VAL A 110 -5.31 -2.26 8.75
CA VAL A 110 -5.47 -3.16 7.61
C VAL A 110 -4.39 -4.23 7.61
N LEU A 111 -3.31 -3.99 8.33
CA LEU A 111 -2.20 -4.94 8.41
C LEU A 111 -2.52 -6.04 9.42
N ASN A 112 -2.99 -5.65 10.59
CA ASN A 112 -3.33 -6.61 11.64
C ASN A 112 -4.36 -7.61 11.15
N ARG A 113 -5.45 -7.10 10.56
CA ARG A 113 -6.51 -7.96 10.05
C ARG A 113 -5.94 -9.07 9.18
N PHE A 114 -5.05 -8.71 8.27
CA PHE A 114 -4.43 -9.68 7.37
C PHE A 114 -3.40 -10.53 8.12
N SER A 115 -2.68 -9.90 9.04
CA SER A 115 -1.66 -10.60 9.82
C SER A 115 -2.31 -11.46 10.91
N SER A 116 -1.78 -12.66 11.08
CA SER A 116 -2.31 -13.59 12.09
C SER A 116 -3.74 -14.00 11.75
N ALA A 117 -4.00 -14.22 10.47
CA ALA A 117 -5.33 -14.62 10.02
C ALA A 117 -5.36 -16.10 9.66
N SER A 118 -6.30 -16.83 10.26
CA SER A 118 -6.43 -18.26 10.01
C SER A 118 -7.87 -18.61 9.63
N GLY A 119 -8.02 -19.63 8.80
CA GLY A 119 -9.35 -20.05 8.37
C GLY A 119 -9.54 -19.97 6.87
N PRO A 120 -9.72 -18.75 6.35
CA PRO A 120 -9.77 -17.54 7.18
C PRO A 120 -11.01 -17.47 8.06
N SER A 121 -10.86 -16.92 9.26
CA SER A 121 -11.97 -16.79 10.19
C SER A 121 -12.89 -15.65 9.79
N SER A 122 -13.95 -15.96 9.06
CA SER A 122 -14.90 -14.95 8.61
C SER A 122 -15.39 -14.11 9.79
N GLY A 123 -15.88 -14.77 10.82
CA GLY A 123 -16.36 -14.06 11.98
C GLY A 123 -17.71 -14.58 12.47
N GLY A 1 -16.04 -14.34 6.92
CA GLY A 1 -14.60 -14.24 7.01
C GLY A 1 -14.13 -12.88 7.52
N SER A 2 -12.82 -12.72 7.64
CA SER A 2 -12.25 -11.46 8.13
C SER A 2 -12.62 -11.23 9.60
N SER A 3 -12.50 -12.28 10.40
CA SER A 3 -12.82 -12.19 11.83
C SER A 3 -11.56 -11.98 12.65
N GLY A 4 -11.59 -10.96 13.50
CA GLY A 4 -10.44 -10.66 14.34
C GLY A 4 -10.54 -9.30 15.01
N SER A 5 -10.02 -9.20 16.22
CA SER A 5 -10.06 -7.95 16.98
C SER A 5 -8.80 -7.13 16.72
N SER A 6 -8.98 -5.83 16.52
CA SER A 6 -7.86 -4.93 16.26
C SER A 6 -6.78 -5.09 17.32
N GLY A 7 -5.54 -4.74 16.95
CA GLY A 7 -4.44 -4.86 17.87
C GLY A 7 -3.29 -5.68 17.31
N GLY A 8 -2.50 -5.05 16.44
CA GLY A 8 -1.37 -5.74 15.84
C GLY A 8 -0.06 -5.04 16.11
N GLY A 9 0.85 -5.10 15.13
CA GLY A 9 2.15 -4.47 15.29
C GLY A 9 2.65 -3.85 14.00
N THR A 10 3.93 -3.46 13.99
CA THR A 10 4.53 -2.85 12.81
C THR A 10 5.87 -3.49 12.49
N SER A 11 6.01 -3.99 11.26
CA SER A 11 7.24 -4.62 10.83
C SER A 11 8.22 -3.59 10.30
N ASN A 12 9.51 -3.87 10.46
CA ASN A 12 10.56 -2.97 9.99
C ASN A 12 10.17 -2.33 8.66
N GLU A 13 9.77 -3.16 7.71
CA GLU A 13 9.38 -2.67 6.39
C GLU A 13 8.34 -1.55 6.51
N VAL A 14 7.40 -1.73 7.44
CA VAL A 14 6.35 -0.74 7.65
C VAL A 14 6.88 0.46 8.44
N ALA A 15 7.55 0.18 9.56
CA ALA A 15 8.10 1.22 10.41
C ALA A 15 8.60 2.40 9.56
N GLN A 16 9.51 2.11 8.64
CA GLN A 16 10.07 3.15 7.77
C GLN A 16 8.97 3.78 6.91
N PHE A 17 8.13 2.94 6.32
CA PHE A 17 7.06 3.40 5.46
C PHE A 17 6.21 4.45 6.19
N LEU A 18 5.92 4.19 7.46
CA LEU A 18 5.12 5.11 8.26
C LEU A 18 5.98 6.24 8.81
N SER A 19 7.26 5.96 9.03
CA SER A 19 8.19 6.96 9.55
C SER A 19 8.07 8.27 8.79
N LYS A 20 7.97 8.17 7.47
CA LYS A 20 7.85 9.34 6.61
C LYS A 20 6.96 10.39 7.26
N GLU A 21 7.43 11.63 7.31
CA GLU A 21 6.67 12.72 7.91
C GLU A 21 6.13 13.65 6.83
N ASN A 22 4.95 14.21 7.06
CA ASN A 22 4.31 15.11 6.12
C ASN A 22 4.01 14.40 4.80
N GLN A 23 3.60 13.14 4.90
CA GLN A 23 3.28 12.35 3.71
C GLN A 23 1.84 11.83 3.79
N VAL A 24 1.26 11.58 2.61
CA VAL A 24 -0.11 11.08 2.54
C VAL A 24 -0.13 9.62 2.10
N ILE A 25 -0.99 8.83 2.75
CA ILE A 25 -1.10 7.41 2.43
C ILE A 25 -2.38 7.14 1.65
N VAL A 26 -2.29 6.28 0.65
CA VAL A 26 -3.44 5.92 -0.18
C VAL A 26 -3.72 4.43 -0.12
N ARG A 27 -4.98 4.08 0.08
CA ARG A 27 -5.39 2.68 0.16
C ARG A 27 -5.73 2.12 -1.22
N MET A 28 -4.82 1.32 -1.75
CA MET A 28 -5.01 0.72 -3.07
C MET A 28 -5.55 -0.70 -2.96
N ARG A 29 -6.60 -1.00 -3.72
CA ARG A 29 -7.21 -2.31 -3.70
C ARG A 29 -7.51 -2.80 -5.11
N GLY A 30 -7.28 -4.09 -5.34
CA GLY A 30 -7.52 -4.65 -6.66
C GLY A 30 -6.29 -4.65 -7.54
N LEU A 31 -5.12 -4.48 -6.91
CA LEU A 31 -3.86 -4.45 -7.64
C LEU A 31 -3.48 -5.85 -8.13
N PRO A 32 -3.17 -5.96 -9.42
CA PRO A 32 -2.79 -7.23 -10.04
C PRO A 32 -1.73 -7.98 -9.23
N PHE A 33 -1.83 -9.30 -9.22
CA PHE A 33 -0.89 -10.14 -8.48
C PHE A 33 0.55 -9.73 -8.80
N THR A 34 0.82 -9.47 -10.06
CA THR A 34 2.15 -9.07 -10.50
C THR A 34 2.45 -7.62 -10.14
N ALA A 35 1.48 -6.74 -10.40
CA ALA A 35 1.63 -5.33 -10.09
C ALA A 35 2.48 -5.12 -8.84
N THR A 36 3.72 -4.71 -9.04
CA THR A 36 4.64 -4.47 -7.92
C THR A 36 4.95 -3.00 -7.76
N ALA A 37 5.74 -2.66 -6.75
CA ALA A 37 6.11 -1.28 -6.49
C ALA A 37 6.54 -0.58 -7.78
N GLU A 38 7.45 -1.21 -8.52
CA GLU A 38 7.94 -0.65 -9.77
C GLU A 38 6.79 -0.24 -10.67
N GLU A 39 5.73 -1.05 -10.68
CA GLU A 39 4.56 -0.76 -11.51
C GLU A 39 3.87 0.52 -11.04
N VAL A 40 3.76 0.69 -9.72
CA VAL A 40 3.13 1.86 -9.16
C VAL A 40 3.92 3.13 -9.48
N VAL A 41 5.20 3.12 -9.14
CA VAL A 41 6.07 4.26 -9.40
C VAL A 41 5.66 4.98 -10.68
N ALA A 42 5.64 4.23 -11.78
CA ALA A 42 5.26 4.79 -13.08
C ALA A 42 3.78 5.13 -13.12
N PHE A 43 2.97 4.33 -12.45
CA PHE A 43 1.52 4.54 -12.41
C PHE A 43 1.20 5.98 -12.02
N PHE A 44 1.62 6.37 -10.83
CA PHE A 44 1.38 7.71 -10.33
C PHE A 44 2.51 8.66 -10.72
N GLY A 45 3.66 8.08 -11.05
CA GLY A 45 4.80 8.89 -11.44
C GLY A 45 4.46 9.91 -12.50
N GLN A 46 3.34 9.70 -13.18
CA GLN A 46 2.90 10.61 -14.23
C GLN A 46 2.78 12.04 -13.70
N HIS A 47 1.73 12.29 -12.93
CA HIS A 47 1.49 13.61 -12.36
C HIS A 47 1.50 13.55 -10.84
N CYS A 48 1.63 12.35 -10.29
CA CYS A 48 1.66 12.15 -8.85
C CYS A 48 2.86 11.32 -8.43
N PRO A 49 4.00 12.00 -8.20
CA PRO A 49 5.24 11.34 -7.79
C PRO A 49 5.17 10.79 -6.37
N ILE A 50 5.80 9.65 -6.15
CA ILE A 50 5.80 9.01 -4.84
C ILE A 50 7.09 9.33 -4.08
N THR A 51 6.97 9.53 -2.77
CA THR A 51 8.12 9.83 -1.93
C THR A 51 9.09 8.66 -1.87
N GLY A 52 10.17 8.75 -2.64
CA GLY A 52 11.15 7.68 -2.65
C GLY A 52 10.86 6.63 -3.70
N GLY A 53 9.63 6.63 -4.20
CA GLY A 53 9.24 5.66 -5.21
C GLY A 53 9.06 4.27 -4.63
N LYS A 54 9.86 3.32 -5.11
CA LYS A 54 9.80 1.94 -4.63
C LYS A 54 9.85 1.89 -3.12
N GLU A 55 10.57 2.83 -2.52
CA GLU A 55 10.71 2.88 -1.06
C GLU A 55 9.44 3.43 -0.42
N GLY A 56 8.66 4.17 -1.21
CA GLY A 56 7.42 4.73 -0.70
C GLY A 56 6.20 3.92 -1.08
N ILE A 57 6.37 2.60 -1.14
CA ILE A 57 5.28 1.71 -1.50
C ILE A 57 5.24 0.48 -0.60
N LEU A 58 4.05 0.07 -0.20
CA LEU A 58 3.87 -1.09 0.66
C LEU A 58 2.77 -2.00 0.13
N PHE A 59 3.12 -3.26 -0.10
CA PHE A 59 2.16 -4.24 -0.62
C PHE A 59 1.73 -5.20 0.50
N VAL A 60 0.42 -5.29 0.71
CA VAL A 60 -0.13 -6.16 1.73
C VAL A 60 -0.19 -7.60 1.25
N THR A 61 0.21 -8.53 2.12
CA THR A 61 0.21 -9.94 1.78
C THR A 61 -0.19 -10.80 2.98
N TYR A 62 -1.04 -11.78 2.75
CA TYR A 62 -1.49 -12.67 3.82
C TYR A 62 -0.35 -13.03 4.75
N PRO A 63 -0.70 -13.49 5.96
CA PRO A 63 0.28 -13.87 6.98
C PRO A 63 1.03 -15.15 6.61
N ASP A 64 0.75 -15.67 5.42
CA ASP A 64 1.39 -16.89 4.94
C ASP A 64 2.21 -16.62 3.68
N GLY A 65 1.78 -15.61 2.91
CA GLY A 65 2.46 -15.27 1.68
C GLY A 65 1.54 -15.21 0.49
N ARG A 66 0.37 -14.62 0.68
CA ARG A 66 -0.61 -14.50 -0.40
C ARG A 66 -0.88 -13.04 -0.74
N PRO A 67 -1.05 -12.76 -2.03
CA PRO A 67 -1.31 -11.39 -2.52
C PRO A 67 -2.70 -10.89 -2.13
N THR A 68 -2.77 -10.20 -1.00
CA THR A 68 -4.03 -9.66 -0.51
C THR A 68 -4.65 -8.70 -1.52
N GLY A 69 -3.89 -8.36 -2.55
CA GLY A 69 -4.37 -7.45 -3.56
C GLY A 69 -4.27 -5.99 -3.15
N ASP A 70 -4.61 -5.71 -1.89
CA ASP A 70 -4.54 -4.35 -1.36
C ASP A 70 -3.10 -3.89 -1.23
N ALA A 71 -2.91 -2.58 -1.06
CA ALA A 71 -1.59 -2.01 -0.90
C ALA A 71 -1.66 -0.59 -0.37
N PHE A 72 -0.50 0.04 -0.23
CA PHE A 72 -0.43 1.41 0.27
C PHE A 72 0.70 2.19 -0.39
N VAL A 73 0.44 3.44 -0.73
CA VAL A 73 1.43 4.29 -1.38
C VAL A 73 1.70 5.54 -0.55
N LEU A 74 2.88 6.13 -0.76
CA LEU A 74 3.27 7.35 -0.03
C LEU A 74 3.31 8.55 -0.98
N PHE A 75 2.81 9.68 -0.50
CA PHE A 75 2.80 10.90 -1.29
C PHE A 75 3.38 12.07 -0.51
N ALA A 76 4.20 12.87 -1.16
CA ALA A 76 4.82 14.03 -0.53
C ALA A 76 3.79 14.88 0.20
N CYS A 77 2.68 15.15 -0.48
CA CYS A 77 1.61 15.96 0.10
C CYS A 77 0.26 15.62 -0.53
N GLU A 78 -0.80 16.16 0.03
CA GLU A 78 -2.15 15.92 -0.48
C GLU A 78 -2.26 16.33 -1.94
N GLU A 79 -1.65 17.46 -2.28
CA GLU A 79 -1.68 17.97 -3.64
C GLU A 79 -1.60 16.83 -4.65
N TYR A 80 -0.64 15.93 -4.46
CA TYR A 80 -0.46 14.80 -5.35
C TYR A 80 -1.53 13.74 -5.12
N ALA A 81 -1.72 13.38 -3.85
CA ALA A 81 -2.71 12.38 -3.49
C ALA A 81 -4.03 12.63 -4.22
N GLN A 82 -4.56 13.84 -4.06
CA GLN A 82 -5.82 14.21 -4.70
C GLN A 82 -5.82 13.81 -6.18
N ASN A 83 -4.90 14.41 -6.94
CA ASN A 83 -4.79 14.12 -8.37
C ASN A 83 -4.76 12.61 -8.62
N ALA A 84 -4.25 11.87 -7.64
CA ALA A 84 -4.16 10.41 -7.76
C ALA A 84 -5.55 9.77 -7.68
N LEU A 85 -6.37 10.26 -6.75
CA LEU A 85 -7.71 9.74 -6.58
C LEU A 85 -8.50 9.78 -7.88
N ARG A 86 -8.17 10.76 -8.72
CA ARG A 86 -8.84 10.91 -10.01
C ARG A 86 -8.68 9.66 -10.85
N LYS A 87 -7.65 8.87 -10.56
CA LYS A 87 -7.39 7.64 -11.29
C LYS A 87 -8.32 6.52 -10.82
N HIS A 88 -9.15 6.82 -9.84
CA HIS A 88 -10.09 5.84 -9.31
C HIS A 88 -10.58 4.90 -10.40
N LYS A 89 -10.45 3.60 -10.16
CA LYS A 89 -10.87 2.59 -11.12
C LYS A 89 -9.96 2.60 -12.36
N ASP A 90 -8.70 2.93 -12.15
CA ASP A 90 -7.74 2.98 -13.25
C ASP A 90 -7.58 1.61 -13.89
N LEU A 91 -6.74 1.53 -14.92
CA LEU A 91 -6.51 0.29 -15.63
C LEU A 91 -5.01 0.08 -15.88
N LEU A 92 -4.43 -0.89 -15.19
CA LEU A 92 -3.01 -1.19 -15.34
C LEU A 92 -2.81 -2.61 -15.86
N GLY A 93 -2.28 -2.72 -17.08
CA GLY A 93 -2.04 -4.03 -17.66
C GLY A 93 -3.31 -4.85 -17.78
N LYS A 94 -4.42 -4.19 -18.09
CA LYS A 94 -5.70 -4.87 -18.24
C LYS A 94 -6.22 -5.32 -16.88
N ARG A 95 -6.29 -4.40 -15.93
CA ARG A 95 -6.77 -4.71 -14.59
C ARG A 95 -7.32 -3.46 -13.90
N TYR A 96 -8.61 -3.46 -13.61
CA TYR A 96 -9.25 -2.33 -12.96
C TYR A 96 -8.77 -2.18 -11.52
N ILE A 97 -8.27 -0.99 -11.19
CA ILE A 97 -7.78 -0.71 -9.85
C ILE A 97 -8.54 0.44 -9.21
N GLU A 98 -8.92 0.26 -7.95
CA GLU A 98 -9.65 1.29 -7.22
C GLU A 98 -8.71 2.13 -6.36
N LEU A 99 -9.23 3.22 -5.82
CA LEU A 99 -8.43 4.11 -4.98
C LEU A 99 -9.28 4.71 -3.87
N PHE A 100 -8.71 4.81 -2.67
CA PHE A 100 -9.41 5.37 -1.52
C PHE A 100 -8.43 5.99 -0.54
N ARG A 101 -8.72 7.22 -0.12
CA ARG A 101 -7.86 7.93 0.82
C ARG A 101 -7.58 7.09 2.06
N SER A 102 -6.33 7.07 2.49
CA SER A 102 -5.94 6.29 3.66
C SER A 102 -5.00 7.10 4.56
N THR A 103 -4.80 6.62 5.78
CA THR A 103 -3.93 7.29 6.73
C THR A 103 -3.02 6.28 7.45
N ALA A 104 -1.99 6.80 8.11
CA ALA A 104 -1.04 5.95 8.83
C ALA A 104 -1.78 4.97 9.73
N ALA A 105 -2.66 5.50 10.59
CA ALA A 105 -3.44 4.66 11.50
C ALA A 105 -4.20 3.58 10.74
N GLU A 106 -4.94 4.00 9.72
CA GLU A 106 -5.73 3.06 8.92
C GLU A 106 -4.88 1.87 8.47
N VAL A 107 -3.71 2.18 7.89
CA VAL A 107 -2.81 1.14 7.42
C VAL A 107 -2.61 0.06 8.47
N GLN A 108 -2.05 0.46 9.62
CA GLN A 108 -1.81 -0.48 10.71
C GLN A 108 -3.05 -1.33 10.99
N GLN A 109 -4.22 -0.74 10.79
CA GLN A 109 -5.48 -1.44 11.02
C GLN A 109 -5.78 -2.41 9.87
N VAL A 110 -5.24 -2.11 8.70
CA VAL A 110 -5.45 -2.95 7.53
C VAL A 110 -4.49 -4.14 7.52
N LEU A 111 -3.38 -3.99 8.24
CA LEU A 111 -2.38 -5.05 8.32
C LEU A 111 -2.76 -6.08 9.38
N ASN A 112 -3.20 -5.59 10.54
CA ASN A 112 -3.59 -6.47 11.64
C ASN A 112 -4.81 -7.30 11.26
N ARG A 113 -5.77 -6.67 10.60
CA ARG A 113 -7.00 -7.36 10.18
C ARG A 113 -6.67 -8.54 9.28
N PHE A 114 -5.71 -8.33 8.36
CA PHE A 114 -5.31 -9.38 7.44
C PHE A 114 -4.43 -10.42 8.13
N SER A 115 -3.46 -9.94 8.90
CA SER A 115 -2.55 -10.81 9.62
C SER A 115 -3.32 -11.73 10.58
N SER A 116 -4.39 -11.20 11.16
CA SER A 116 -5.20 -11.96 12.10
C SER A 116 -6.48 -12.46 11.42
N ALA A 117 -6.33 -13.51 10.62
CA ALA A 117 -7.47 -14.10 9.92
C ALA A 117 -7.64 -15.56 10.27
N SER A 118 -7.29 -15.92 11.50
CA SER A 118 -7.41 -17.29 11.97
C SER A 118 -8.22 -17.37 13.26
N GLY A 119 -8.52 -18.59 13.69
CA GLY A 119 -9.30 -18.78 14.90
C GLY A 119 -9.37 -20.23 15.32
N PRO A 120 -10.10 -20.50 16.42
CA PRO A 120 -10.79 -19.46 17.18
C PRO A 120 -9.81 -18.55 17.93
N SER A 121 -9.98 -17.24 17.75
CA SER A 121 -9.11 -16.27 18.40
C SER A 121 -9.86 -15.52 19.50
N SER A 122 -9.23 -15.42 20.67
CA SER A 122 -9.84 -14.74 21.80
C SER A 122 -10.10 -13.27 21.48
N GLY A 123 -9.08 -12.58 21.00
CA GLY A 123 -9.22 -11.18 20.66
C GLY A 123 -8.16 -10.71 19.69
N GLY A 1 3.83 2.67 17.15
CA GLY A 1 4.54 2.43 18.38
C GLY A 1 5.87 1.73 18.16
N SER A 2 6.50 1.31 19.25
CA SER A 2 7.79 0.64 19.17
C SER A 2 8.01 -0.27 20.38
N SER A 3 8.40 -1.51 20.13
CA SER A 3 8.64 -2.47 21.20
C SER A 3 9.96 -3.21 20.98
N GLY A 4 10.99 -2.47 20.57
CA GLY A 4 12.28 -3.07 20.34
C GLY A 4 12.23 -4.17 19.30
N SER A 5 13.09 -5.18 19.46
CA SER A 5 13.15 -6.29 18.53
C SER A 5 12.91 -7.62 19.24
N SER A 6 11.89 -8.35 18.82
CA SER A 6 11.56 -9.63 19.42
C SER A 6 11.86 -10.78 18.46
N GLY A 7 11.30 -10.71 17.27
CA GLY A 7 11.54 -11.75 16.28
C GLY A 7 11.35 -11.26 14.85
N GLY A 8 10.42 -11.86 14.13
CA GLY A 8 10.17 -11.47 12.76
C GLY A 8 8.79 -10.85 12.58
N GLY A 9 8.64 -10.05 11.53
CA GLY A 9 7.37 -9.41 11.26
C GLY A 9 7.48 -8.27 10.27
N THR A 10 6.33 -7.76 9.83
CA THR A 10 6.32 -6.65 8.87
C THR A 10 6.54 -5.32 9.56
N SER A 11 6.15 -5.24 10.83
CA SER A 11 6.30 -4.01 11.60
C SER A 11 7.66 -3.36 11.32
N ASN A 12 8.62 -4.16 10.90
CA ASN A 12 9.95 -3.66 10.58
C ASN A 12 9.96 -2.90 9.27
N GLU A 13 9.44 -3.54 8.21
CA GLU A 13 9.39 -2.92 6.90
C GLU A 13 8.40 -1.75 6.88
N VAL A 14 7.30 -1.92 7.60
CA VAL A 14 6.28 -0.88 7.67
C VAL A 14 6.77 0.34 8.43
N ALA A 15 7.49 0.09 9.52
CA ALA A 15 8.03 1.17 10.34
C ALA A 15 8.43 2.37 9.48
N GLN A 16 9.47 2.20 8.69
CA GLN A 16 9.96 3.27 7.82
C GLN A 16 8.80 3.88 7.02
N PHE A 17 8.15 3.04 6.22
CA PHE A 17 7.03 3.49 5.39
C PHE A 17 6.16 4.49 6.17
N LEU A 18 5.93 4.20 7.45
CA LEU A 18 5.12 5.07 8.29
C LEU A 18 5.97 6.15 8.95
N SER A 19 7.27 5.88 9.06
CA SER A 19 8.19 6.83 9.68
C SER A 19 8.20 8.14 8.92
N LYS A 20 7.77 8.10 7.66
CA LYS A 20 7.73 9.29 6.82
C LYS A 20 6.65 10.26 7.30
N GLU A 21 7.07 11.46 7.71
CA GLU A 21 6.14 12.47 8.18
C GLU A 21 5.78 13.44 7.07
N ASN A 22 4.64 14.11 7.22
CA ASN A 22 4.17 15.08 6.23
C ASN A 22 3.92 14.39 4.88
N GLN A 23 3.31 13.21 4.93
CA GLN A 23 3.01 12.46 3.72
C GLN A 23 1.53 12.08 3.66
N VAL A 24 1.11 11.53 2.54
CA VAL A 24 -0.28 11.12 2.34
C VAL A 24 -0.37 9.69 1.86
N ILE A 25 -0.79 8.79 2.76
CA ILE A 25 -0.92 7.38 2.44
C ILE A 25 -2.19 7.12 1.64
N VAL A 26 -2.11 6.22 0.66
CA VAL A 26 -3.25 5.88 -0.17
C VAL A 26 -3.56 4.39 -0.12
N ARG A 27 -4.83 4.06 0.06
CA ARG A 27 -5.25 2.67 0.13
C ARG A 27 -5.62 2.13 -1.25
N MET A 28 -4.71 1.38 -1.85
CA MET A 28 -4.95 0.80 -3.17
C MET A 28 -5.49 -0.62 -3.07
N ARG A 29 -6.61 -0.87 -3.74
CA ARG A 29 -7.24 -2.19 -3.71
C ARG A 29 -7.46 -2.71 -5.13
N GLY A 30 -7.24 -4.01 -5.32
CA GLY A 30 -7.43 -4.61 -6.63
C GLY A 30 -6.16 -4.58 -7.46
N LEU A 31 -5.02 -4.52 -6.80
CA LEU A 31 -3.73 -4.50 -7.48
C LEU A 31 -3.34 -5.89 -7.96
N PRO A 32 -3.09 -6.01 -9.28
CA PRO A 32 -2.71 -7.28 -9.88
C PRO A 32 -1.58 -7.98 -9.12
N PHE A 33 -1.66 -9.30 -9.03
CA PHE A 33 -0.65 -10.07 -8.32
C PHE A 33 0.75 -9.77 -8.85
N THR A 34 0.81 -9.34 -10.11
CA THR A 34 2.08 -9.01 -10.74
C THR A 34 2.45 -7.54 -10.52
N ALA A 35 1.47 -6.76 -10.08
CA ALA A 35 1.68 -5.34 -9.83
C ALA A 35 2.66 -5.13 -8.68
N THR A 36 3.85 -4.64 -9.01
CA THR A 36 4.88 -4.40 -8.00
C THR A 36 5.26 -2.92 -7.96
N ALA A 37 5.99 -2.54 -6.92
CA ALA A 37 6.41 -1.15 -6.75
C ALA A 37 6.75 -0.52 -8.09
N GLU A 38 7.42 -1.28 -8.95
CA GLU A 38 7.80 -0.78 -10.27
C GLU A 38 6.56 -0.34 -11.06
N GLU A 39 5.54 -1.19 -11.06
CA GLU A 39 4.31 -0.89 -11.78
C GLU A 39 3.65 0.37 -11.22
N VAL A 40 3.74 0.55 -9.91
CA VAL A 40 3.15 1.72 -9.25
C VAL A 40 3.93 2.98 -9.60
N VAL A 41 5.24 2.95 -9.36
CA VAL A 41 6.08 4.10 -9.65
C VAL A 41 5.60 4.86 -10.87
N ALA A 42 5.37 4.13 -11.96
CA ALA A 42 4.90 4.73 -13.21
C ALA A 42 3.43 5.13 -13.09
N PHE A 43 2.62 4.24 -12.53
CA PHE A 43 1.19 4.50 -12.37
C PHE A 43 0.95 5.95 -11.97
N PHE A 44 1.48 6.35 -10.82
CA PHE A 44 1.32 7.72 -10.33
C PHE A 44 2.48 8.60 -10.79
N GLY A 45 3.60 7.97 -11.14
CA GLY A 45 4.75 8.71 -11.59
C GLY A 45 4.40 9.73 -12.67
N GLN A 46 3.26 9.54 -13.30
CA GLN A 46 2.82 10.45 -14.35
C GLN A 46 2.75 11.89 -13.85
N HIS A 47 1.72 12.18 -13.06
CA HIS A 47 1.55 13.52 -12.51
C HIS A 47 1.60 13.49 -10.98
N CYS A 48 1.63 12.29 -10.42
CA CYS A 48 1.68 12.12 -8.97
C CYS A 48 2.89 11.27 -8.56
N PRO A 49 4.04 11.93 -8.38
CA PRO A 49 5.28 11.26 -7.99
C PRO A 49 5.23 10.75 -6.55
N ILE A 50 5.78 9.55 -6.34
CA ILE A 50 5.80 8.96 -5.00
C ILE A 50 7.08 9.33 -4.26
N THR A 51 6.96 9.52 -2.95
CA THR A 51 8.10 9.89 -2.12
C THR A 51 9.04 8.69 -1.92
N GLY A 52 10.18 8.71 -2.60
CA GLY A 52 11.13 7.63 -2.49
C GLY A 52 10.91 6.55 -3.52
N GLY A 53 9.73 6.53 -4.12
CA GLY A 53 9.41 5.54 -5.13
C GLY A 53 9.21 4.16 -4.54
N LYS A 54 10.02 3.21 -4.99
CA LYS A 54 9.93 1.83 -4.51
C LYS A 54 9.91 1.80 -2.98
N GLU A 55 10.54 2.79 -2.36
CA GLU A 55 10.60 2.88 -0.91
C GLU A 55 9.29 3.39 -0.33
N GLY A 56 8.57 4.18 -1.13
CA GLY A 56 7.30 4.72 -0.69
C GLY A 56 6.12 3.88 -1.11
N ILE A 57 6.29 2.55 -1.02
CA ILE A 57 5.23 1.62 -1.38
C ILE A 57 5.22 0.40 -0.47
N LEU A 58 4.04 -0.16 -0.27
CA LEU A 58 3.90 -1.34 0.59
C LEU A 58 2.77 -2.24 0.09
N PHE A 59 3.10 -3.48 -0.25
CA PHE A 59 2.11 -4.43 -0.74
C PHE A 59 1.67 -5.37 0.39
N VAL A 60 0.39 -5.32 0.72
CA VAL A 60 -0.16 -6.16 1.77
C VAL A 60 -0.29 -7.61 1.30
N THR A 61 0.15 -8.53 2.15
CA THR A 61 0.09 -9.95 1.83
C THR A 61 -0.35 -10.76 3.04
N TYR A 62 -1.22 -11.74 2.80
CA TYR A 62 -1.72 -12.60 3.87
C TYR A 62 -0.58 -13.10 4.75
N PRO A 63 -0.91 -13.51 5.98
CA PRO A 63 0.07 -14.01 6.94
C PRO A 63 0.62 -15.38 6.54
N ASP A 64 0.20 -15.86 5.38
CA ASP A 64 0.64 -17.16 4.88
C ASP A 64 1.56 -16.98 3.66
N GLY A 65 1.45 -15.83 3.01
CA GLY A 65 2.27 -15.55 1.85
C GLY A 65 1.44 -15.43 0.58
N ARG A 66 0.27 -14.83 0.69
CA ARG A 66 -0.62 -14.66 -0.45
C ARG A 66 -0.92 -13.18 -0.69
N PRO A 67 -1.10 -12.81 -1.96
CA PRO A 67 -1.39 -11.43 -2.36
C PRO A 67 -2.80 -11.01 -1.94
N THR A 68 -2.86 -10.08 -0.99
CA THR A 68 -4.14 -9.58 -0.50
C THR A 68 -4.77 -8.60 -1.49
N GLY A 69 -4.02 -8.25 -2.54
CA GLY A 69 -4.51 -7.34 -3.54
C GLY A 69 -4.39 -5.89 -3.10
N ASP A 70 -4.61 -5.64 -1.82
CA ASP A 70 -4.53 -4.28 -1.28
C ASP A 70 -3.08 -3.85 -1.12
N ALA A 71 -2.86 -2.54 -1.06
CA ALA A 71 -1.52 -1.99 -0.91
C ALA A 71 -1.56 -0.57 -0.37
N PHE A 72 -0.38 0.04 -0.24
CA PHE A 72 -0.28 1.40 0.28
C PHE A 72 0.86 2.16 -0.40
N VAL A 73 0.65 3.45 -0.63
CA VAL A 73 1.66 4.28 -1.27
C VAL A 73 1.87 5.58 -0.50
N LEU A 74 3.04 6.17 -0.65
CA LEU A 74 3.37 7.42 0.03
C LEU A 74 3.36 8.59 -0.96
N PHE A 75 2.74 9.69 -0.55
CA PHE A 75 2.66 10.88 -1.39
C PHE A 75 3.16 12.12 -0.64
N ALA A 76 3.76 13.04 -1.38
CA ALA A 76 4.28 14.27 -0.78
C ALA A 76 3.21 14.99 0.01
N CYS A 77 2.17 15.44 -0.70
CA CYS A 77 1.07 16.16 -0.06
C CYS A 77 -0.22 16.00 -0.86
N GLU A 78 -1.32 16.48 -0.31
CA GLU A 78 -2.62 16.39 -0.96
C GLU A 78 -2.50 16.77 -2.44
N GLU A 79 -1.65 17.74 -2.73
CA GLU A 79 -1.45 18.19 -4.10
C GLU A 79 -1.32 17.01 -5.05
N TYR A 80 -0.54 16.01 -4.66
CA TYR A 80 -0.33 14.83 -5.47
C TYR A 80 -1.39 13.77 -5.18
N ALA A 81 -1.61 13.51 -3.90
CA ALA A 81 -2.59 12.52 -3.48
C ALA A 81 -3.95 12.78 -4.15
N GLN A 82 -4.51 13.96 -3.88
CA GLN A 82 -5.80 14.33 -4.46
C GLN A 82 -5.84 14.02 -5.95
N ASN A 83 -4.83 14.50 -6.67
CA ASN A 83 -4.75 14.27 -8.11
C ASN A 83 -4.71 12.78 -8.43
N ALA A 84 -4.26 11.98 -7.46
CA ALA A 84 -4.17 10.54 -7.64
C ALA A 84 -5.54 9.88 -7.54
N LEU A 85 -6.36 10.36 -6.61
CA LEU A 85 -7.70 9.82 -6.41
C LEU A 85 -8.49 9.86 -7.70
N ARG A 86 -8.20 10.83 -8.54
CA ARG A 86 -8.89 10.98 -9.82
C ARG A 86 -8.71 9.72 -10.68
N LYS A 87 -7.62 9.00 -10.43
CA LYS A 87 -7.34 7.78 -11.18
C LYS A 87 -8.22 6.63 -10.70
N HIS A 88 -9.06 6.90 -9.72
CA HIS A 88 -9.97 5.90 -9.17
C HIS A 88 -10.42 4.93 -10.25
N LYS A 89 -10.37 3.63 -9.95
CA LYS A 89 -10.77 2.61 -10.91
C LYS A 89 -9.94 2.69 -12.18
N ASP A 90 -8.64 2.94 -12.02
CA ASP A 90 -7.73 3.04 -13.16
C ASP A 90 -7.59 1.69 -13.86
N LEU A 91 -6.74 1.65 -14.88
CA LEU A 91 -6.51 0.42 -15.63
C LEU A 91 -5.02 0.22 -15.90
N LEU A 92 -4.41 -0.71 -15.16
CA LEU A 92 -2.99 -1.00 -15.32
C LEU A 92 -2.79 -2.43 -15.81
N GLY A 93 -2.28 -2.57 -17.03
CA GLY A 93 -2.04 -3.88 -17.60
C GLY A 93 -3.30 -4.70 -17.71
N LYS A 94 -4.39 -4.05 -18.10
CA LYS A 94 -5.68 -4.73 -18.26
C LYS A 94 -6.20 -5.21 -16.91
N ARG A 95 -6.29 -4.29 -15.95
CA ARG A 95 -6.77 -4.62 -14.61
C ARG A 95 -7.32 -3.38 -13.91
N TYR A 96 -8.62 -3.38 -13.64
CA TYR A 96 -9.26 -2.25 -12.97
C TYR A 96 -8.79 -2.14 -11.52
N ILE A 97 -8.14 -1.02 -11.20
CA ILE A 97 -7.64 -0.79 -9.85
C ILE A 97 -8.38 0.37 -9.19
N GLU A 98 -8.86 0.15 -7.98
CA GLU A 98 -9.58 1.18 -7.24
C GLU A 98 -8.62 2.01 -6.39
N LEU A 99 -9.15 3.04 -5.74
CA LEU A 99 -8.34 3.92 -4.90
C LEU A 99 -9.18 4.52 -3.78
N PHE A 100 -8.57 4.71 -2.61
CA PHE A 100 -9.27 5.28 -1.47
C PHE A 100 -8.27 5.89 -0.49
N ARG A 101 -8.52 7.14 -0.10
CA ARG A 101 -7.65 7.84 0.83
C ARG A 101 -7.34 6.97 2.05
N SER A 102 -6.10 6.99 2.49
CA SER A 102 -5.67 6.20 3.64
C SER A 102 -4.79 7.03 4.57
N THR A 103 -4.67 6.58 5.81
CA THR A 103 -3.85 7.27 6.80
C THR A 103 -2.96 6.30 7.55
N ALA A 104 -1.85 6.81 8.10
CA ALA A 104 -0.91 5.99 8.84
C ALA A 104 -1.64 4.99 9.73
N ALA A 105 -2.47 5.50 10.63
CA ALA A 105 -3.23 4.65 11.53
C ALA A 105 -4.02 3.59 10.76
N GLU A 106 -4.85 4.03 9.82
CA GLU A 106 -5.66 3.13 9.02
C GLU A 106 -4.81 1.95 8.51
N VAL A 107 -3.63 2.27 8.00
CA VAL A 107 -2.73 1.24 7.49
C VAL A 107 -2.52 0.13 8.50
N GLN A 108 -1.94 0.49 9.65
CA GLN A 108 -1.67 -0.47 10.70
C GLN A 108 -2.91 -1.33 10.98
N GLN A 109 -4.09 -0.74 10.83
CA GLN A 109 -5.34 -1.45 11.06
C GLN A 109 -5.66 -2.37 9.89
N VAL A 110 -5.16 -2.03 8.71
CA VAL A 110 -5.39 -2.83 7.51
C VAL A 110 -4.42 -4.00 7.44
N LEU A 111 -3.30 -3.89 8.14
CA LEU A 111 -2.29 -4.94 8.16
C LEU A 111 -2.63 -6.00 9.21
N ASN A 112 -3.04 -5.53 10.39
CA ASN A 112 -3.38 -6.43 11.49
C ASN A 112 -4.60 -7.27 11.13
N ARG A 113 -5.63 -6.61 10.60
CA ARG A 113 -6.86 -7.29 10.21
C ARG A 113 -6.55 -8.55 9.39
N PHE A 114 -5.46 -8.50 8.64
CA PHE A 114 -5.06 -9.62 7.80
C PHE A 114 -4.18 -10.59 8.59
N SER A 115 -3.39 -10.05 9.51
CA SER A 115 -2.50 -10.87 10.33
C SER A 115 -3.29 -11.71 11.32
N SER A 116 -4.41 -11.18 11.78
CA SER A 116 -5.25 -11.87 12.74
C SER A 116 -6.46 -12.49 12.05
N ALA A 117 -6.21 -13.22 10.98
CA ALA A 117 -7.28 -13.87 10.22
C ALA A 117 -7.49 -15.30 10.69
N SER A 118 -8.36 -15.48 11.68
CA SER A 118 -8.64 -16.80 12.21
C SER A 118 -10.13 -16.96 12.51
N GLY A 119 -10.66 -18.15 12.22
CA GLY A 119 -12.07 -18.41 12.47
C GLY A 119 -12.78 -18.94 11.24
N PRO A 120 -12.95 -18.07 10.23
CA PRO A 120 -12.49 -16.69 10.29
C PRO A 120 -13.29 -15.84 11.27
N SER A 121 -14.44 -16.38 11.69
CA SER A 121 -15.30 -15.67 12.64
C SER A 121 -15.30 -14.17 12.36
N SER A 122 -15.42 -13.81 11.09
CA SER A 122 -15.43 -12.41 10.69
C SER A 122 -16.72 -11.72 11.12
N GLY A 123 -16.69 -11.10 12.30
CA GLY A 123 -17.85 -10.42 12.82
C GLY A 123 -18.25 -10.90 14.20
N GLY A 1 18.54 1.90 9.83
CA GLY A 1 18.86 2.42 11.15
C GLY A 1 20.27 2.08 11.58
N SER A 2 20.72 2.70 12.66
CA SER A 2 22.07 2.47 13.18
C SER A 2 22.02 1.64 14.46
N SER A 3 21.20 2.07 15.41
CA SER A 3 21.07 1.38 16.68
C SER A 3 19.61 1.30 17.11
N GLY A 4 19.24 0.19 17.73
CA GLY A 4 17.87 0.00 18.18
C GLY A 4 16.87 0.08 17.05
N SER A 5 16.95 -0.86 16.12
CA SER A 5 16.05 -0.89 14.97
C SER A 5 14.98 -1.97 15.16
N SER A 6 14.44 -2.06 16.37
CA SER A 6 13.41 -3.03 16.68
C SER A 6 12.02 -2.42 16.56
N GLY A 7 11.74 -1.43 17.40
CA GLY A 7 10.45 -0.77 17.36
C GLY A 7 9.38 -1.56 18.09
N GLY A 8 8.88 -2.61 17.44
CA GLY A 8 7.86 -3.44 18.05
C GLY A 8 7.00 -4.15 17.01
N GLY A 9 5.73 -4.33 17.33
CA GLY A 9 4.83 -5.01 16.40
C GLY A 9 5.04 -4.58 14.97
N THR A 10 4.94 -3.28 14.72
CA THR A 10 5.11 -2.75 13.37
C THR A 10 6.26 -3.45 12.66
N SER A 11 5.99 -3.92 11.44
CA SER A 11 7.00 -4.61 10.65
C SER A 11 7.95 -3.62 9.99
N ASN A 12 9.23 -3.98 9.92
CA ASN A 12 10.23 -3.11 9.31
C ASN A 12 9.65 -2.34 8.14
N GLU A 13 9.21 -3.07 7.11
CA GLU A 13 8.63 -2.44 5.94
C GLU A 13 7.68 -1.32 6.32
N VAL A 14 6.87 -1.56 7.35
CA VAL A 14 5.92 -0.56 7.82
C VAL A 14 6.63 0.57 8.56
N ALA A 15 7.35 0.21 9.62
CA ALA A 15 8.08 1.19 10.42
C ALA A 15 8.59 2.33 9.55
N GLN A 16 9.39 1.99 8.54
CA GLN A 16 9.94 2.98 7.63
C GLN A 16 8.86 3.63 6.79
N PHE A 17 7.83 2.85 6.45
CA PHE A 17 6.72 3.36 5.65
C PHE A 17 5.98 4.48 6.39
N LEU A 18 5.82 4.30 7.69
CA LEU A 18 5.13 5.30 8.52
C LEU A 18 6.11 6.33 9.07
N SER A 19 7.40 6.00 9.03
CA SER A 19 8.44 6.89 9.52
C SER A 19 8.36 8.25 8.83
N LYS A 20 7.93 8.24 7.57
CA LYS A 20 7.81 9.46 6.79
C LYS A 20 6.82 10.42 7.44
N GLU A 21 7.31 11.60 7.84
CA GLU A 21 6.46 12.59 8.48
C GLU A 21 6.00 13.64 7.47
N ASN A 22 4.72 14.00 7.54
CA ASN A 22 4.14 14.98 6.63
C ASN A 22 3.93 14.38 5.24
N GLN A 23 3.40 13.16 5.22
CA GLN A 23 3.14 12.47 3.96
C GLN A 23 1.66 12.09 3.84
N VAL A 24 1.29 11.52 2.69
CA VAL A 24 -0.08 11.10 2.46
C VAL A 24 -0.14 9.66 1.97
N ILE A 25 -0.82 8.81 2.72
CA ILE A 25 -0.96 7.41 2.37
C ILE A 25 -2.23 7.16 1.56
N VAL A 26 -2.19 6.17 0.69
CA VAL A 26 -3.35 5.83 -0.14
C VAL A 26 -3.63 4.33 -0.09
N ARG A 27 -4.91 3.98 0.02
CA ARG A 27 -5.31 2.58 0.08
C ARG A 27 -5.65 2.06 -1.33
N MET A 28 -4.78 1.19 -1.84
CA MET A 28 -4.99 0.62 -3.17
C MET A 28 -5.54 -0.80 -3.07
N ARG A 29 -6.71 -1.02 -3.65
CA ARG A 29 -7.35 -2.34 -3.62
C ARG A 29 -7.62 -2.84 -5.04
N GLY A 30 -7.38 -4.13 -5.26
CA GLY A 30 -7.61 -4.70 -6.57
C GLY A 30 -6.37 -4.65 -7.45
N LEU A 31 -5.21 -4.65 -6.83
CA LEU A 31 -3.95 -4.59 -7.56
C LEU A 31 -3.54 -5.97 -8.06
N PRO A 32 -3.27 -6.07 -9.38
CA PRO A 32 -2.87 -7.34 -10.01
C PRO A 32 -1.77 -8.05 -9.23
N PHE A 33 -2.01 -9.32 -8.89
CA PHE A 33 -1.04 -10.10 -8.14
C PHE A 33 0.37 -9.91 -8.70
N THR A 34 0.44 -9.51 -9.97
CA THR A 34 1.73 -9.29 -10.62
C THR A 34 2.23 -7.87 -10.38
N ALA A 35 1.31 -6.91 -10.36
CA ALA A 35 1.65 -5.52 -10.13
C ALA A 35 2.55 -5.37 -8.91
N THR A 36 3.70 -4.74 -9.11
CA THR A 36 4.66 -4.54 -8.02
C THR A 36 4.99 -3.06 -7.85
N ALA A 37 5.95 -2.77 -6.98
CA ALA A 37 6.36 -1.39 -6.73
C ALA A 37 6.69 -0.67 -8.03
N GLU A 38 7.48 -1.32 -8.89
CA GLU A 38 7.86 -0.74 -10.17
C GLU A 38 6.63 -0.39 -10.99
N GLU A 39 5.57 -1.18 -10.85
CA GLU A 39 4.34 -0.94 -11.59
C GLU A 39 3.59 0.27 -11.03
N VAL A 40 3.88 0.61 -9.78
CA VAL A 40 3.25 1.75 -9.13
C VAL A 40 4.02 3.04 -9.41
N VAL A 41 5.33 2.99 -9.21
CA VAL A 41 6.18 4.16 -9.45
C VAL A 41 5.74 4.91 -10.69
N ALA A 42 5.43 4.17 -11.75
CA ALA A 42 4.98 4.78 -13.00
C ALA A 42 3.51 5.15 -12.95
N PHE A 43 2.70 4.24 -12.42
CA PHE A 43 1.26 4.48 -12.31
C PHE A 43 0.97 5.92 -11.91
N PHE A 44 1.51 6.32 -10.76
CA PHE A 44 1.31 7.67 -10.24
C PHE A 44 2.46 8.59 -10.67
N GLY A 45 3.61 7.99 -10.97
CA GLY A 45 4.77 8.76 -11.38
C GLY A 45 4.44 9.75 -12.47
N GLN A 46 3.35 9.50 -13.19
CA GLN A 46 2.93 10.38 -14.28
C GLN A 46 2.79 11.81 -13.78
N HIS A 47 1.76 12.06 -12.98
CA HIS A 47 1.51 13.39 -12.44
C HIS A 47 1.61 13.39 -10.92
N CYS A 48 1.56 12.20 -10.33
CA CYS A 48 1.63 12.06 -8.89
C CYS A 48 2.83 11.21 -8.48
N PRO A 49 3.99 11.87 -8.33
CA PRO A 49 5.24 11.19 -7.95
C PRO A 49 5.21 10.70 -6.51
N ILE A 50 5.64 9.47 -6.28
CA ILE A 50 5.67 8.88 -4.95
C ILE A 50 6.94 9.29 -4.21
N THR A 51 6.82 9.51 -2.90
CA THR A 51 7.95 9.90 -2.08
C THR A 51 8.95 8.76 -1.94
N GLY A 52 10.08 8.88 -2.63
CA GLY A 52 11.10 7.84 -2.58
C GLY A 52 10.91 6.79 -3.64
N GLY A 53 9.69 6.69 -4.17
CA GLY A 53 9.40 5.70 -5.19
C GLY A 53 9.21 4.31 -4.62
N LYS A 54 9.97 3.35 -5.14
CA LYS A 54 9.87 1.97 -4.68
C LYS A 54 9.94 1.90 -3.15
N GLU A 55 10.51 2.94 -2.54
CA GLU A 55 10.63 2.99 -1.10
C GLU A 55 9.34 3.50 -0.46
N GLY A 56 8.63 4.36 -1.18
CA GLY A 56 7.38 4.90 -0.66
C GLY A 56 6.18 4.05 -1.03
N ILE A 57 6.35 2.74 -0.97
CA ILE A 57 5.27 1.81 -1.30
C ILE A 57 5.26 0.63 -0.34
N LEU A 58 4.07 0.08 -0.09
CA LEU A 58 3.92 -1.05 0.80
C LEU A 58 2.85 -2.01 0.28
N PHE A 59 3.26 -3.20 -0.11
CA PHE A 59 2.34 -4.21 -0.62
C PHE A 59 1.90 -5.17 0.49
N VAL A 60 0.63 -5.10 0.87
CA VAL A 60 0.10 -5.96 1.92
C VAL A 60 0.15 -7.42 1.51
N THR A 61 0.89 -8.22 2.27
CA THR A 61 1.03 -9.65 1.98
C THR A 61 0.70 -10.49 3.21
N TYR A 62 -0.03 -11.58 3.00
CA TYR A 62 -0.42 -12.47 4.09
C TYR A 62 0.78 -12.75 5.00
N PRO A 63 0.47 -13.16 6.24
CA PRO A 63 1.50 -13.49 7.24
C PRO A 63 2.27 -14.76 6.90
N ASP A 64 1.94 -15.35 5.74
CA ASP A 64 2.61 -16.57 5.30
C ASP A 64 3.47 -16.30 4.07
N GLY A 65 3.26 -15.15 3.43
CA GLY A 65 4.02 -14.80 2.26
C GLY A 65 3.22 -14.93 0.98
N ARG A 66 2.14 -14.15 0.88
CA ARG A 66 1.29 -14.19 -0.31
C ARG A 66 0.63 -12.83 -0.54
N PRO A 67 0.36 -12.52 -1.82
CA PRO A 67 -0.27 -11.26 -2.20
C PRO A 67 -1.73 -11.19 -1.78
N THR A 68 -2.07 -10.19 -0.97
CA THR A 68 -3.43 -10.00 -0.48
C THR A 68 -4.23 -9.12 -1.43
N GLY A 69 -3.56 -8.60 -2.45
CA GLY A 69 -4.23 -7.74 -3.41
C GLY A 69 -4.19 -6.28 -3.01
N ASP A 70 -4.39 -6.01 -1.72
CA ASP A 70 -4.38 -4.65 -1.20
C ASP A 70 -2.94 -4.14 -1.07
N ALA A 71 -2.80 -2.82 -1.05
CA ALA A 71 -1.49 -2.20 -0.92
C ALA A 71 -1.60 -0.74 -0.48
N PHE A 72 -0.46 -0.10 -0.27
CA PHE A 72 -0.44 1.30 0.15
C PHE A 72 0.68 2.07 -0.56
N VAL A 73 0.49 3.37 -0.71
CA VAL A 73 1.47 4.22 -1.37
C VAL A 73 1.69 5.52 -0.60
N LEU A 74 2.88 6.08 -0.72
CA LEU A 74 3.22 7.32 -0.04
C LEU A 74 3.24 8.50 -1.02
N PHE A 75 2.93 9.69 -0.52
CA PHE A 75 2.92 10.88 -1.35
C PHE A 75 3.45 12.09 -0.57
N ALA A 76 4.11 13.00 -1.28
CA ALA A 76 4.65 14.20 -0.66
C ALA A 76 3.57 14.97 0.10
N CYS A 77 2.62 15.52 -0.64
CA CYS A 77 1.53 16.28 -0.04
C CYS A 77 0.18 15.85 -0.62
N GLU A 78 -0.89 16.41 -0.08
CA GLU A 78 -2.24 16.09 -0.55
C GLU A 78 -2.42 16.47 -2.01
N GLU A 79 -1.61 17.42 -2.46
CA GLU A 79 -1.68 17.89 -3.85
C GLU A 79 -1.42 16.73 -4.82
N TYR A 80 -0.63 15.77 -4.38
CA TYR A 80 -0.30 14.61 -5.21
C TYR A 80 -1.28 13.47 -4.95
N ALA A 81 -1.65 13.27 -3.70
CA ALA A 81 -2.57 12.22 -3.31
C ALA A 81 -3.96 12.46 -3.93
N GLN A 82 -4.48 13.66 -3.72
CA GLN A 82 -5.79 14.02 -4.25
C GLN A 82 -5.85 13.81 -5.76
N ASN A 83 -4.90 14.41 -6.47
CA ASN A 83 -4.84 14.30 -7.92
C ASN A 83 -4.81 12.83 -8.35
N ALA A 84 -4.31 11.97 -7.47
CA ALA A 84 -4.23 10.55 -7.74
C ALA A 84 -5.60 9.89 -7.65
N LEU A 85 -6.46 10.46 -6.83
CA LEU A 85 -7.81 9.92 -6.64
C LEU A 85 -8.59 9.93 -7.96
N ARG A 86 -8.24 10.87 -8.83
CA ARG A 86 -8.91 10.98 -10.13
C ARG A 86 -8.72 9.70 -10.93
N LYS A 87 -7.62 9.00 -10.70
CA LYS A 87 -7.33 7.76 -11.40
C LYS A 87 -8.21 6.62 -10.88
N HIS A 88 -9.05 6.93 -9.89
CA HIS A 88 -9.93 5.93 -9.30
C HIS A 88 -10.38 4.91 -10.36
N LYS A 89 -10.25 3.63 -10.04
CA LYS A 89 -10.64 2.57 -10.95
C LYS A 89 -9.82 2.63 -12.24
N ASP A 90 -8.54 2.97 -12.11
CA ASP A 90 -7.65 3.06 -13.26
C ASP A 90 -7.48 1.70 -13.92
N LEU A 91 -6.70 1.66 -14.99
CA LEU A 91 -6.46 0.42 -15.73
C LEU A 91 -4.96 0.22 -15.98
N LEU A 92 -4.37 -0.71 -15.24
CA LEU A 92 -2.95 -1.01 -15.38
C LEU A 92 -2.73 -2.44 -15.88
N GLY A 93 -2.19 -2.56 -17.09
CA GLY A 93 -1.95 -3.88 -17.66
C GLY A 93 -3.22 -4.68 -17.82
N LYS A 94 -4.31 -4.01 -18.12
CA LYS A 94 -5.60 -4.67 -18.31
C LYS A 94 -6.16 -5.16 -16.97
N ARG A 95 -6.21 -4.26 -16.00
CA ARG A 95 -6.72 -4.61 -14.68
C ARG A 95 -7.25 -3.37 -13.95
N TYR A 96 -8.55 -3.36 -13.70
CA TYR A 96 -9.18 -2.23 -13.02
C TYR A 96 -8.71 -2.13 -11.57
N ILE A 97 -8.08 -1.01 -11.23
CA ILE A 97 -7.58 -0.79 -9.87
C ILE A 97 -8.30 0.37 -9.20
N GLU A 98 -8.84 0.12 -8.02
CA GLU A 98 -9.56 1.14 -7.26
C GLU A 98 -8.59 1.97 -6.43
N LEU A 99 -9.11 3.05 -5.84
CA LEU A 99 -8.30 3.93 -5.01
C LEU A 99 -9.15 4.62 -3.95
N PHE A 100 -8.61 4.73 -2.74
CA PHE A 100 -9.32 5.36 -1.64
C PHE A 100 -8.34 5.95 -0.63
N ARG A 101 -8.50 7.24 -0.32
CA ARG A 101 -7.63 7.91 0.64
C ARG A 101 -7.31 7.00 1.82
N SER A 102 -6.18 7.25 2.46
CA SER A 102 -5.75 6.46 3.60
C SER A 102 -4.79 7.25 4.50
N THR A 103 -4.65 6.80 5.74
CA THR A 103 -3.77 7.46 6.69
C THR A 103 -2.94 6.45 7.48
N ALA A 104 -1.92 6.95 8.18
CA ALA A 104 -1.05 6.08 8.96
C ALA A 104 -1.85 5.03 9.71
N ALA A 105 -2.78 5.48 10.55
CA ALA A 105 -3.62 4.58 11.33
C ALA A 105 -4.33 3.57 10.43
N GLU A 106 -5.07 4.08 9.46
CA GLU A 106 -5.80 3.22 8.53
C GLU A 106 -4.96 2.02 8.13
N VAL A 107 -3.70 2.27 7.78
CA VAL A 107 -2.78 1.21 7.38
C VAL A 107 -2.57 0.21 8.50
N GLN A 108 -2.05 0.68 9.63
CA GLN A 108 -1.81 -0.18 10.79
C GLN A 108 -2.92 -1.20 10.95
N GLN A 109 -4.14 -0.72 11.15
CA GLN A 109 -5.30 -1.59 11.33
C GLN A 109 -5.41 -2.57 10.17
N VAL A 110 -5.23 -2.07 8.95
CA VAL A 110 -5.32 -2.90 7.76
C VAL A 110 -4.29 -4.02 7.80
N LEU A 111 -3.08 -3.69 8.25
CA LEU A 111 -2.00 -4.67 8.34
C LEU A 111 -2.40 -5.84 9.24
N ASN A 112 -2.86 -5.51 10.44
CA ASN A 112 -3.28 -6.53 11.40
C ASN A 112 -4.43 -7.36 10.84
N ARG A 113 -5.37 -6.69 10.18
CA ARG A 113 -6.52 -7.37 9.60
C ARG A 113 -6.12 -8.70 8.98
N PHE A 114 -5.21 -8.64 8.02
CA PHE A 114 -4.73 -9.83 7.33
C PHE A 114 -3.80 -10.64 8.23
N SER A 115 -2.77 -9.99 8.74
CA SER A 115 -1.80 -10.65 9.62
C SER A 115 -2.49 -11.68 10.51
N SER A 116 -3.62 -11.28 11.08
CA SER A 116 -4.38 -12.17 11.97
C SER A 116 -5.80 -12.38 11.45
N ALA A 117 -5.93 -13.28 10.47
CA ALA A 117 -7.22 -13.58 9.88
C ALA A 117 -7.77 -14.90 10.40
N SER A 118 -6.96 -15.96 10.25
CA SER A 118 -7.37 -17.29 10.71
C SER A 118 -7.21 -17.42 12.22
N GLY A 119 -8.25 -17.04 12.96
CA GLY A 119 -8.21 -17.11 14.40
C GLY A 119 -8.88 -18.37 14.93
N PRO A 120 -10.21 -18.38 14.90
CA PRO A 120 -11.01 -17.27 14.38
C PRO A 120 -10.96 -16.05 15.28
N SER A 121 -11.63 -14.98 14.86
CA SER A 121 -11.66 -13.75 15.64
C SER A 121 -13.02 -13.54 16.30
N SER A 122 -14.05 -13.48 15.47
CA SER A 122 -15.42 -13.29 15.97
C SER A 122 -16.02 -14.61 16.44
N GLY A 123 -16.48 -14.63 17.68
CA GLY A 123 -17.07 -15.84 18.23
C GLY A 123 -18.19 -15.54 19.21
#